data_2FYG
# 
_entry.id   2FYG 
# 
_audit_conform.dict_name       mmcif_pdbx.dic 
_audit_conform.dict_version    5.387 
_audit_conform.dict_location   http://mmcif.pdb.org/dictionaries/ascii/mmcif_pdbx.dic 
# 
loop_
_database_2.database_id 
_database_2.database_code 
_database_2.pdbx_database_accession 
_database_2.pdbx_DOI 
PDB   2FYG         pdb_00002fyg 10.2210/pdb2fyg/pdb 
RCSB  RCSB036460   ?            ?                   
WWPDB D_1000036460 ?            ?                   
# 
loop_
_pdbx_audit_revision_history.ordinal 
_pdbx_audit_revision_history.data_content_type 
_pdbx_audit_revision_history.major_revision 
_pdbx_audit_revision_history.minor_revision 
_pdbx_audit_revision_history.revision_date 
1 'Structure model' 1 0 2006-08-08 
2 'Structure model' 1 1 2008-05-01 
3 'Structure model' 1 2 2011-07-13 
4 'Structure model' 1 3 2024-02-14 
# 
_pdbx_audit_revision_details.ordinal             1 
_pdbx_audit_revision_details.revision_ordinal    1 
_pdbx_audit_revision_details.data_content_type   'Structure model' 
_pdbx_audit_revision_details.provider            repository 
_pdbx_audit_revision_details.type                'Initial release' 
_pdbx_audit_revision_details.description         ? 
_pdbx_audit_revision_details.details             ? 
# 
loop_
_pdbx_audit_revision_group.ordinal 
_pdbx_audit_revision_group.revision_ordinal 
_pdbx_audit_revision_group.data_content_type 
_pdbx_audit_revision_group.group 
1 2 'Structure model' 'Version format compliance' 
2 3 'Structure model' 'Non-polymer description'   
3 3 'Structure model' 'Version format compliance' 
4 4 'Structure model' 'Data collection'           
5 4 'Structure model' 'Database references'       
6 4 'Structure model' 'Derived calculations'      
# 
loop_
_pdbx_audit_revision_category.ordinal 
_pdbx_audit_revision_category.revision_ordinal 
_pdbx_audit_revision_category.data_content_type 
_pdbx_audit_revision_category.category 
1 4 'Structure model' chem_comp_atom         
2 4 'Structure model' chem_comp_bond         
3 4 'Structure model' database_2             
4 4 'Structure model' pdbx_struct_conn_angle 
5 4 'Structure model' struct_conn            
6 4 'Structure model' struct_ref_seq_dif     
7 4 'Structure model' struct_site            
# 
loop_
_pdbx_audit_revision_item.ordinal 
_pdbx_audit_revision_item.revision_ordinal 
_pdbx_audit_revision_item.data_content_type 
_pdbx_audit_revision_item.item 
1  4 'Structure model' '_database_2.pdbx_DOI'                        
2  4 'Structure model' '_database_2.pdbx_database_accession'         
3  4 'Structure model' '_pdbx_struct_conn_angle.ptnr1_auth_comp_id'  
4  4 'Structure model' '_pdbx_struct_conn_angle.ptnr1_auth_seq_id'   
5  4 'Structure model' '_pdbx_struct_conn_angle.ptnr1_label_atom_id' 
6  4 'Structure model' '_pdbx_struct_conn_angle.ptnr1_label_comp_id' 
7  4 'Structure model' '_pdbx_struct_conn_angle.ptnr1_label_seq_id'  
8  4 'Structure model' '_pdbx_struct_conn_angle.ptnr3_auth_comp_id'  
9  4 'Structure model' '_pdbx_struct_conn_angle.ptnr3_auth_seq_id'   
10 4 'Structure model' '_pdbx_struct_conn_angle.ptnr3_label_atom_id' 
11 4 'Structure model' '_pdbx_struct_conn_angle.ptnr3_label_comp_id' 
12 4 'Structure model' '_pdbx_struct_conn_angle.ptnr3_label_seq_id'  
13 4 'Structure model' '_pdbx_struct_conn_angle.value'               
14 4 'Structure model' '_struct_conn.pdbx_dist_value'                
15 4 'Structure model' '_struct_conn.ptnr1_auth_comp_id'             
16 4 'Structure model' '_struct_conn.ptnr1_auth_seq_id'              
17 4 'Structure model' '_struct_conn.ptnr1_label_asym_id'            
18 4 'Structure model' '_struct_conn.ptnr1_label_atom_id'            
19 4 'Structure model' '_struct_conn.ptnr1_label_comp_id'            
20 4 'Structure model' '_struct_conn.ptnr1_label_seq_id'             
21 4 'Structure model' '_struct_conn.ptnr2_auth_comp_id'             
22 4 'Structure model' '_struct_conn.ptnr2_auth_seq_id'              
23 4 'Structure model' '_struct_conn.ptnr2_label_asym_id'            
24 4 'Structure model' '_struct_conn.ptnr2_label_atom_id'            
25 4 'Structure model' '_struct_conn.ptnr2_label_comp_id'            
26 4 'Structure model' '_struct_conn.ptnr2_label_seq_id'             
27 4 'Structure model' '_struct_ref_seq_dif.details'                 
28 4 'Structure model' '_struct_site.pdbx_auth_asym_id'              
29 4 'Structure model' '_struct_site.pdbx_auth_comp_id'              
30 4 'Structure model' '_struct_site.pdbx_auth_seq_id'               
# 
_pdbx_database_status.status_code                     REL 
_pdbx_database_status.entry_id                        2FYG 
_pdbx_database_status.recvd_initial_deposition_date   2006-02-07 
_pdbx_database_status.deposit_site                    RCSB 
_pdbx_database_status.process_site                    RCSB 
_pdbx_database_status.status_code_sf                  REL 
_pdbx_database_status.status_code_mr                  ? 
_pdbx_database_status.SG_entry                        ? 
_pdbx_database_status.pdb_format_compatible           Y 
_pdbx_database_status.status_code_cs                  ? 
_pdbx_database_status.status_code_nmr_data            ? 
_pdbx_database_status.methods_development_category    ? 
# 
loop_
_audit_author.name 
_audit_author.pdbx_ordinal 
'Joseph, J.S.'     1  
'Saikatendu, K.S.' 2  
'Subramanian, V.'  3  
'Neuman, B.W.'     4  
'Brooun, A.'       5  
'Griffith, M.'     6  
'Moy, K.'          7  
'Yadav, M.K.'      8  
'Velasquez, J.'    9  
'Buchmeier, M.J.'  10 
'Stevens, R.C.'    11 
'Kuhn, P.'         12 
# 
_citation.id                        primary 
_citation.title                     
;Crystal structure of nonstructural protein 10 from the severe acute respiratory syndrome coronavirus reveals a novel fold with two zinc-binding motifs.
;
_citation.journal_abbrev            J.Virol. 
_citation.journal_volume            80 
_citation.page_first                7894 
_citation.page_last                 7901 
_citation.year                      2006 
_citation.journal_id_ASTM           JOVIAM 
_citation.country                   US 
_citation.journal_id_ISSN           0022-538X 
_citation.journal_id_CSD            0825 
_citation.book_publisher            ? 
_citation.pdbx_database_id_PubMed   16873246 
_citation.pdbx_database_id_DOI      10.1128/JVI.00467-06 
# 
loop_
_citation_author.citation_id 
_citation_author.name 
_citation_author.ordinal 
_citation_author.identifier_ORCID 
primary 'Joseph, J.S.'     1  ? 
primary 'Saikatendu, K.S.' 2  ? 
primary 'Subramanian, V.'  3  ? 
primary 'Neuman, B.W.'     4  ? 
primary 'Brooun, A.'       5  ? 
primary 'Griffith, M.'     6  ? 
primary 'Moy, K.'          7  ? 
primary 'Yadav, M.K.'      8  ? 
primary 'Velasquez, J.'    9  ? 
primary 'Buchmeier, M.J.'  10 ? 
primary 'Stevens, R.C.'    11 ? 
primary 'Kuhn, P.'         12 ? 
# 
loop_
_entity.id 
_entity.type 
_entity.src_method 
_entity.pdbx_description 
_entity.formula_weight 
_entity.pdbx_number_of_molecules 
_entity.pdbx_ec 
_entity.pdbx_mutation 
_entity.pdbx_fragment 
_entity.details 
1 polymer     man 'Replicase polyprotein 1ab' 13867.798 1   ? ? 'residues 4240-4362' ? 
2 non-polymer syn 'ZINC ION'                  65.409    2   ? ? ?                    ? 
3 non-polymer syn GLYCEROL                    92.094    1   ? ? ?                    ? 
4 water       nat water                       18.015    186 ? ? ?                    ? 
# 
_entity_poly.entity_id                      1 
_entity_poly.type                           'polypeptide(L)' 
_entity_poly.nstd_linkage                   no 
_entity_poly.nstd_monomer                   no 
_entity_poly.pdbx_seq_one_letter_code       
;HHHHHNSTVLSFCAFAVDPAKAYKDYLASGGQPITNCVKMLCTHTGTGQAITVTPEANMDQESFGGASCCLYCRCHIDHP
NPKGFCDLKGKYVQIPTTCANDPVGFTLRNTVCTVCGMWKGYGCSCDQ
;
_entity_poly.pdbx_seq_one_letter_code_can   
;HHHHHNSTVLSFCAFAVDPAKAYKDYLASGGQPITNCVKMLCTHTGTGQAITVTPEANMDQESFGGASCCLYCRCHIDHP
NPKGFCDLKGKYVQIPTTCANDPVGFTLRNTVCTVCGMWKGYGCSCDQ
;
_entity_poly.pdbx_strand_id                 A 
_entity_poly.pdbx_target_identifier         ? 
# 
loop_
_pdbx_entity_nonpoly.entity_id 
_pdbx_entity_nonpoly.name 
_pdbx_entity_nonpoly.comp_id 
2 'ZINC ION' ZN  
3 GLYCEROL   GOL 
4 water      HOH 
# 
loop_
_entity_poly_seq.entity_id 
_entity_poly_seq.num 
_entity_poly_seq.mon_id 
_entity_poly_seq.hetero 
1 1   HIS n 
1 2   HIS n 
1 3   HIS n 
1 4   HIS n 
1 5   HIS n 
1 6   ASN n 
1 7   SER n 
1 8   THR n 
1 9   VAL n 
1 10  LEU n 
1 11  SER n 
1 12  PHE n 
1 13  CYS n 
1 14  ALA n 
1 15  PHE n 
1 16  ALA n 
1 17  VAL n 
1 18  ASP n 
1 19  PRO n 
1 20  ALA n 
1 21  LYS n 
1 22  ALA n 
1 23  TYR n 
1 24  LYS n 
1 25  ASP n 
1 26  TYR n 
1 27  LEU n 
1 28  ALA n 
1 29  SER n 
1 30  GLY n 
1 31  GLY n 
1 32  GLN n 
1 33  PRO n 
1 34  ILE n 
1 35  THR n 
1 36  ASN n 
1 37  CYS n 
1 38  VAL n 
1 39  LYS n 
1 40  MET n 
1 41  LEU n 
1 42  CYS n 
1 43  THR n 
1 44  HIS n 
1 45  THR n 
1 46  GLY n 
1 47  THR n 
1 48  GLY n 
1 49  GLN n 
1 50  ALA n 
1 51  ILE n 
1 52  THR n 
1 53  VAL n 
1 54  THR n 
1 55  PRO n 
1 56  GLU n 
1 57  ALA n 
1 58  ASN n 
1 59  MET n 
1 60  ASP n 
1 61  GLN n 
1 62  GLU n 
1 63  SER n 
1 64  PHE n 
1 65  GLY n 
1 66  GLY n 
1 67  ALA n 
1 68  SER n 
1 69  CYS n 
1 70  CYS n 
1 71  LEU n 
1 72  TYR n 
1 73  CYS n 
1 74  ARG n 
1 75  CYS n 
1 76  HIS n 
1 77  ILE n 
1 78  ASP n 
1 79  HIS n 
1 80  PRO n 
1 81  ASN n 
1 82  PRO n 
1 83  LYS n 
1 84  GLY n 
1 85  PHE n 
1 86  CYS n 
1 87  ASP n 
1 88  LEU n 
1 89  LYS n 
1 90  GLY n 
1 91  LYS n 
1 92  TYR n 
1 93  VAL n 
1 94  GLN n 
1 95  ILE n 
1 96  PRO n 
1 97  THR n 
1 98  THR n 
1 99  CYS n 
1 100 ALA n 
1 101 ASN n 
1 102 ASP n 
1 103 PRO n 
1 104 VAL n 
1 105 GLY n 
1 106 PHE n 
1 107 THR n 
1 108 LEU n 
1 109 ARG n 
1 110 ASN n 
1 111 THR n 
1 112 VAL n 
1 113 CYS n 
1 114 THR n 
1 115 VAL n 
1 116 CYS n 
1 117 GLY n 
1 118 MET n 
1 119 TRP n 
1 120 LYS n 
1 121 GLY n 
1 122 TYR n 
1 123 GLY n 
1 124 CYS n 
1 125 SER n 
1 126 CYS n 
1 127 ASP n 
1 128 GLN n 
# 
_entity_src_gen.entity_id                          1 
_entity_src_gen.pdbx_src_id                        1 
_entity_src_gen.pdbx_alt_source_flag               sample 
_entity_src_gen.pdbx_seq_type                      ? 
_entity_src_gen.pdbx_beg_seq_num                   ? 
_entity_src_gen.pdbx_end_seq_num                   ? 
_entity_src_gen.gene_src_common_name               ? 
_entity_src_gen.gene_src_genus                     Coronavirus 
_entity_src_gen.pdbx_gene_src_gene                 orf1ab 
_entity_src_gen.gene_src_species                   ? 
_entity_src_gen.gene_src_strain                    TOR-2 
_entity_src_gen.gene_src_tissue                    ? 
_entity_src_gen.gene_src_tissue_fraction           ? 
_entity_src_gen.gene_src_details                   ? 
_entity_src_gen.pdbx_gene_src_fragment             ? 
_entity_src_gen.pdbx_gene_src_scientific_name      'SARS coronavirus' 
_entity_src_gen.pdbx_gene_src_ncbi_taxonomy_id     227859 
_entity_src_gen.pdbx_gene_src_variant              ? 
_entity_src_gen.pdbx_gene_src_cell_line            ? 
_entity_src_gen.pdbx_gene_src_atcc                 ? 
_entity_src_gen.pdbx_gene_src_organ                ? 
_entity_src_gen.pdbx_gene_src_organelle            ? 
_entity_src_gen.pdbx_gene_src_cell                 ? 
_entity_src_gen.pdbx_gene_src_cellular_location    ? 
_entity_src_gen.host_org_common_name               ? 
_entity_src_gen.pdbx_host_org_scientific_name      'Escherichia coli' 
_entity_src_gen.pdbx_host_org_ncbi_taxonomy_id     562 
_entity_src_gen.host_org_genus                     Escherichia 
_entity_src_gen.pdbx_host_org_gene                 ? 
_entity_src_gen.pdbx_host_org_organ                ? 
_entity_src_gen.host_org_species                   ? 
_entity_src_gen.pdbx_host_org_tissue               ? 
_entity_src_gen.pdbx_host_org_tissue_fraction      ? 
_entity_src_gen.pdbx_host_org_strain               DL-41 
_entity_src_gen.pdbx_host_org_variant              ? 
_entity_src_gen.pdbx_host_org_cell_line            ? 
_entity_src_gen.pdbx_host_org_atcc                 ? 
_entity_src_gen.pdbx_host_org_culture_collection   ? 
_entity_src_gen.pdbx_host_org_cell                 ? 
_entity_src_gen.pdbx_host_org_organelle            ? 
_entity_src_gen.pdbx_host_org_cellular_location    ? 
_entity_src_gen.pdbx_host_org_vector_type          PLASMID 
_entity_src_gen.pdbx_host_org_vector               ? 
_entity_src_gen.host_org_details                   ? 
_entity_src_gen.expression_system_id               ? 
_entity_src_gen.plasmid_name                       PMH1-F 
_entity_src_gen.plasmid_details                    ? 
_entity_src_gen.pdbx_description                   ? 
# 
loop_
_chem_comp.id 
_chem_comp.type 
_chem_comp.mon_nstd_flag 
_chem_comp.name 
_chem_comp.pdbx_synonyms 
_chem_comp.formula 
_chem_comp.formula_weight 
ALA 'L-peptide linking' y ALANINE         ?                               'C3 H7 N O2'     89.093  
ARG 'L-peptide linking' y ARGININE        ?                               'C6 H15 N4 O2 1' 175.209 
ASN 'L-peptide linking' y ASPARAGINE      ?                               'C4 H8 N2 O3'    132.118 
ASP 'L-peptide linking' y 'ASPARTIC ACID' ?                               'C4 H7 N O4'     133.103 
CYS 'L-peptide linking' y CYSTEINE        ?                               'C3 H7 N O2 S'   121.158 
GLN 'L-peptide linking' y GLUTAMINE       ?                               'C5 H10 N2 O3'   146.144 
GLU 'L-peptide linking' y 'GLUTAMIC ACID' ?                               'C5 H9 N O4'     147.129 
GLY 'peptide linking'   y GLYCINE         ?                               'C2 H5 N O2'     75.067  
GOL non-polymer         . GLYCEROL        'GLYCERIN; PROPANE-1,2,3-TRIOL' 'C3 H8 O3'       92.094  
HIS 'L-peptide linking' y HISTIDINE       ?                               'C6 H10 N3 O2 1' 156.162 
HOH non-polymer         . WATER           ?                               'H2 O'           18.015  
ILE 'L-peptide linking' y ISOLEUCINE      ?                               'C6 H13 N O2'    131.173 
LEU 'L-peptide linking' y LEUCINE         ?                               'C6 H13 N O2'    131.173 
LYS 'L-peptide linking' y LYSINE          ?                               'C6 H15 N2 O2 1' 147.195 
MET 'L-peptide linking' y METHIONINE      ?                               'C5 H11 N O2 S'  149.211 
PHE 'L-peptide linking' y PHENYLALANINE   ?                               'C9 H11 N O2'    165.189 
PRO 'L-peptide linking' y PROLINE         ?                               'C5 H9 N O2'     115.130 
SER 'L-peptide linking' y SERINE          ?                               'C3 H7 N O3'     105.093 
THR 'L-peptide linking' y THREONINE       ?                               'C4 H9 N O3'     119.119 
TRP 'L-peptide linking' y TRYPTOPHAN      ?                               'C11 H12 N2 O2'  204.225 
TYR 'L-peptide linking' y TYROSINE        ?                               'C9 H11 N O3'    181.189 
VAL 'L-peptide linking' y VALINE          ?                               'C5 H11 N O2'    117.146 
ZN  non-polymer         . 'ZINC ION'      ?                               'Zn 2'           65.409  
# 
loop_
_pdbx_poly_seq_scheme.asym_id 
_pdbx_poly_seq_scheme.entity_id 
_pdbx_poly_seq_scheme.seq_id 
_pdbx_poly_seq_scheme.mon_id 
_pdbx_poly_seq_scheme.ndb_seq_num 
_pdbx_poly_seq_scheme.pdb_seq_num 
_pdbx_poly_seq_scheme.auth_seq_num 
_pdbx_poly_seq_scheme.pdb_mon_id 
_pdbx_poly_seq_scheme.auth_mon_id 
_pdbx_poly_seq_scheme.pdb_strand_id 
_pdbx_poly_seq_scheme.pdb_ins_code 
_pdbx_poly_seq_scheme.hetero 
A 1 1   HIS 1   5   5   HIS HIS A . n 
A 1 2   HIS 2   6   6   HIS HIS A . n 
A 1 3   HIS 3   7   7   HIS HIS A . n 
A 1 4   HIS 4   8   8   HIS HIS A . n 
A 1 5   HIS 5   9   9   HIS HIS A . n 
A 1 6   ASN 6   10  10  ASN ASN A . n 
A 1 7   SER 7   11  11  SER SER A . n 
A 1 8   THR 8   12  12  THR THR A . n 
A 1 9   VAL 9   13  13  VAL VAL A . n 
A 1 10  LEU 10  14  14  LEU LEU A . n 
A 1 11  SER 11  15  15  SER SER A . n 
A 1 12  PHE 12  16  16  PHE PHE A . n 
A 1 13  CYS 13  17  17  CYS CYS A . n 
A 1 14  ALA 14  18  18  ALA ALA A . n 
A 1 15  PHE 15  19  19  PHE PHE A . n 
A 1 16  ALA 16  20  20  ALA ALA A . n 
A 1 17  VAL 17  21  21  VAL VAL A . n 
A 1 18  ASP 18  22  22  ASP ASP A . n 
A 1 19  PRO 19  23  23  PRO PRO A . n 
A 1 20  ALA 20  24  24  ALA ALA A . n 
A 1 21  LYS 21  25  25  LYS LYS A . n 
A 1 22  ALA 22  26  26  ALA ALA A . n 
A 1 23  TYR 23  27  27  TYR TYR A . n 
A 1 24  LYS 24  28  28  LYS LYS A . n 
A 1 25  ASP 25  29  29  ASP ASP A . n 
A 1 26  TYR 26  30  30  TYR TYR A . n 
A 1 27  LEU 27  31  31  LEU LEU A . n 
A 1 28  ALA 28  32  32  ALA ALA A . n 
A 1 29  SER 29  33  33  SER SER A . n 
A 1 30  GLY 30  34  34  GLY GLY A . n 
A 1 31  GLY 31  35  35  GLY GLY A . n 
A 1 32  GLN 32  36  36  GLN GLN A . n 
A 1 33  PRO 33  37  37  PRO PRO A . n 
A 1 34  ILE 34  38  38  ILE ILE A . n 
A 1 35  THR 35  39  39  THR THR A . n 
A 1 36  ASN 36  40  40  ASN ASN A . n 
A 1 37  CYS 37  41  41  CYS CYS A . n 
A 1 38  VAL 38  42  42  VAL VAL A . n 
A 1 39  LYS 39  43  43  LYS LYS A . n 
A 1 40  MET 40  44  44  MET MET A . n 
A 1 41  LEU 41  45  45  LEU LEU A . n 
A 1 42  CYS 42  46  46  CYS CYS A . n 
A 1 43  THR 43  47  47  THR THR A . n 
A 1 44  HIS 44  48  48  HIS HIS A . n 
A 1 45  THR 45  49  49  THR THR A . n 
A 1 46  GLY 46  50  50  GLY GLY A . n 
A 1 47  THR 47  51  51  THR THR A . n 
A 1 48  GLY 48  52  52  GLY GLY A . n 
A 1 49  GLN 49  53  53  GLN GLN A . n 
A 1 50  ALA 50  54  54  ALA ALA A . n 
A 1 51  ILE 51  55  55  ILE ILE A . n 
A 1 52  THR 52  56  56  THR THR A . n 
A 1 53  VAL 53  57  57  VAL VAL A . n 
A 1 54  THR 54  58  58  THR THR A . n 
A 1 55  PRO 55  59  59  PRO PRO A . n 
A 1 56  GLU 56  60  60  GLU GLU A . n 
A 1 57  ALA 57  61  61  ALA ALA A . n 
A 1 58  ASN 58  62  62  ASN ASN A . n 
A 1 59  MET 59  63  63  MET MET A . n 
A 1 60  ASP 60  64  64  ASP ASP A . n 
A 1 61  GLN 61  65  65  GLN GLN A . n 
A 1 62  GLU 62  66  66  GLU GLU A . n 
A 1 63  SER 63  67  67  SER SER A . n 
A 1 64  PHE 64  68  68  PHE PHE A . n 
A 1 65  GLY 65  69  69  GLY GLY A . n 
A 1 66  GLY 66  70  70  GLY GLY A . n 
A 1 67  ALA 67  71  71  ALA ALA A . n 
A 1 68  SER 68  72  72  SER SER A . n 
A 1 69  CYS 69  73  73  CYS CYS A . n 
A 1 70  CYS 70  74  74  CYS CYS A . n 
A 1 71  LEU 71  75  75  LEU LEU A . n 
A 1 72  TYR 72  76  76  TYR TYR A . n 
A 1 73  CYS 73  77  77  CYS CYS A . n 
A 1 74  ARG 74  78  78  ARG ARG A . n 
A 1 75  CYS 75  79  79  CYS CYS A . n 
A 1 76  HIS 76  80  80  HIS HIS A . n 
A 1 77  ILE 77  81  81  ILE ILE A . n 
A 1 78  ASP 78  82  82  ASP ASP A . n 
A 1 79  HIS 79  83  83  HIS HIS A . n 
A 1 80  PRO 80  84  84  PRO PRO A . n 
A 1 81  ASN 81  85  85  ASN ASN A . n 
A 1 82  PRO 82  86  86  PRO PRO A . n 
A 1 83  LYS 83  87  87  LYS LYS A . n 
A 1 84  GLY 84  88  88  GLY GLY A . n 
A 1 85  PHE 85  89  89  PHE PHE A . n 
A 1 86  CYS 86  90  90  CYS CYS A . n 
A 1 87  ASP 87  91  91  ASP ASP A . n 
A 1 88  LEU 88  92  92  LEU LEU A . n 
A 1 89  LYS 89  93  93  LYS LYS A . n 
A 1 90  GLY 90  94  94  GLY GLY A . n 
A 1 91  LYS 91  95  95  LYS LYS A . n 
A 1 92  TYR 92  96  96  TYR TYR A . n 
A 1 93  VAL 93  97  97  VAL VAL A . n 
A 1 94  GLN 94  98  98  GLN GLN A . n 
A 1 95  ILE 95  99  99  ILE ILE A . n 
A 1 96  PRO 96  100 100 PRO PRO A . n 
A 1 97  THR 97  101 101 THR THR A . n 
A 1 98  THR 98  102 102 THR THR A . n 
A 1 99  CYS 99  103 103 CYS CYS A . n 
A 1 100 ALA 100 104 104 ALA ALA A . n 
A 1 101 ASN 101 105 105 ASN ASN A . n 
A 1 102 ASP 102 106 106 ASP ASP A . n 
A 1 103 PRO 103 107 107 PRO PRO A . n 
A 1 104 VAL 104 108 108 VAL VAL A . n 
A 1 105 GLY 105 109 109 GLY GLY A . n 
A 1 106 PHE 106 110 110 PHE PHE A . n 
A 1 107 THR 107 111 111 THR THR A . n 
A 1 108 LEU 108 112 112 LEU LEU A . n 
A 1 109 ARG 109 113 113 ARG ARG A . n 
A 1 110 ASN 110 114 114 ASN ASN A . n 
A 1 111 THR 111 115 115 THR THR A . n 
A 1 112 VAL 112 116 116 VAL VAL A . n 
A 1 113 CYS 113 117 117 CYS CYS A . n 
A 1 114 THR 114 118 118 THR THR A . n 
A 1 115 VAL 115 119 119 VAL VAL A . n 
A 1 116 CYS 116 120 120 CYS CYS A . n 
A 1 117 GLY 117 121 121 GLY GLY A . n 
A 1 118 MET 118 122 122 MET MET A . n 
A 1 119 TRP 119 123 123 TRP TRP A . n 
A 1 120 LYS 120 124 124 LYS LYS A . n 
A 1 121 GLY 121 125 125 GLY GLY A . n 
A 1 122 TYR 122 126 126 TYR TYR A . n 
A 1 123 GLY 123 127 127 GLY GLY A . n 
A 1 124 CYS 124 128 128 CYS CYS A . n 
A 1 125 SER 125 129 129 SER SER A . n 
A 1 126 CYS 126 130 130 CYS CYS A . n 
A 1 127 ASP 127 131 131 ASP ASP A . n 
A 1 128 GLN 128 132 132 GLN GLN A . n 
# 
loop_
_pdbx_nonpoly_scheme.asym_id 
_pdbx_nonpoly_scheme.entity_id 
_pdbx_nonpoly_scheme.mon_id 
_pdbx_nonpoly_scheme.ndb_seq_num 
_pdbx_nonpoly_scheme.pdb_seq_num 
_pdbx_nonpoly_scheme.auth_seq_num 
_pdbx_nonpoly_scheme.pdb_mon_id 
_pdbx_nonpoly_scheme.auth_mon_id 
_pdbx_nonpoly_scheme.pdb_strand_id 
_pdbx_nonpoly_scheme.pdb_ins_code 
B 2 ZN  1   302 302 ZN  ZN  A . 
C 2 ZN  1   303 303 ZN  ZN  A . 
D 3 GOL 1   301 301 GOL GOL A . 
E 4 HOH 1   304 1   HOH HOH A . 
E 4 HOH 2   305 2   HOH HOH A . 
E 4 HOH 3   306 3   HOH HOH A . 
E 4 HOH 4   307 4   HOH HOH A . 
E 4 HOH 5   308 5   HOH HOH A . 
E 4 HOH 6   309 6   HOH HOH A . 
E 4 HOH 7   310 7   HOH HOH A . 
E 4 HOH 8   311 8   HOH HOH A . 
E 4 HOH 9   312 9   HOH HOH A . 
E 4 HOH 10  313 10  HOH HOH A . 
E 4 HOH 11  314 11  HOH HOH A . 
E 4 HOH 12  315 12  HOH HOH A . 
E 4 HOH 13  316 13  HOH HOH A . 
E 4 HOH 14  317 14  HOH HOH A . 
E 4 HOH 15  318 15  HOH HOH A . 
E 4 HOH 16  319 16  HOH HOH A . 
E 4 HOH 17  320 17  HOH HOH A . 
E 4 HOH 18  321 18  HOH HOH A . 
E 4 HOH 19  322 19  HOH HOH A . 
E 4 HOH 20  323 20  HOH HOH A . 
E 4 HOH 21  324 21  HOH HOH A . 
E 4 HOH 22  325 22  HOH HOH A . 
E 4 HOH 23  326 23  HOH HOH A . 
E 4 HOH 24  327 24  HOH HOH A . 
E 4 HOH 25  328 25  HOH HOH A . 
E 4 HOH 26  329 26  HOH HOH A . 
E 4 HOH 27  330 27  HOH HOH A . 
E 4 HOH 28  331 28  HOH HOH A . 
E 4 HOH 29  332 29  HOH HOH A . 
E 4 HOH 30  333 30  HOH HOH A . 
E 4 HOH 31  334 31  HOH HOH A . 
E 4 HOH 32  335 32  HOH HOH A . 
E 4 HOH 33  336 33  HOH HOH A . 
E 4 HOH 34  337 34  HOH HOH A . 
E 4 HOH 35  338 35  HOH HOH A . 
E 4 HOH 36  339 36  HOH HOH A . 
E 4 HOH 37  340 37  HOH HOH A . 
E 4 HOH 38  341 38  HOH HOH A . 
E 4 HOH 39  342 39  HOH HOH A . 
E 4 HOH 40  343 40  HOH HOH A . 
E 4 HOH 41  344 41  HOH HOH A . 
E 4 HOH 42  345 42  HOH HOH A . 
E 4 HOH 43  346 43  HOH HOH A . 
E 4 HOH 44  347 44  HOH HOH A . 
E 4 HOH 45  348 45  HOH HOH A . 
E 4 HOH 46  349 46  HOH HOH A . 
E 4 HOH 47  350 47  HOH HOH A . 
E 4 HOH 48  351 48  HOH HOH A . 
E 4 HOH 49  352 49  HOH HOH A . 
E 4 HOH 50  353 50  HOH HOH A . 
E 4 HOH 51  354 51  HOH HOH A . 
E 4 HOH 52  355 52  HOH HOH A . 
E 4 HOH 53  356 53  HOH HOH A . 
E 4 HOH 54  357 54  HOH HOH A . 
E 4 HOH 55  358 55  HOH HOH A . 
E 4 HOH 56  359 56  HOH HOH A . 
E 4 HOH 57  360 58  HOH HOH A . 
E 4 HOH 58  361 59  HOH HOH A . 
E 4 HOH 59  362 60  HOH HOH A . 
E 4 HOH 60  363 61  HOH HOH A . 
E 4 HOH 61  364 62  HOH HOH A . 
E 4 HOH 62  365 63  HOH HOH A . 
E 4 HOH 63  366 64  HOH HOH A . 
E 4 HOH 64  367 65  HOH HOH A . 
E 4 HOH 65  368 66  HOH HOH A . 
E 4 HOH 66  369 67  HOH HOH A . 
E 4 HOH 67  370 68  HOH HOH A . 
E 4 HOH 68  371 69  HOH HOH A . 
E 4 HOH 69  372 70  HOH HOH A . 
E 4 HOH 70  373 71  HOH HOH A . 
E 4 HOH 71  374 72  HOH HOH A . 
E 4 HOH 72  375 73  HOH HOH A . 
E 4 HOH 73  376 74  HOH HOH A . 
E 4 HOH 74  377 75  HOH HOH A . 
E 4 HOH 75  378 76  HOH HOH A . 
E 4 HOH 76  379 77  HOH HOH A . 
E 4 HOH 77  380 78  HOH HOH A . 
E 4 HOH 78  381 79  HOH HOH A . 
E 4 HOH 79  382 80  HOH HOH A . 
E 4 HOH 80  383 81  HOH HOH A . 
E 4 HOH 81  384 82  HOH HOH A . 
E 4 HOH 82  385 83  HOH HOH A . 
E 4 HOH 83  386 84  HOH HOH A . 
E 4 HOH 84  387 85  HOH HOH A . 
E 4 HOH 85  388 86  HOH HOH A . 
E 4 HOH 86  389 87  HOH HOH A . 
E 4 HOH 87  390 88  HOH HOH A . 
E 4 HOH 88  391 89  HOH HOH A . 
E 4 HOH 89  392 90  HOH HOH A . 
E 4 HOH 90  393 91  HOH HOH A . 
E 4 HOH 91  394 92  HOH HOH A . 
E 4 HOH 92  395 93  HOH HOH A . 
E 4 HOH 93  396 94  HOH HOH A . 
E 4 HOH 94  397 95  HOH HOH A . 
E 4 HOH 95  398 96  HOH HOH A . 
E 4 HOH 96  399 97  HOH HOH A . 
E 4 HOH 97  400 98  HOH HOH A . 
E 4 HOH 98  401 99  HOH HOH A . 
E 4 HOH 99  402 100 HOH HOH A . 
E 4 HOH 100 403 101 HOH HOH A . 
E 4 HOH 101 404 102 HOH HOH A . 
E 4 HOH 102 405 103 HOH HOH A . 
E 4 HOH 103 406 104 HOH HOH A . 
E 4 HOH 104 407 105 HOH HOH A . 
E 4 HOH 105 408 106 HOH HOH A . 
E 4 HOH 106 409 107 HOH HOH A . 
E 4 HOH 107 410 108 HOH HOH A . 
E 4 HOH 108 411 109 HOH HOH A . 
E 4 HOH 109 412 110 HOH HOH A . 
E 4 HOH 110 413 111 HOH HOH A . 
E 4 HOH 111 414 112 HOH HOH A . 
E 4 HOH 112 415 113 HOH HOH A . 
E 4 HOH 113 416 114 HOH HOH A . 
E 4 HOH 114 417 115 HOH HOH A . 
E 4 HOH 115 418 116 HOH HOH A . 
E 4 HOH 116 419 117 HOH HOH A . 
E 4 HOH 117 420 118 HOH HOH A . 
E 4 HOH 118 421 119 HOH HOH A . 
E 4 HOH 119 422 120 HOH HOH A . 
E 4 HOH 120 423 121 HOH HOH A . 
E 4 HOH 121 424 122 HOH HOH A . 
E 4 HOH 122 425 123 HOH HOH A . 
E 4 HOH 123 426 124 HOH HOH A . 
E 4 HOH 124 427 125 HOH HOH A . 
E 4 HOH 125 428 126 HOH HOH A . 
E 4 HOH 126 429 127 HOH HOH A . 
E 4 HOH 127 430 128 HOH HOH A . 
E 4 HOH 128 431 129 HOH HOH A . 
E 4 HOH 129 432 130 HOH HOH A . 
E 4 HOH 130 433 131 HOH HOH A . 
E 4 HOH 131 434 132 HOH HOH A . 
E 4 HOH 132 435 133 HOH HOH A . 
E 4 HOH 133 436 134 HOH HOH A . 
E 4 HOH 134 437 135 HOH HOH A . 
E 4 HOH 135 438 136 HOH HOH A . 
E 4 HOH 136 439 137 HOH HOH A . 
E 4 HOH 137 440 138 HOH HOH A . 
E 4 HOH 138 441 139 HOH HOH A . 
E 4 HOH 139 442 140 HOH HOH A . 
E 4 HOH 140 443 141 HOH HOH A . 
E 4 HOH 141 444 142 HOH HOH A . 
E 4 HOH 142 445 143 HOH HOH A . 
E 4 HOH 143 446 144 HOH HOH A . 
E 4 HOH 144 447 145 HOH HOH A . 
E 4 HOH 145 448 146 HOH HOH A . 
E 4 HOH 146 449 147 HOH HOH A . 
E 4 HOH 147 450 148 HOH HOH A . 
E 4 HOH 148 451 149 HOH HOH A . 
E 4 HOH 149 452 150 HOH HOH A . 
E 4 HOH 150 453 151 HOH HOH A . 
E 4 HOH 151 454 152 HOH HOH A . 
E 4 HOH 152 455 153 HOH HOH A . 
E 4 HOH 153 456 154 HOH HOH A . 
E 4 HOH 154 457 155 HOH HOH A . 
E 4 HOH 155 458 156 HOH HOH A . 
E 4 HOH 156 459 157 HOH HOH A . 
E 4 HOH 157 460 158 HOH HOH A . 
E 4 HOH 158 461 159 HOH HOH A . 
E 4 HOH 159 462 160 HOH HOH A . 
E 4 HOH 160 463 161 HOH HOH A . 
E 4 HOH 161 464 162 HOH HOH A . 
E 4 HOH 162 465 163 HOH HOH A . 
E 4 HOH 163 466 164 HOH HOH A . 
E 4 HOH 164 467 165 HOH HOH A . 
E 4 HOH 165 468 166 HOH HOH A . 
E 4 HOH 166 469 167 HOH HOH A . 
E 4 HOH 167 470 168 HOH HOH A . 
E 4 HOH 168 471 169 HOH HOH A . 
E 4 HOH 169 472 170 HOH HOH A . 
E 4 HOH 170 473 171 HOH HOH A . 
E 4 HOH 171 474 172 HOH HOH A . 
E 4 HOH 172 475 173 HOH HOH A . 
E 4 HOH 173 476 174 HOH HOH A . 
E 4 HOH 174 477 175 HOH HOH A . 
E 4 HOH 175 478 176 HOH HOH A . 
E 4 HOH 176 479 177 HOH HOH A . 
E 4 HOH 177 480 178 HOH HOH A . 
E 4 HOH 178 481 179 HOH HOH A . 
E 4 HOH 179 482 180 HOH HOH A . 
E 4 HOH 180 483 181 HOH HOH A . 
E 4 HOH 181 484 182 HOH HOH A . 
E 4 HOH 182 485 183 HOH HOH A . 
E 4 HOH 183 486 184 HOH HOH A . 
E 4 HOH 184 487 185 HOH HOH A . 
E 4 HOH 185 488 186 HOH HOH A . 
E 4 HOH 186 489 187 HOH HOH A . 
# 
loop_
_software.name 
_software.classification 
_software.version 
_software.citation_id 
_software.pdbx_ordinal 
REFMAC    refinement        5.2.0005 ? 1 
Blu-Ice   'data collection' .        ? 2 
HKL-2000  'data reduction'  .        ? 3 
SCALEPACK 'data scaling'    .        ? 4 
SOLVE     phasing           .        ? 5 
# 
_cell.entry_id           2FYG 
_cell.length_a           108.874 
_cell.length_b           108.874 
_cell.length_c           108.874 
_cell.angle_alpha        90.00 
_cell.angle_beta         90.00 
_cell.angle_gamma        90.00 
_cell.Z_PDB              24 
_cell.pdbx_unique_axis   ? 
_cell.length_a_esd       ? 
_cell.length_b_esd       ? 
_cell.length_c_esd       ? 
_cell.angle_alpha_esd    ? 
_cell.angle_beta_esd     ? 
_cell.angle_gamma_esd    ? 
# 
_symmetry.entry_id                         2FYG 
_symmetry.space_group_name_H-M             'I 21 3' 
_symmetry.pdbx_full_space_group_name_H-M   ? 
_symmetry.cell_setting                     ? 
_symmetry.Int_Tables_number                199 
_symmetry.space_group_name_Hall            ? 
# 
_exptl.entry_id          2FYG 
_exptl.method            'X-RAY DIFFRACTION' 
_exptl.crystals_number   1 
# 
_exptl_crystal.id                    1 
_exptl_crystal.density_meas          ? 
_exptl_crystal.density_Matthews      3.88 
_exptl_crystal.density_percent_sol   68.26 
_exptl_crystal.description           ? 
_exptl_crystal.F_000                 ? 
_exptl_crystal.preparation           ? 
# 
_exptl_crystal_grow.crystal_id      1 
_exptl_crystal_grow.method          'VAPOR DIFFUSION, SITTING DROP' 
_exptl_crystal_grow.temp            277 
_exptl_crystal_grow.temp_details    ? 
_exptl_crystal_grow.pH              7.5 
_exptl_crystal_grow.pdbx_details    '2.0 M AMMONIUM FORMATE, 0.1M HEPES, pH 7.5, VAPOR DIFFUSION, SITTING DROP, temperature 277K' 
_exptl_crystal_grow.pdbx_pH_range   . 
# 
_diffrn.id                     1 
_diffrn.ambient_temp           200 
_diffrn.ambient_temp_details   ? 
_diffrn.crystal_id             1 
# 
_diffrn_detector.diffrn_id              1 
_diffrn_detector.detector               CCD 
_diffrn_detector.type                   'ADSC QUANTUM 210' 
_diffrn_detector.pdbx_collection_date   2005-09-29 
_diffrn_detector.details                ? 
# 
_diffrn_radiation.diffrn_id                        1 
_diffrn_radiation.wavelength_id                    1 
_diffrn_radiation.pdbx_monochromatic_or_laue_m_l   M 
_diffrn_radiation.monochromator                    'DOUBLE CRYSTAL SI(111)' 
_diffrn_radiation.pdbx_diffrn_protocol             'SINGLE WAVELENGTH' 
_diffrn_radiation.pdbx_scattering_type             x-ray 
# 
_diffrn_radiation_wavelength.id           1 
_diffrn_radiation_wavelength.wavelength   1.0 
_diffrn_radiation_wavelength.wt           1.0 
# 
_diffrn_source.diffrn_id                   1 
_diffrn_source.source                      SYNCHROTRON 
_diffrn_source.type                        'ALS BEAMLINE 8.2.1' 
_diffrn_source.pdbx_synchrotron_site       ALS 
_diffrn_source.pdbx_synchrotron_beamline   8.2.1 
_diffrn_source.pdbx_wavelength             ? 
_diffrn_source.pdbx_wavelength_list        1.0 
# 
_reflns.entry_id                     2FYG 
_reflns.observed_criterion_sigma_I   2 
_reflns.observed_criterion_sigma_F   2 
_reflns.d_resolution_low             44.46 
_reflns.d_resolution_high            1.8 
_reflns.number_obs                   19037 
_reflns.number_all                   ? 
_reflns.percent_possible_obs         99.97 
_reflns.pdbx_Rmerge_I_obs            0.048 
_reflns.pdbx_Rsym_value              ? 
_reflns.pdbx_netI_over_sigmaI        ? 
_reflns.B_iso_Wilson_estimate        27.053 
_reflns.pdbx_redundancy              5.7 
_reflns.R_free_details               ? 
_reflns.limit_h_max                  ? 
_reflns.limit_h_min                  ? 
_reflns.limit_k_max                  ? 
_reflns.limit_k_min                  ? 
_reflns.limit_l_max                  ? 
_reflns.limit_l_min                  ? 
_reflns.observed_criterion_F_max     ? 
_reflns.observed_criterion_F_min     ? 
_reflns.pdbx_chi_squared             ? 
_reflns.pdbx_scaling_rejects         ? 
_reflns.pdbx_ordinal                 1 
_reflns.pdbx_diffrn_id               1 
# 
_reflns_shell.d_res_high             1.80 
_reflns_shell.d_res_low              1.84 
_reflns_shell.percent_possible_all   100.00 
_reflns_shell.Rmerge_I_obs           0.6 
_reflns_shell.pdbx_Rsym_value        0.532 
_reflns_shell.meanI_over_sigI_obs    2.36 
_reflns_shell.pdbx_redundancy        3.14 
_reflns_shell.percent_possible_obs   ? 
_reflns_shell.number_unique_all      1401 
_reflns_shell.number_measured_all    ? 
_reflns_shell.number_measured_obs    ? 
_reflns_shell.number_unique_obs      ? 
_reflns_shell.pdbx_chi_squared       ? 
_reflns_shell.pdbx_ordinal           1 
_reflns_shell.pdbx_diffrn_id         1 
# 
_refine.entry_id                                 2FYG 
_refine.ls_number_reflns_obs                     19035 
_refine.ls_number_reflns_all                     19035 
_refine.pdbx_ls_sigma_I                          0 
_refine.pdbx_ls_sigma_F                          0 
_refine.pdbx_data_cutoff_high_absF               ? 
_refine.pdbx_data_cutoff_low_absF                ? 
_refine.pdbx_data_cutoff_high_rms_absF           ? 
_refine.ls_d_res_low                             44.46 
_refine.ls_d_res_high                            1.80 
_refine.ls_percent_reflns_obs                    99.97 
_refine.ls_R_factor_obs                          0.19764 
_refine.ls_R_factor_all                          0.19764 
_refine.ls_R_factor_R_work                       0.19577 
_refine.ls_R_factor_R_free                       0.23295 
_refine.ls_R_factor_R_free_error                 ? 
_refine.ls_R_factor_R_free_error_details         ? 
_refine.ls_percent_reflns_R_free                 5.1 
_refine.ls_number_reflns_R_free                  1023 
_refine.ls_number_parameters                     ? 
_refine.ls_number_restraints                     ? 
_refine.occupancy_min                            ? 
_refine.occupancy_max                            ? 
_refine.correlation_coeff_Fo_to_Fc               0.954 
_refine.correlation_coeff_Fo_to_Fc_free          0.935 
_refine.B_iso_mean                               27.053 
_refine.aniso_B[1][1]                            ? 
_refine.aniso_B[2][2]                            ? 
_refine.aniso_B[3][3]                            ? 
_refine.aniso_B[1][2]                            ? 
_refine.aniso_B[1][3]                            ? 
_refine.aniso_B[2][3]                            ? 
_refine.solvent_model_details                    'BABINET MODEL WITH MASK' 
_refine.solvent_model_param_ksol                 ? 
_refine.solvent_model_param_bsol                 ? 
_refine.pdbx_solvent_vdw_probe_radii             1.20 
_refine.pdbx_solvent_ion_probe_radii             0.80 
_refine.pdbx_solvent_shrinkage_radii             0.80 
_refine.pdbx_ls_cross_valid_method               THROUGHOUT 
_refine.details                                  'HYDROGENS HAVE BEEN ADDED IN THE RIDING POSITIONS' 
_refine.pdbx_starting_model                      ? 
_refine.pdbx_method_to_determine_struct          SAD 
_refine.pdbx_isotropic_thermal_model             ? 
_refine.pdbx_stereochemistry_target_values       'MAXIMUM LIKELIHOOD' 
_refine.pdbx_stereochem_target_val_spec_case     ? 
_refine.pdbx_R_Free_selection_details            RANDOM 
_refine.pdbx_overall_ESU_R                       0.102 
_refine.pdbx_overall_ESU_R_Free                  0.105 
_refine.overall_SU_ML                            0.071 
_refine.overall_SU_B                             2.283 
_refine.ls_redundancy_reflns_obs                 ? 
_refine.B_iso_min                                ? 
_refine.B_iso_max                                ? 
_refine.overall_SU_R_Cruickshank_DPI             ? 
_refine.overall_SU_R_free                        ? 
_refine.ls_wR_factor_R_free                      ? 
_refine.ls_wR_factor_R_work                      ? 
_refine.overall_FOM_free_R_set                   ? 
_refine.overall_FOM_work_R_set                   ? 
_refine.pdbx_overall_phase_error                 ? 
_refine.pdbx_refine_id                           'X-RAY DIFFRACTION' 
_refine.pdbx_diffrn_id                           1 
_refine.pdbx_TLS_residual_ADP_flag               ? 
_refine.pdbx_overall_SU_R_free_Cruickshank_DPI   ? 
_refine.pdbx_overall_SU_R_Blow_DPI               ? 
_refine.pdbx_overall_SU_R_free_Blow_DPI          ? 
# 
_refine_hist.pdbx_refine_id                   'X-RAY DIFFRACTION' 
_refine_hist.cycle_id                         LAST 
_refine_hist.pdbx_number_atoms_protein        961 
_refine_hist.pdbx_number_atoms_nucleic_acid   0 
_refine_hist.pdbx_number_atoms_ligand         8 
_refine_hist.number_atoms_solvent             186 
_refine_hist.number_atoms_total               1155 
_refine_hist.d_res_high                       1.80 
_refine_hist.d_res_low                        44.46 
# 
loop_
_refine_ls_restr.type 
_refine_ls_restr.dev_ideal 
_refine_ls_restr.dev_ideal_target 
_refine_ls_restr.weight 
_refine_ls_restr.number 
_refine_ls_restr.pdbx_refine_id 
_refine_ls_restr.pdbx_restraint_function 
r_bond_refined_d         0.014  0.021  ? 992  'X-RAY DIFFRACTION' ? 
r_angle_refined_deg      1.488  1.926  ? 1346 'X-RAY DIFFRACTION' ? 
r_dihedral_angle_1_deg   6.425  5.000  ? 127  'X-RAY DIFFRACTION' ? 
r_dihedral_angle_2_deg   35.783 24.390 ? 41   'X-RAY DIFFRACTION' ? 
r_dihedral_angle_3_deg   11.983 15.000 ? 148  'X-RAY DIFFRACTION' ? 
r_dihedral_angle_4_deg   7.405  15.000 ? 2    'X-RAY DIFFRACTION' ? 
r_chiral_restr           0.149  0.200  ? 146  'X-RAY DIFFRACTION' ? 
r_gen_planes_refined     0.007  0.020  ? 759  'X-RAY DIFFRACTION' ? 
r_nbd_refined            0.215  0.200  ? 492  'X-RAY DIFFRACTION' ? 
r_nbtor_refined          0.300  0.200  ? 688  'X-RAY DIFFRACTION' ? 
r_xyhbond_nbd_refined    0.145  0.200  ? 115  'X-RAY DIFFRACTION' ? 
r_symmetry_vdw_refined   0.264  0.200  ? 45   'X-RAY DIFFRACTION' ? 
r_symmetry_hbond_refined 0.193  0.200  ? 24   'X-RAY DIFFRACTION' ? 
r_mcbond_it              1.100  1.500  ? 648  'X-RAY DIFFRACTION' ? 
r_mcangle_it             1.806  2.000  ? 1021 'X-RAY DIFFRACTION' ? 
r_scbond_it              2.933  3.000  ? 386  'X-RAY DIFFRACTION' ? 
r_scangle_it             4.165  4.500  ? 325  'X-RAY DIFFRACTION' ? 
# 
_refine_ls_shell.pdbx_total_number_of_bins_used   20 
_refine_ls_shell.d_res_high                       1.800 
_refine_ls_shell.d_res_low                        1.847 
_refine_ls_shell.number_reflns_R_work             1401 
_refine_ls_shell.R_factor_R_work                  0.27 
_refine_ls_shell.percent_reflns_obs               100.00 
_refine_ls_shell.R_factor_R_free                  0.298 
_refine_ls_shell.R_factor_R_free_error            ? 
_refine_ls_shell.percent_reflns_R_free            ? 
_refine_ls_shell.number_reflns_R_free             80 
_refine_ls_shell.number_reflns_all                ? 
_refine_ls_shell.R_factor_all                     ? 
_refine_ls_shell.number_reflns_obs                ? 
_refine_ls_shell.redundancy_reflns_obs            ? 
_refine_ls_shell.pdbx_refine_id                   'X-RAY DIFFRACTION' 
# 
_struct.entry_id                  2FYG 
_struct.title                     'Crystal structure of NSP10 from Sars coronavirus' 
_struct.pdbx_model_details        ? 
_struct.pdbx_CASP_flag            ? 
_struct.pdbx_model_type_details   ? 
# 
_struct_keywords.entry_id        2FYG 
_struct_keywords.pdbx_keywords   'VIRAL PROTEIN' 
_struct_keywords.text            'SARS virus polyprotein non-structural protein NSP10, ZINC FINGER, VIRAL PROTEIN' 
# 
loop_
_struct_asym.id 
_struct_asym.pdbx_blank_PDB_chainid_flag 
_struct_asym.pdbx_modified 
_struct_asym.entity_id 
_struct_asym.details 
A N N 1 ? 
B N N 2 ? 
C N N 2 ? 
D N N 3 ? 
E N N 4 ? 
# 
_struct_ref.id                         1 
_struct_ref.db_name                    UNP 
_struct_ref.db_code                    Q6JH39_CVHSA 
_struct_ref.pdbx_db_accession          Q6JH39 
_struct_ref.entity_id                  1 
_struct_ref.pdbx_align_begin           4240 
_struct_ref.pdbx_seq_one_letter_code   ? 
_struct_ref.pdbx_db_isoform            ? 
# 
_struct_ref_seq.align_id                      1 
_struct_ref_seq.ref_id                        1 
_struct_ref_seq.pdbx_PDB_id_code              2FYG 
_struct_ref_seq.pdbx_strand_id                A 
_struct_ref_seq.seq_align_beg                 6 
_struct_ref_seq.pdbx_seq_align_beg_ins_code   ? 
_struct_ref_seq.seq_align_end                 128 
_struct_ref_seq.pdbx_seq_align_end_ins_code   ? 
_struct_ref_seq.pdbx_db_accession             Q6JH39 
_struct_ref_seq.db_align_beg                  4240 
_struct_ref_seq.pdbx_db_align_beg_ins_code    ? 
_struct_ref_seq.db_align_end                  4362 
_struct_ref_seq.pdbx_db_align_end_ins_code    ? 
_struct_ref_seq.pdbx_auth_seq_align_beg       10 
_struct_ref_seq.pdbx_auth_seq_align_end       132 
# 
loop_
_struct_ref_seq_dif.align_id 
_struct_ref_seq_dif.pdbx_pdb_id_code 
_struct_ref_seq_dif.mon_id 
_struct_ref_seq_dif.pdbx_pdb_strand_id 
_struct_ref_seq_dif.seq_num 
_struct_ref_seq_dif.pdbx_pdb_ins_code 
_struct_ref_seq_dif.pdbx_seq_db_name 
_struct_ref_seq_dif.pdbx_seq_db_accession_code 
_struct_ref_seq_dif.db_mon_id 
_struct_ref_seq_dif.pdbx_seq_db_seq_num 
_struct_ref_seq_dif.details 
_struct_ref_seq_dif.pdbx_auth_seq_num 
_struct_ref_seq_dif.pdbx_ordinal 
1 2FYG HIS A 1 ? UNP Q6JH39 ? ? 'expression tag' 5 1 
1 2FYG HIS A 2 ? UNP Q6JH39 ? ? 'expression tag' 6 2 
1 2FYG HIS A 3 ? UNP Q6JH39 ? ? 'expression tag' 7 3 
1 2FYG HIS A 4 ? UNP Q6JH39 ? ? 'expression tag' 8 4 
1 2FYG HIS A 5 ? UNP Q6JH39 ? ? 'expression tag' 9 5 
# 
_pdbx_struct_assembly.id                   1 
_pdbx_struct_assembly.details              author_and_software_defined_assembly 
_pdbx_struct_assembly.method_details       PISA 
_pdbx_struct_assembly.oligomeric_details   monomeric 
_pdbx_struct_assembly.oligomeric_count     1 
# 
_pdbx_struct_assembly_gen.assembly_id       1 
_pdbx_struct_assembly_gen.oper_expression   1 
_pdbx_struct_assembly_gen.asym_id_list      A,B,C,D,E 
# 
_pdbx_struct_oper_list.id                   1 
_pdbx_struct_oper_list.type                 'identity operation' 
_pdbx_struct_oper_list.name                 1_555 
_pdbx_struct_oper_list.symmetry_operation   x,y,z 
_pdbx_struct_oper_list.matrix[1][1]         1.0000000000 
_pdbx_struct_oper_list.matrix[1][2]         0.0000000000 
_pdbx_struct_oper_list.matrix[1][3]         0.0000000000 
_pdbx_struct_oper_list.vector[1]            0.0000000000 
_pdbx_struct_oper_list.matrix[2][1]         0.0000000000 
_pdbx_struct_oper_list.matrix[2][2]         1.0000000000 
_pdbx_struct_oper_list.matrix[2][3]         0.0000000000 
_pdbx_struct_oper_list.vector[2]            0.0000000000 
_pdbx_struct_oper_list.matrix[3][1]         0.0000000000 
_pdbx_struct_oper_list.matrix[3][2]         0.0000000000 
_pdbx_struct_oper_list.matrix[3][3]         1.0000000000 
_pdbx_struct_oper_list.vector[3]            0.0000000000 
# 
_struct_biol.id   1 
# 
loop_
_struct_conf.conf_type_id 
_struct_conf.id 
_struct_conf.pdbx_PDB_helix_id 
_struct_conf.beg_label_comp_id 
_struct_conf.beg_label_asym_id 
_struct_conf.beg_label_seq_id 
_struct_conf.pdbx_beg_PDB_ins_code 
_struct_conf.end_label_comp_id 
_struct_conf.end_label_asym_id 
_struct_conf.end_label_seq_id 
_struct_conf.pdbx_end_PDB_ins_code 
_struct_conf.beg_auth_comp_id 
_struct_conf.beg_auth_asym_id 
_struct_conf.beg_auth_seq_id 
_struct_conf.end_auth_comp_id 
_struct_conf.end_auth_asym_id 
_struct_conf.end_auth_seq_id 
_struct_conf.pdbx_PDB_helix_class 
_struct_conf.details 
_struct_conf.pdbx_PDB_helix_length 
HELX_P HELX_P1 1 HIS A 5   ? PHE A 15  ? HIS A 9   PHE A 19  1 ? 11 
HELX_P HELX_P2 2 ASP A 18  ? SER A 29  ? ASP A 22  SER A 33  1 ? 12 
HELX_P HELX_P3 3 ALA A 67  ? CYS A 69  ? ALA A 71  CYS A 73  5 ? 3  
HELX_P HELX_P4 4 CYS A 70  ? HIS A 76  ? CYS A 74  HIS A 80  1 ? 7  
HELX_P HELX_P5 5 THR A 98  ? ALA A 100 ? THR A 102 ALA A 104 5 ? 3  
HELX_P HELX_P6 6 ASP A 102 ? ASN A 110 ? ASP A 106 ASN A 114 1 ? 9  
# 
_struct_conf_type.id          HELX_P 
_struct_conf_type.criteria    ? 
_struct_conf_type.reference   ? 
# 
loop_
_struct_conn.id 
_struct_conn.conn_type_id 
_struct_conn.pdbx_leaving_atom_flag 
_struct_conn.pdbx_PDB_id 
_struct_conn.ptnr1_label_asym_id 
_struct_conn.ptnr1_label_comp_id 
_struct_conn.ptnr1_label_seq_id 
_struct_conn.ptnr1_label_atom_id 
_struct_conn.pdbx_ptnr1_label_alt_id 
_struct_conn.pdbx_ptnr1_PDB_ins_code 
_struct_conn.pdbx_ptnr1_standard_comp_id 
_struct_conn.ptnr1_symmetry 
_struct_conn.ptnr2_label_asym_id 
_struct_conn.ptnr2_label_comp_id 
_struct_conn.ptnr2_label_seq_id 
_struct_conn.ptnr2_label_atom_id 
_struct_conn.pdbx_ptnr2_label_alt_id 
_struct_conn.pdbx_ptnr2_PDB_ins_code 
_struct_conn.ptnr1_auth_asym_id 
_struct_conn.ptnr1_auth_comp_id 
_struct_conn.ptnr1_auth_seq_id 
_struct_conn.ptnr2_auth_asym_id 
_struct_conn.ptnr2_auth_comp_id 
_struct_conn.ptnr2_auth_seq_id 
_struct_conn.ptnr2_symmetry 
_struct_conn.pdbx_ptnr3_label_atom_id 
_struct_conn.pdbx_ptnr3_label_seq_id 
_struct_conn.pdbx_ptnr3_label_comp_id 
_struct_conn.pdbx_ptnr3_label_asym_id 
_struct_conn.pdbx_ptnr3_label_alt_id 
_struct_conn.pdbx_ptnr3_PDB_ins_code 
_struct_conn.details 
_struct_conn.pdbx_dist_value 
_struct_conn.pdbx_value_order 
_struct_conn.pdbx_role 
metalc1 metalc ? ? A CYS 70  SG  ? ? ? 1_555 B ZN . ZN ? ? A CYS 74  A ZN 302 1_555 ? ? ? ? ? ? ? 2.252 ? ? 
metalc2 metalc ? ? A CYS 73  SG  ? ? ? 1_555 B ZN . ZN ? ? A CYS 77  A ZN 302 1_555 ? ? ? ? ? ? ? 2.276 ? ? 
metalc3 metalc ? ? A HIS 79  NE2 ? ? ? 1_555 B ZN . ZN ? ? A HIS 83  A ZN 302 1_555 ? ? ? ? ? ? ? 2.069 ? ? 
metalc4 metalc ? ? A CYS 86  SG  ? ? ? 1_555 B ZN . ZN ? ? A CYS 90  A ZN 302 1_555 ? ? ? ? ? ? ? 2.347 ? ? 
metalc5 metalc ? ? A CYS 113 SG  ? ? ? 1_555 C ZN . ZN ? ? A CYS 117 A ZN 303 1_555 ? ? ? ? ? ? ? 2.066 ? ? 
metalc6 metalc ? ? A CYS 116 SG  ? ? ? 1_555 C ZN . ZN ? ? A CYS 120 A ZN 303 1_555 ? ? ? ? ? ? ? 2.364 ? ? 
metalc7 metalc ? ? A CYS 124 SG  ? ? ? 1_555 C ZN . ZN ? ? A CYS 128 A ZN 303 1_555 ? ? ? ? ? ? ? 2.113 ? ? 
metalc8 metalc ? ? A CYS 126 SG  ? ? ? 1_555 C ZN . ZN ? ? A CYS 130 A ZN 303 1_555 ? ? ? ? ? ? ? 2.469 ? ? 
# 
_struct_conn_type.id          metalc 
_struct_conn_type.criteria    ? 
_struct_conn_type.reference   ? 
# 
loop_
_pdbx_struct_conn_angle.id 
_pdbx_struct_conn_angle.ptnr1_label_atom_id 
_pdbx_struct_conn_angle.ptnr1_label_alt_id 
_pdbx_struct_conn_angle.ptnr1_label_asym_id 
_pdbx_struct_conn_angle.ptnr1_label_comp_id 
_pdbx_struct_conn_angle.ptnr1_label_seq_id 
_pdbx_struct_conn_angle.ptnr1_auth_atom_id 
_pdbx_struct_conn_angle.ptnr1_auth_asym_id 
_pdbx_struct_conn_angle.ptnr1_auth_comp_id 
_pdbx_struct_conn_angle.ptnr1_auth_seq_id 
_pdbx_struct_conn_angle.ptnr1_PDB_ins_code 
_pdbx_struct_conn_angle.ptnr1_symmetry 
_pdbx_struct_conn_angle.ptnr2_label_atom_id 
_pdbx_struct_conn_angle.ptnr2_label_alt_id 
_pdbx_struct_conn_angle.ptnr2_label_asym_id 
_pdbx_struct_conn_angle.ptnr2_label_comp_id 
_pdbx_struct_conn_angle.ptnr2_label_seq_id 
_pdbx_struct_conn_angle.ptnr2_auth_atom_id 
_pdbx_struct_conn_angle.ptnr2_auth_asym_id 
_pdbx_struct_conn_angle.ptnr2_auth_comp_id 
_pdbx_struct_conn_angle.ptnr2_auth_seq_id 
_pdbx_struct_conn_angle.ptnr2_PDB_ins_code 
_pdbx_struct_conn_angle.ptnr2_symmetry 
_pdbx_struct_conn_angle.ptnr3_label_atom_id 
_pdbx_struct_conn_angle.ptnr3_label_alt_id 
_pdbx_struct_conn_angle.ptnr3_label_asym_id 
_pdbx_struct_conn_angle.ptnr3_label_comp_id 
_pdbx_struct_conn_angle.ptnr3_label_seq_id 
_pdbx_struct_conn_angle.ptnr3_auth_atom_id 
_pdbx_struct_conn_angle.ptnr3_auth_asym_id 
_pdbx_struct_conn_angle.ptnr3_auth_comp_id 
_pdbx_struct_conn_angle.ptnr3_auth_seq_id 
_pdbx_struct_conn_angle.ptnr3_PDB_ins_code 
_pdbx_struct_conn_angle.ptnr3_symmetry 
_pdbx_struct_conn_angle.value 
_pdbx_struct_conn_angle.value_esd 
1  SG  ? A CYS 70  ? A CYS 74  ? 1_555 ZN ? B ZN . ? A ZN 302 ? 1_555 SG  ? A CYS 73  ? A CYS 77  ? 1_555 114.5 ? 
2  SG  ? A CYS 70  ? A CYS 74  ? 1_555 ZN ? B ZN . ? A ZN 302 ? 1_555 NE2 ? A HIS 79  ? A HIS 83  ? 1_555 106.2 ? 
3  SG  ? A CYS 73  ? A CYS 77  ? 1_555 ZN ? B ZN . ? A ZN 302 ? 1_555 NE2 ? A HIS 79  ? A HIS 83  ? 1_555 110.0 ? 
4  SG  ? A CYS 70  ? A CYS 74  ? 1_555 ZN ? B ZN . ? A ZN 302 ? 1_555 SG  ? A CYS 86  ? A CYS 90  ? 1_555 112.1 ? 
5  SG  ? A CYS 73  ? A CYS 77  ? 1_555 ZN ? B ZN . ? A ZN 302 ? 1_555 SG  ? A CYS 86  ? A CYS 90  ? 1_555 113.5 ? 
6  NE2 ? A HIS 79  ? A HIS 83  ? 1_555 ZN ? B ZN . ? A ZN 302 ? 1_555 SG  ? A CYS 86  ? A CYS 90  ? 1_555 99.1  ? 
7  SG  ? A CYS 113 ? A CYS 117 ? 1_555 ZN ? C ZN . ? A ZN 303 ? 1_555 SG  ? A CYS 116 ? A CYS 120 ? 1_555 108.1 ? 
8  SG  ? A CYS 113 ? A CYS 117 ? 1_555 ZN ? C ZN . ? A ZN 303 ? 1_555 SG  ? A CYS 124 ? A CYS 128 ? 1_555 117.1 ? 
9  SG  ? A CYS 116 ? A CYS 120 ? 1_555 ZN ? C ZN . ? A ZN 303 ? 1_555 SG  ? A CYS 124 ? A CYS 128 ? 1_555 107.3 ? 
10 SG  ? A CYS 113 ? A CYS 117 ? 1_555 ZN ? C ZN . ? A ZN 303 ? 1_555 SG  ? A CYS 126 ? A CYS 130 ? 1_555 113.1 ? 
11 SG  ? A CYS 116 ? A CYS 120 ? 1_555 ZN ? C ZN . ? A ZN 303 ? 1_555 SG  ? A CYS 126 ? A CYS 130 ? 1_555 111.3 ? 
12 SG  ? A CYS 124 ? A CYS 128 ? 1_555 ZN ? C ZN . ? A ZN 303 ? 1_555 SG  ? A CYS 126 ? A CYS 130 ? 1_555 99.7  ? 
# 
_struct_sheet.id               A 
_struct_sheet.type             ? 
_struct_sheet.number_strands   3 
_struct_sheet.details          ? 
# 
loop_
_struct_sheet_order.sheet_id 
_struct_sheet_order.range_id_1 
_struct_sheet_order.range_id_2 
_struct_sheet_order.offset 
_struct_sheet_order.sense 
A 1 2 ? anti-parallel 
A 2 3 ? anti-parallel 
# 
loop_
_struct_sheet_range.sheet_id 
_struct_sheet_range.id 
_struct_sheet_range.beg_label_comp_id 
_struct_sheet_range.beg_label_asym_id 
_struct_sheet_range.beg_label_seq_id 
_struct_sheet_range.pdbx_beg_PDB_ins_code 
_struct_sheet_range.end_label_comp_id 
_struct_sheet_range.end_label_asym_id 
_struct_sheet_range.end_label_seq_id 
_struct_sheet_range.pdbx_end_PDB_ins_code 
_struct_sheet_range.beg_auth_comp_id 
_struct_sheet_range.beg_auth_asym_id 
_struct_sheet_range.beg_auth_seq_id 
_struct_sheet_range.end_auth_comp_id 
_struct_sheet_range.end_auth_asym_id 
_struct_sheet_range.end_auth_seq_id 
A 1 ILE A 51 ? THR A 52 ? ILE A 55 THR A 56  
A 2 TYR A 92 ? PRO A 96 ? TYR A 96 PRO A 100 
A 3 GLN A 61 ? GLY A 65 ? GLN A 65 GLY A 69  
# 
loop_
_pdbx_struct_sheet_hbond.sheet_id 
_pdbx_struct_sheet_hbond.range_id_1 
_pdbx_struct_sheet_hbond.range_id_2 
_pdbx_struct_sheet_hbond.range_1_label_atom_id 
_pdbx_struct_sheet_hbond.range_1_label_comp_id 
_pdbx_struct_sheet_hbond.range_1_label_asym_id 
_pdbx_struct_sheet_hbond.range_1_label_seq_id 
_pdbx_struct_sheet_hbond.range_1_PDB_ins_code 
_pdbx_struct_sheet_hbond.range_1_auth_atom_id 
_pdbx_struct_sheet_hbond.range_1_auth_comp_id 
_pdbx_struct_sheet_hbond.range_1_auth_asym_id 
_pdbx_struct_sheet_hbond.range_1_auth_seq_id 
_pdbx_struct_sheet_hbond.range_2_label_atom_id 
_pdbx_struct_sheet_hbond.range_2_label_comp_id 
_pdbx_struct_sheet_hbond.range_2_label_asym_id 
_pdbx_struct_sheet_hbond.range_2_label_seq_id 
_pdbx_struct_sheet_hbond.range_2_PDB_ins_code 
_pdbx_struct_sheet_hbond.range_2_auth_atom_id 
_pdbx_struct_sheet_hbond.range_2_auth_comp_id 
_pdbx_struct_sheet_hbond.range_2_auth_asym_id 
_pdbx_struct_sheet_hbond.range_2_auth_seq_id 
A 1 2 N THR A 52 ? N THR A 56 O TYR A 92 ? O TYR A 96 
A 2 3 O ILE A 95 ? O ILE A 99 N GLU A 62 ? N GLU A 66 
# 
loop_
_struct_site.id 
_struct_site.pdbx_evidence_code 
_struct_site.pdbx_auth_asym_id 
_struct_site.pdbx_auth_comp_id 
_struct_site.pdbx_auth_seq_id 
_struct_site.pdbx_auth_ins_code 
_struct_site.pdbx_num_residues 
_struct_site.details 
AC1 Software A ZN  302 ? 4  'BINDING SITE FOR RESIDUE ZN A 302'  
AC2 Software A ZN  303 ? 4  'BINDING SITE FOR RESIDUE ZN A 303'  
AC3 Software A GOL 301 ? 10 'BINDING SITE FOR RESIDUE GOL A 301' 
# 
loop_
_struct_site_gen.id 
_struct_site_gen.site_id 
_struct_site_gen.pdbx_num_res 
_struct_site_gen.label_comp_id 
_struct_site_gen.label_asym_id 
_struct_site_gen.label_seq_id 
_struct_site_gen.pdbx_auth_ins_code 
_struct_site_gen.auth_comp_id 
_struct_site_gen.auth_asym_id 
_struct_site_gen.auth_seq_id 
_struct_site_gen.label_atom_id 
_struct_site_gen.label_alt_id 
_struct_site_gen.symmetry 
_struct_site_gen.details 
1  AC1 4  CYS A 70  ? CYS A 74  . ? 1_555 ? 
2  AC1 4  CYS A 73  ? CYS A 77  . ? 1_555 ? 
3  AC1 4  HIS A 79  ? HIS A 83  . ? 1_555 ? 
4  AC1 4  CYS A 86  ? CYS A 90  . ? 1_555 ? 
5  AC2 4  CYS A 113 ? CYS A 117 . ? 1_555 ? 
6  AC2 4  CYS A 116 ? CYS A 120 . ? 1_555 ? 
7  AC2 4  CYS A 124 ? CYS A 128 . ? 1_555 ? 
8  AC2 4  CYS A 126 ? CYS A 130 . ? 1_555 ? 
9  AC3 10 ILE A 34  ? ILE A 38  . ? 1_555 ? 
10 AC3 10 THR A 35  ? THR A 39  . ? 1_555 ? 
11 AC3 10 ASN A 36  ? ASN A 40  . ? 1_555 ? 
12 AC3 10 CYS A 37  ? CYS A 41  . ? 1_555 ? 
13 AC3 10 LYS A 39  ? LYS A 43  . ? 1_555 ? 
14 AC3 10 PHE A 64  ? PHE A 68  . ? 1_555 ? 
15 AC3 10 ALA A 100 ? ALA A 104 . ? 1_555 ? 
16 AC3 10 HOH E .   ? HOH A 405 . ? 1_555 ? 
17 AC3 10 HOH E .   ? HOH A 418 . ? 1_555 ? 
18 AC3 10 HOH E .   ? HOH A 473 . ? 1_555 ? 
# 
loop_
_pdbx_validate_torsion.id 
_pdbx_validate_torsion.PDB_model_num 
_pdbx_validate_torsion.auth_comp_id 
_pdbx_validate_torsion.auth_asym_id 
_pdbx_validate_torsion.auth_seq_id 
_pdbx_validate_torsion.PDB_ins_code 
_pdbx_validate_torsion.label_alt_id 
_pdbx_validate_torsion.phi 
_pdbx_validate_torsion.psi 
1 1 HIS A 6 ? ? 32.47  87.34  
2 1 HIS A 7 ? ? -31.25 146.67 
# 
_pdbx_validate_peptide_omega.id               1 
_pdbx_validate_peptide_omega.PDB_model_num    1 
_pdbx_validate_peptide_omega.auth_comp_id_1   HIS 
_pdbx_validate_peptide_omega.auth_asym_id_1   A 
_pdbx_validate_peptide_omega.auth_seq_id_1    6 
_pdbx_validate_peptide_omega.PDB_ins_code_1   ? 
_pdbx_validate_peptide_omega.label_alt_id_1   ? 
_pdbx_validate_peptide_omega.auth_comp_id_2   HIS 
_pdbx_validate_peptide_omega.auth_asym_id_2   A 
_pdbx_validate_peptide_omega.auth_seq_id_2    7 
_pdbx_validate_peptide_omega.PDB_ins_code_2   ? 
_pdbx_validate_peptide_omega.label_alt_id_2   ? 
_pdbx_validate_peptide_omega.omega            149.48 
# 
loop_
_pdbx_struct_special_symmetry.id 
_pdbx_struct_special_symmetry.PDB_model_num 
_pdbx_struct_special_symmetry.auth_asym_id 
_pdbx_struct_special_symmetry.auth_comp_id 
_pdbx_struct_special_symmetry.auth_seq_id 
_pdbx_struct_special_symmetry.PDB_ins_code 
_pdbx_struct_special_symmetry.label_asym_id 
_pdbx_struct_special_symmetry.label_comp_id 
_pdbx_struct_special_symmetry.label_seq_id 
1 1 A HOH 322 ? E HOH . 
2 1 A HOH 330 ? E HOH . 
3 1 A HOH 395 ? E HOH . 
4 1 A HOH 427 ? E HOH . 
# 
_pdbx_database_remark.id     300 
_pdbx_database_remark.text   
;BIOMOLECULE: 1
THIS ENTRY CONTAINS THE CRYSTALLOGRAPHIC ASYMMETRIC UNIT 
WHICH CONSISTS OF 1 CHAIN. THE BIOLOGICAL UNIT FOR THE 
PROTEIN IS UNKNOWN
;
# 
loop_
_chem_comp_atom.comp_id 
_chem_comp_atom.atom_id 
_chem_comp_atom.type_symbol 
_chem_comp_atom.pdbx_aromatic_flag 
_chem_comp_atom.pdbx_stereo_config 
_chem_comp_atom.pdbx_ordinal 
ALA N    N  N N 1   
ALA CA   C  N S 2   
ALA C    C  N N 3   
ALA O    O  N N 4   
ALA CB   C  N N 5   
ALA OXT  O  N N 6   
ALA H    H  N N 7   
ALA H2   H  N N 8   
ALA HA   H  N N 9   
ALA HB1  H  N N 10  
ALA HB2  H  N N 11  
ALA HB3  H  N N 12  
ALA HXT  H  N N 13  
ARG N    N  N N 14  
ARG CA   C  N S 15  
ARG C    C  N N 16  
ARG O    O  N N 17  
ARG CB   C  N N 18  
ARG CG   C  N N 19  
ARG CD   C  N N 20  
ARG NE   N  N N 21  
ARG CZ   C  N N 22  
ARG NH1  N  N N 23  
ARG NH2  N  N N 24  
ARG OXT  O  N N 25  
ARG H    H  N N 26  
ARG H2   H  N N 27  
ARG HA   H  N N 28  
ARG HB2  H  N N 29  
ARG HB3  H  N N 30  
ARG HG2  H  N N 31  
ARG HG3  H  N N 32  
ARG HD2  H  N N 33  
ARG HD3  H  N N 34  
ARG HE   H  N N 35  
ARG HH11 H  N N 36  
ARG HH12 H  N N 37  
ARG HH21 H  N N 38  
ARG HH22 H  N N 39  
ARG HXT  H  N N 40  
ASN N    N  N N 41  
ASN CA   C  N S 42  
ASN C    C  N N 43  
ASN O    O  N N 44  
ASN CB   C  N N 45  
ASN CG   C  N N 46  
ASN OD1  O  N N 47  
ASN ND2  N  N N 48  
ASN OXT  O  N N 49  
ASN H    H  N N 50  
ASN H2   H  N N 51  
ASN HA   H  N N 52  
ASN HB2  H  N N 53  
ASN HB3  H  N N 54  
ASN HD21 H  N N 55  
ASN HD22 H  N N 56  
ASN HXT  H  N N 57  
ASP N    N  N N 58  
ASP CA   C  N S 59  
ASP C    C  N N 60  
ASP O    O  N N 61  
ASP CB   C  N N 62  
ASP CG   C  N N 63  
ASP OD1  O  N N 64  
ASP OD2  O  N N 65  
ASP OXT  O  N N 66  
ASP H    H  N N 67  
ASP H2   H  N N 68  
ASP HA   H  N N 69  
ASP HB2  H  N N 70  
ASP HB3  H  N N 71  
ASP HD2  H  N N 72  
ASP HXT  H  N N 73  
CYS N    N  N N 74  
CYS CA   C  N R 75  
CYS C    C  N N 76  
CYS O    O  N N 77  
CYS CB   C  N N 78  
CYS SG   S  N N 79  
CYS OXT  O  N N 80  
CYS H    H  N N 81  
CYS H2   H  N N 82  
CYS HA   H  N N 83  
CYS HB2  H  N N 84  
CYS HB3  H  N N 85  
CYS HG   H  N N 86  
CYS HXT  H  N N 87  
GLN N    N  N N 88  
GLN CA   C  N S 89  
GLN C    C  N N 90  
GLN O    O  N N 91  
GLN CB   C  N N 92  
GLN CG   C  N N 93  
GLN CD   C  N N 94  
GLN OE1  O  N N 95  
GLN NE2  N  N N 96  
GLN OXT  O  N N 97  
GLN H    H  N N 98  
GLN H2   H  N N 99  
GLN HA   H  N N 100 
GLN HB2  H  N N 101 
GLN HB3  H  N N 102 
GLN HG2  H  N N 103 
GLN HG3  H  N N 104 
GLN HE21 H  N N 105 
GLN HE22 H  N N 106 
GLN HXT  H  N N 107 
GLU N    N  N N 108 
GLU CA   C  N S 109 
GLU C    C  N N 110 
GLU O    O  N N 111 
GLU CB   C  N N 112 
GLU CG   C  N N 113 
GLU CD   C  N N 114 
GLU OE1  O  N N 115 
GLU OE2  O  N N 116 
GLU OXT  O  N N 117 
GLU H    H  N N 118 
GLU H2   H  N N 119 
GLU HA   H  N N 120 
GLU HB2  H  N N 121 
GLU HB3  H  N N 122 
GLU HG2  H  N N 123 
GLU HG3  H  N N 124 
GLU HE2  H  N N 125 
GLU HXT  H  N N 126 
GLY N    N  N N 127 
GLY CA   C  N N 128 
GLY C    C  N N 129 
GLY O    O  N N 130 
GLY OXT  O  N N 131 
GLY H    H  N N 132 
GLY H2   H  N N 133 
GLY HA2  H  N N 134 
GLY HA3  H  N N 135 
GLY HXT  H  N N 136 
GOL C1   C  N N 137 
GOL O1   O  N N 138 
GOL C2   C  N N 139 
GOL O2   O  N N 140 
GOL C3   C  N N 141 
GOL O3   O  N N 142 
GOL H11  H  N N 143 
GOL H12  H  N N 144 
GOL HO1  H  N N 145 
GOL H2   H  N N 146 
GOL HO2  H  N N 147 
GOL H31  H  N N 148 
GOL H32  H  N N 149 
GOL HO3  H  N N 150 
HIS N    N  N N 151 
HIS CA   C  N S 152 
HIS C    C  N N 153 
HIS O    O  N N 154 
HIS CB   C  N N 155 
HIS CG   C  Y N 156 
HIS ND1  N  Y N 157 
HIS CD2  C  Y N 158 
HIS CE1  C  Y N 159 
HIS NE2  N  Y N 160 
HIS OXT  O  N N 161 
HIS H    H  N N 162 
HIS H2   H  N N 163 
HIS HA   H  N N 164 
HIS HB2  H  N N 165 
HIS HB3  H  N N 166 
HIS HD1  H  N N 167 
HIS HD2  H  N N 168 
HIS HE1  H  N N 169 
HIS HE2  H  N N 170 
HIS HXT  H  N N 171 
HOH O    O  N N 172 
HOH H1   H  N N 173 
HOH H2   H  N N 174 
ILE N    N  N N 175 
ILE CA   C  N S 176 
ILE C    C  N N 177 
ILE O    O  N N 178 
ILE CB   C  N S 179 
ILE CG1  C  N N 180 
ILE CG2  C  N N 181 
ILE CD1  C  N N 182 
ILE OXT  O  N N 183 
ILE H    H  N N 184 
ILE H2   H  N N 185 
ILE HA   H  N N 186 
ILE HB   H  N N 187 
ILE HG12 H  N N 188 
ILE HG13 H  N N 189 
ILE HG21 H  N N 190 
ILE HG22 H  N N 191 
ILE HG23 H  N N 192 
ILE HD11 H  N N 193 
ILE HD12 H  N N 194 
ILE HD13 H  N N 195 
ILE HXT  H  N N 196 
LEU N    N  N N 197 
LEU CA   C  N S 198 
LEU C    C  N N 199 
LEU O    O  N N 200 
LEU CB   C  N N 201 
LEU CG   C  N N 202 
LEU CD1  C  N N 203 
LEU CD2  C  N N 204 
LEU OXT  O  N N 205 
LEU H    H  N N 206 
LEU H2   H  N N 207 
LEU HA   H  N N 208 
LEU HB2  H  N N 209 
LEU HB3  H  N N 210 
LEU HG   H  N N 211 
LEU HD11 H  N N 212 
LEU HD12 H  N N 213 
LEU HD13 H  N N 214 
LEU HD21 H  N N 215 
LEU HD22 H  N N 216 
LEU HD23 H  N N 217 
LEU HXT  H  N N 218 
LYS N    N  N N 219 
LYS CA   C  N S 220 
LYS C    C  N N 221 
LYS O    O  N N 222 
LYS CB   C  N N 223 
LYS CG   C  N N 224 
LYS CD   C  N N 225 
LYS CE   C  N N 226 
LYS NZ   N  N N 227 
LYS OXT  O  N N 228 
LYS H    H  N N 229 
LYS H2   H  N N 230 
LYS HA   H  N N 231 
LYS HB2  H  N N 232 
LYS HB3  H  N N 233 
LYS HG2  H  N N 234 
LYS HG3  H  N N 235 
LYS HD2  H  N N 236 
LYS HD3  H  N N 237 
LYS HE2  H  N N 238 
LYS HE3  H  N N 239 
LYS HZ1  H  N N 240 
LYS HZ2  H  N N 241 
LYS HZ3  H  N N 242 
LYS HXT  H  N N 243 
MET N    N  N N 244 
MET CA   C  N S 245 
MET C    C  N N 246 
MET O    O  N N 247 
MET CB   C  N N 248 
MET CG   C  N N 249 
MET SD   S  N N 250 
MET CE   C  N N 251 
MET OXT  O  N N 252 
MET H    H  N N 253 
MET H2   H  N N 254 
MET HA   H  N N 255 
MET HB2  H  N N 256 
MET HB3  H  N N 257 
MET HG2  H  N N 258 
MET HG3  H  N N 259 
MET HE1  H  N N 260 
MET HE2  H  N N 261 
MET HE3  H  N N 262 
MET HXT  H  N N 263 
PHE N    N  N N 264 
PHE CA   C  N S 265 
PHE C    C  N N 266 
PHE O    O  N N 267 
PHE CB   C  N N 268 
PHE CG   C  Y N 269 
PHE CD1  C  Y N 270 
PHE CD2  C  Y N 271 
PHE CE1  C  Y N 272 
PHE CE2  C  Y N 273 
PHE CZ   C  Y N 274 
PHE OXT  O  N N 275 
PHE H    H  N N 276 
PHE H2   H  N N 277 
PHE HA   H  N N 278 
PHE HB2  H  N N 279 
PHE HB3  H  N N 280 
PHE HD1  H  N N 281 
PHE HD2  H  N N 282 
PHE HE1  H  N N 283 
PHE HE2  H  N N 284 
PHE HZ   H  N N 285 
PHE HXT  H  N N 286 
PRO N    N  N N 287 
PRO CA   C  N S 288 
PRO C    C  N N 289 
PRO O    O  N N 290 
PRO CB   C  N N 291 
PRO CG   C  N N 292 
PRO CD   C  N N 293 
PRO OXT  O  N N 294 
PRO H    H  N N 295 
PRO HA   H  N N 296 
PRO HB2  H  N N 297 
PRO HB3  H  N N 298 
PRO HG2  H  N N 299 
PRO HG3  H  N N 300 
PRO HD2  H  N N 301 
PRO HD3  H  N N 302 
PRO HXT  H  N N 303 
SER N    N  N N 304 
SER CA   C  N S 305 
SER C    C  N N 306 
SER O    O  N N 307 
SER CB   C  N N 308 
SER OG   O  N N 309 
SER OXT  O  N N 310 
SER H    H  N N 311 
SER H2   H  N N 312 
SER HA   H  N N 313 
SER HB2  H  N N 314 
SER HB3  H  N N 315 
SER HG   H  N N 316 
SER HXT  H  N N 317 
THR N    N  N N 318 
THR CA   C  N S 319 
THR C    C  N N 320 
THR O    O  N N 321 
THR CB   C  N R 322 
THR OG1  O  N N 323 
THR CG2  C  N N 324 
THR OXT  O  N N 325 
THR H    H  N N 326 
THR H2   H  N N 327 
THR HA   H  N N 328 
THR HB   H  N N 329 
THR HG1  H  N N 330 
THR HG21 H  N N 331 
THR HG22 H  N N 332 
THR HG23 H  N N 333 
THR HXT  H  N N 334 
TRP N    N  N N 335 
TRP CA   C  N S 336 
TRP C    C  N N 337 
TRP O    O  N N 338 
TRP CB   C  N N 339 
TRP CG   C  Y N 340 
TRP CD1  C  Y N 341 
TRP CD2  C  Y N 342 
TRP NE1  N  Y N 343 
TRP CE2  C  Y N 344 
TRP CE3  C  Y N 345 
TRP CZ2  C  Y N 346 
TRP CZ3  C  Y N 347 
TRP CH2  C  Y N 348 
TRP OXT  O  N N 349 
TRP H    H  N N 350 
TRP H2   H  N N 351 
TRP HA   H  N N 352 
TRP HB2  H  N N 353 
TRP HB3  H  N N 354 
TRP HD1  H  N N 355 
TRP HE1  H  N N 356 
TRP HE3  H  N N 357 
TRP HZ2  H  N N 358 
TRP HZ3  H  N N 359 
TRP HH2  H  N N 360 
TRP HXT  H  N N 361 
TYR N    N  N N 362 
TYR CA   C  N S 363 
TYR C    C  N N 364 
TYR O    O  N N 365 
TYR CB   C  N N 366 
TYR CG   C  Y N 367 
TYR CD1  C  Y N 368 
TYR CD2  C  Y N 369 
TYR CE1  C  Y N 370 
TYR CE2  C  Y N 371 
TYR CZ   C  Y N 372 
TYR OH   O  N N 373 
TYR OXT  O  N N 374 
TYR H    H  N N 375 
TYR H2   H  N N 376 
TYR HA   H  N N 377 
TYR HB2  H  N N 378 
TYR HB3  H  N N 379 
TYR HD1  H  N N 380 
TYR HD2  H  N N 381 
TYR HE1  H  N N 382 
TYR HE2  H  N N 383 
TYR HH   H  N N 384 
TYR HXT  H  N N 385 
VAL N    N  N N 386 
VAL CA   C  N S 387 
VAL C    C  N N 388 
VAL O    O  N N 389 
VAL CB   C  N N 390 
VAL CG1  C  N N 391 
VAL CG2  C  N N 392 
VAL OXT  O  N N 393 
VAL H    H  N N 394 
VAL H2   H  N N 395 
VAL HA   H  N N 396 
VAL HB   H  N N 397 
VAL HG11 H  N N 398 
VAL HG12 H  N N 399 
VAL HG13 H  N N 400 
VAL HG21 H  N N 401 
VAL HG22 H  N N 402 
VAL HG23 H  N N 403 
VAL HXT  H  N N 404 
ZN  ZN   ZN N N 405 
# 
loop_
_chem_comp_bond.comp_id 
_chem_comp_bond.atom_id_1 
_chem_comp_bond.atom_id_2 
_chem_comp_bond.value_order 
_chem_comp_bond.pdbx_aromatic_flag 
_chem_comp_bond.pdbx_stereo_config 
_chem_comp_bond.pdbx_ordinal 
ALA N   CA   sing N N 1   
ALA N   H    sing N N 2   
ALA N   H2   sing N N 3   
ALA CA  C    sing N N 4   
ALA CA  CB   sing N N 5   
ALA CA  HA   sing N N 6   
ALA C   O    doub N N 7   
ALA C   OXT  sing N N 8   
ALA CB  HB1  sing N N 9   
ALA CB  HB2  sing N N 10  
ALA CB  HB3  sing N N 11  
ALA OXT HXT  sing N N 12  
ARG N   CA   sing N N 13  
ARG N   H    sing N N 14  
ARG N   H2   sing N N 15  
ARG CA  C    sing N N 16  
ARG CA  CB   sing N N 17  
ARG CA  HA   sing N N 18  
ARG C   O    doub N N 19  
ARG C   OXT  sing N N 20  
ARG CB  CG   sing N N 21  
ARG CB  HB2  sing N N 22  
ARG CB  HB3  sing N N 23  
ARG CG  CD   sing N N 24  
ARG CG  HG2  sing N N 25  
ARG CG  HG3  sing N N 26  
ARG CD  NE   sing N N 27  
ARG CD  HD2  sing N N 28  
ARG CD  HD3  sing N N 29  
ARG NE  CZ   sing N N 30  
ARG NE  HE   sing N N 31  
ARG CZ  NH1  sing N N 32  
ARG CZ  NH2  doub N N 33  
ARG NH1 HH11 sing N N 34  
ARG NH1 HH12 sing N N 35  
ARG NH2 HH21 sing N N 36  
ARG NH2 HH22 sing N N 37  
ARG OXT HXT  sing N N 38  
ASN N   CA   sing N N 39  
ASN N   H    sing N N 40  
ASN N   H2   sing N N 41  
ASN CA  C    sing N N 42  
ASN CA  CB   sing N N 43  
ASN CA  HA   sing N N 44  
ASN C   O    doub N N 45  
ASN C   OXT  sing N N 46  
ASN CB  CG   sing N N 47  
ASN CB  HB2  sing N N 48  
ASN CB  HB3  sing N N 49  
ASN CG  OD1  doub N N 50  
ASN CG  ND2  sing N N 51  
ASN ND2 HD21 sing N N 52  
ASN ND2 HD22 sing N N 53  
ASN OXT HXT  sing N N 54  
ASP N   CA   sing N N 55  
ASP N   H    sing N N 56  
ASP N   H2   sing N N 57  
ASP CA  C    sing N N 58  
ASP CA  CB   sing N N 59  
ASP CA  HA   sing N N 60  
ASP C   O    doub N N 61  
ASP C   OXT  sing N N 62  
ASP CB  CG   sing N N 63  
ASP CB  HB2  sing N N 64  
ASP CB  HB3  sing N N 65  
ASP CG  OD1  doub N N 66  
ASP CG  OD2  sing N N 67  
ASP OD2 HD2  sing N N 68  
ASP OXT HXT  sing N N 69  
CYS N   CA   sing N N 70  
CYS N   H    sing N N 71  
CYS N   H2   sing N N 72  
CYS CA  C    sing N N 73  
CYS CA  CB   sing N N 74  
CYS CA  HA   sing N N 75  
CYS C   O    doub N N 76  
CYS C   OXT  sing N N 77  
CYS CB  SG   sing N N 78  
CYS CB  HB2  sing N N 79  
CYS CB  HB3  sing N N 80  
CYS SG  HG   sing N N 81  
CYS OXT HXT  sing N N 82  
GLN N   CA   sing N N 83  
GLN N   H    sing N N 84  
GLN N   H2   sing N N 85  
GLN CA  C    sing N N 86  
GLN CA  CB   sing N N 87  
GLN CA  HA   sing N N 88  
GLN C   O    doub N N 89  
GLN C   OXT  sing N N 90  
GLN CB  CG   sing N N 91  
GLN CB  HB2  sing N N 92  
GLN CB  HB3  sing N N 93  
GLN CG  CD   sing N N 94  
GLN CG  HG2  sing N N 95  
GLN CG  HG3  sing N N 96  
GLN CD  OE1  doub N N 97  
GLN CD  NE2  sing N N 98  
GLN NE2 HE21 sing N N 99  
GLN NE2 HE22 sing N N 100 
GLN OXT HXT  sing N N 101 
GLU N   CA   sing N N 102 
GLU N   H    sing N N 103 
GLU N   H2   sing N N 104 
GLU CA  C    sing N N 105 
GLU CA  CB   sing N N 106 
GLU CA  HA   sing N N 107 
GLU C   O    doub N N 108 
GLU C   OXT  sing N N 109 
GLU CB  CG   sing N N 110 
GLU CB  HB2  sing N N 111 
GLU CB  HB3  sing N N 112 
GLU CG  CD   sing N N 113 
GLU CG  HG2  sing N N 114 
GLU CG  HG3  sing N N 115 
GLU CD  OE1  doub N N 116 
GLU CD  OE2  sing N N 117 
GLU OE2 HE2  sing N N 118 
GLU OXT HXT  sing N N 119 
GLY N   CA   sing N N 120 
GLY N   H    sing N N 121 
GLY N   H2   sing N N 122 
GLY CA  C    sing N N 123 
GLY CA  HA2  sing N N 124 
GLY CA  HA3  sing N N 125 
GLY C   O    doub N N 126 
GLY C   OXT  sing N N 127 
GLY OXT HXT  sing N N 128 
GOL C1  O1   sing N N 129 
GOL C1  C2   sing N N 130 
GOL C1  H11  sing N N 131 
GOL C1  H12  sing N N 132 
GOL O1  HO1  sing N N 133 
GOL C2  O2   sing N N 134 
GOL C2  C3   sing N N 135 
GOL C2  H2   sing N N 136 
GOL O2  HO2  sing N N 137 
GOL C3  O3   sing N N 138 
GOL C3  H31  sing N N 139 
GOL C3  H32  sing N N 140 
GOL O3  HO3  sing N N 141 
HIS N   CA   sing N N 142 
HIS N   H    sing N N 143 
HIS N   H2   sing N N 144 
HIS CA  C    sing N N 145 
HIS CA  CB   sing N N 146 
HIS CA  HA   sing N N 147 
HIS C   O    doub N N 148 
HIS C   OXT  sing N N 149 
HIS CB  CG   sing N N 150 
HIS CB  HB2  sing N N 151 
HIS CB  HB3  sing N N 152 
HIS CG  ND1  sing Y N 153 
HIS CG  CD2  doub Y N 154 
HIS ND1 CE1  doub Y N 155 
HIS ND1 HD1  sing N N 156 
HIS CD2 NE2  sing Y N 157 
HIS CD2 HD2  sing N N 158 
HIS CE1 NE2  sing Y N 159 
HIS CE1 HE1  sing N N 160 
HIS NE2 HE2  sing N N 161 
HIS OXT HXT  sing N N 162 
HOH O   H1   sing N N 163 
HOH O   H2   sing N N 164 
ILE N   CA   sing N N 165 
ILE N   H    sing N N 166 
ILE N   H2   sing N N 167 
ILE CA  C    sing N N 168 
ILE CA  CB   sing N N 169 
ILE CA  HA   sing N N 170 
ILE C   O    doub N N 171 
ILE C   OXT  sing N N 172 
ILE CB  CG1  sing N N 173 
ILE CB  CG2  sing N N 174 
ILE CB  HB   sing N N 175 
ILE CG1 CD1  sing N N 176 
ILE CG1 HG12 sing N N 177 
ILE CG1 HG13 sing N N 178 
ILE CG2 HG21 sing N N 179 
ILE CG2 HG22 sing N N 180 
ILE CG2 HG23 sing N N 181 
ILE CD1 HD11 sing N N 182 
ILE CD1 HD12 sing N N 183 
ILE CD1 HD13 sing N N 184 
ILE OXT HXT  sing N N 185 
LEU N   CA   sing N N 186 
LEU N   H    sing N N 187 
LEU N   H2   sing N N 188 
LEU CA  C    sing N N 189 
LEU CA  CB   sing N N 190 
LEU CA  HA   sing N N 191 
LEU C   O    doub N N 192 
LEU C   OXT  sing N N 193 
LEU CB  CG   sing N N 194 
LEU CB  HB2  sing N N 195 
LEU CB  HB3  sing N N 196 
LEU CG  CD1  sing N N 197 
LEU CG  CD2  sing N N 198 
LEU CG  HG   sing N N 199 
LEU CD1 HD11 sing N N 200 
LEU CD1 HD12 sing N N 201 
LEU CD1 HD13 sing N N 202 
LEU CD2 HD21 sing N N 203 
LEU CD2 HD22 sing N N 204 
LEU CD2 HD23 sing N N 205 
LEU OXT HXT  sing N N 206 
LYS N   CA   sing N N 207 
LYS N   H    sing N N 208 
LYS N   H2   sing N N 209 
LYS CA  C    sing N N 210 
LYS CA  CB   sing N N 211 
LYS CA  HA   sing N N 212 
LYS C   O    doub N N 213 
LYS C   OXT  sing N N 214 
LYS CB  CG   sing N N 215 
LYS CB  HB2  sing N N 216 
LYS CB  HB3  sing N N 217 
LYS CG  CD   sing N N 218 
LYS CG  HG2  sing N N 219 
LYS CG  HG3  sing N N 220 
LYS CD  CE   sing N N 221 
LYS CD  HD2  sing N N 222 
LYS CD  HD3  sing N N 223 
LYS CE  NZ   sing N N 224 
LYS CE  HE2  sing N N 225 
LYS CE  HE3  sing N N 226 
LYS NZ  HZ1  sing N N 227 
LYS NZ  HZ2  sing N N 228 
LYS NZ  HZ3  sing N N 229 
LYS OXT HXT  sing N N 230 
MET N   CA   sing N N 231 
MET N   H    sing N N 232 
MET N   H2   sing N N 233 
MET CA  C    sing N N 234 
MET CA  CB   sing N N 235 
MET CA  HA   sing N N 236 
MET C   O    doub N N 237 
MET C   OXT  sing N N 238 
MET CB  CG   sing N N 239 
MET CB  HB2  sing N N 240 
MET CB  HB3  sing N N 241 
MET CG  SD   sing N N 242 
MET CG  HG2  sing N N 243 
MET CG  HG3  sing N N 244 
MET SD  CE   sing N N 245 
MET CE  HE1  sing N N 246 
MET CE  HE2  sing N N 247 
MET CE  HE3  sing N N 248 
MET OXT HXT  sing N N 249 
PHE N   CA   sing N N 250 
PHE N   H    sing N N 251 
PHE N   H2   sing N N 252 
PHE CA  C    sing N N 253 
PHE CA  CB   sing N N 254 
PHE CA  HA   sing N N 255 
PHE C   O    doub N N 256 
PHE C   OXT  sing N N 257 
PHE CB  CG   sing N N 258 
PHE CB  HB2  sing N N 259 
PHE CB  HB3  sing N N 260 
PHE CG  CD1  doub Y N 261 
PHE CG  CD2  sing Y N 262 
PHE CD1 CE1  sing Y N 263 
PHE CD1 HD1  sing N N 264 
PHE CD2 CE2  doub Y N 265 
PHE CD2 HD2  sing N N 266 
PHE CE1 CZ   doub Y N 267 
PHE CE1 HE1  sing N N 268 
PHE CE2 CZ   sing Y N 269 
PHE CE2 HE2  sing N N 270 
PHE CZ  HZ   sing N N 271 
PHE OXT HXT  sing N N 272 
PRO N   CA   sing N N 273 
PRO N   CD   sing N N 274 
PRO N   H    sing N N 275 
PRO CA  C    sing N N 276 
PRO CA  CB   sing N N 277 
PRO CA  HA   sing N N 278 
PRO C   O    doub N N 279 
PRO C   OXT  sing N N 280 
PRO CB  CG   sing N N 281 
PRO CB  HB2  sing N N 282 
PRO CB  HB3  sing N N 283 
PRO CG  CD   sing N N 284 
PRO CG  HG2  sing N N 285 
PRO CG  HG3  sing N N 286 
PRO CD  HD2  sing N N 287 
PRO CD  HD3  sing N N 288 
PRO OXT HXT  sing N N 289 
SER N   CA   sing N N 290 
SER N   H    sing N N 291 
SER N   H2   sing N N 292 
SER CA  C    sing N N 293 
SER CA  CB   sing N N 294 
SER CA  HA   sing N N 295 
SER C   O    doub N N 296 
SER C   OXT  sing N N 297 
SER CB  OG   sing N N 298 
SER CB  HB2  sing N N 299 
SER CB  HB3  sing N N 300 
SER OG  HG   sing N N 301 
SER OXT HXT  sing N N 302 
THR N   CA   sing N N 303 
THR N   H    sing N N 304 
THR N   H2   sing N N 305 
THR CA  C    sing N N 306 
THR CA  CB   sing N N 307 
THR CA  HA   sing N N 308 
THR C   O    doub N N 309 
THR C   OXT  sing N N 310 
THR CB  OG1  sing N N 311 
THR CB  CG2  sing N N 312 
THR CB  HB   sing N N 313 
THR OG1 HG1  sing N N 314 
THR CG2 HG21 sing N N 315 
THR CG2 HG22 sing N N 316 
THR CG2 HG23 sing N N 317 
THR OXT HXT  sing N N 318 
TRP N   CA   sing N N 319 
TRP N   H    sing N N 320 
TRP N   H2   sing N N 321 
TRP CA  C    sing N N 322 
TRP CA  CB   sing N N 323 
TRP CA  HA   sing N N 324 
TRP C   O    doub N N 325 
TRP C   OXT  sing N N 326 
TRP CB  CG   sing N N 327 
TRP CB  HB2  sing N N 328 
TRP CB  HB3  sing N N 329 
TRP CG  CD1  doub Y N 330 
TRP CG  CD2  sing Y N 331 
TRP CD1 NE1  sing Y N 332 
TRP CD1 HD1  sing N N 333 
TRP CD2 CE2  doub Y N 334 
TRP CD2 CE3  sing Y N 335 
TRP NE1 CE2  sing Y N 336 
TRP NE1 HE1  sing N N 337 
TRP CE2 CZ2  sing Y N 338 
TRP CE3 CZ3  doub Y N 339 
TRP CE3 HE3  sing N N 340 
TRP CZ2 CH2  doub Y N 341 
TRP CZ2 HZ2  sing N N 342 
TRP CZ3 CH2  sing Y N 343 
TRP CZ3 HZ3  sing N N 344 
TRP CH2 HH2  sing N N 345 
TRP OXT HXT  sing N N 346 
TYR N   CA   sing N N 347 
TYR N   H    sing N N 348 
TYR N   H2   sing N N 349 
TYR CA  C    sing N N 350 
TYR CA  CB   sing N N 351 
TYR CA  HA   sing N N 352 
TYR C   O    doub N N 353 
TYR C   OXT  sing N N 354 
TYR CB  CG   sing N N 355 
TYR CB  HB2  sing N N 356 
TYR CB  HB3  sing N N 357 
TYR CG  CD1  doub Y N 358 
TYR CG  CD2  sing Y N 359 
TYR CD1 CE1  sing Y N 360 
TYR CD1 HD1  sing N N 361 
TYR CD2 CE2  doub Y N 362 
TYR CD2 HD2  sing N N 363 
TYR CE1 CZ   doub Y N 364 
TYR CE1 HE1  sing N N 365 
TYR CE2 CZ   sing Y N 366 
TYR CE2 HE2  sing N N 367 
TYR CZ  OH   sing N N 368 
TYR OH  HH   sing N N 369 
TYR OXT HXT  sing N N 370 
VAL N   CA   sing N N 371 
VAL N   H    sing N N 372 
VAL N   H2   sing N N 373 
VAL CA  C    sing N N 374 
VAL CA  CB   sing N N 375 
VAL CA  HA   sing N N 376 
VAL C   O    doub N N 377 
VAL C   OXT  sing N N 378 
VAL CB  CG1  sing N N 379 
VAL CB  CG2  sing N N 380 
VAL CB  HB   sing N N 381 
VAL CG1 HG11 sing N N 382 
VAL CG1 HG12 sing N N 383 
VAL CG1 HG13 sing N N 384 
VAL CG2 HG21 sing N N 385 
VAL CG2 HG22 sing N N 386 
VAL CG2 HG23 sing N N 387 
VAL OXT HXT  sing N N 388 
# 
_atom_sites.entry_id                    2FYG 
_atom_sites.fract_transf_matrix[1][1]   0.00827045 
_atom_sites.fract_transf_matrix[1][2]   0.00095945 
_atom_sites.fract_transf_matrix[1][3]   -0.00387858 
_atom_sites.fract_transf_matrix[2][1]   0.00307164 
_atom_sites.fract_transf_matrix[2][2]   0.00417530 
_atom_sites.fract_transf_matrix[2][3]   0.00758262 
_atom_sites.fract_transf_matrix[3][1]   0.00255518 
_atom_sites.fract_transf_matrix[3][2]   -0.00812469 
_atom_sites.fract_transf_matrix[3][3]   0.00343870 
_atom_sites.fract_transf_vector[1]      0.122905 
_atom_sites.fract_transf_vector[2]      0.199008 
_atom_sites.fract_transf_vector[3]      -0.048802 
# 
loop_
_atom_type.symbol 
C  
N  
O  
S  
ZN 
# 
loop_
_atom_site.group_PDB 
_atom_site.id 
_atom_site.type_symbol 
_atom_site.label_atom_id 
_atom_site.label_alt_id 
_atom_site.label_comp_id 
_atom_site.label_asym_id 
_atom_site.label_entity_id 
_atom_site.label_seq_id 
_atom_site.pdbx_PDB_ins_code 
_atom_site.Cartn_x 
_atom_site.Cartn_y 
_atom_site.Cartn_z 
_atom_site.occupancy 
_atom_site.B_iso_or_equiv 
_atom_site.pdbx_formal_charge 
_atom_site.auth_seq_id 
_atom_site.auth_comp_id 
_atom_site.auth_asym_id 
_atom_site.auth_atom_id 
_atom_site.pdbx_PDB_model_num 
ATOM   1    N  N   . HIS A 1 1   ? 23.999  -12.172 10.176  1.00 49.45 ? 5   HIS A N   1 
ATOM   2    C  CA  . HIS A 1 1   ? 23.581  -12.900 8.945   1.00 49.04 ? 5   HIS A CA  1 
ATOM   3    C  C   . HIS A 1 1   ? 22.164  -12.588 8.480   1.00 47.81 ? 5   HIS A C   1 
ATOM   4    O  O   . HIS A 1 1   ? 21.741  -11.448 8.316   1.00 47.71 ? 5   HIS A O   1 
ATOM   5    C  CB  . HIS A 1 1   ? 23.729  -14.440 9.090   1.00 49.61 ? 5   HIS A CB  1 
ATOM   6    C  CG  . HIS A 1 1   ? 23.724  -14.949 10.503  1.00 51.61 ? 5   HIS A CG  1 
ATOM   7    N  ND1 . HIS A 1 1   ? 24.730  -15.753 11.004  1.00 53.52 ? 5   HIS A ND1 1 
ATOM   8    C  CD2 . HIS A 1 1   ? 22.842  -14.780 11.518  1.00 53.15 ? 5   HIS A CD2 1 
ATOM   9    C  CE1 . HIS A 1 1   ? 24.472  -16.047 12.267  1.00 53.54 ? 5   HIS A CE1 1 
ATOM   10   N  NE2 . HIS A 1 1   ? 23.335  -15.466 12.605  1.00 53.82 ? 5   HIS A NE2 1 
ATOM   11   N  N   . HIS A 1 2   ? 21.446  -13.680 8.328   1.00 46.28 ? 6   HIS A N   1 
ATOM   12   C  CA  . HIS A 1 2   ? 20.191  -13.788 7.634   1.00 44.44 ? 6   HIS A CA  1 
ATOM   13   C  C   . HIS A 1 2   ? 19.770  -12.989 6.437   1.00 42.06 ? 6   HIS A C   1 
ATOM   14   O  O   . HIS A 1 2   ? 19.123  -11.932 6.485   1.00 41.49 ? 6   HIS A O   1 
ATOM   15   C  CB  . HIS A 1 2   ? 19.056  -14.263 8.491   1.00 44.65 ? 6   HIS A CB  1 
ATOM   16   C  CG  . HIS A 1 2   ? 18.881  -15.742 8.413   1.00 45.67 ? 6   HIS A CG  1 
ATOM   17   N  ND1 . HIS A 1 2   ? 19.767  -16.623 9.000   1.00 44.59 ? 6   HIS A ND1 1 
ATOM   18   C  CD2 . HIS A 1 2   ? 17.949  -16.500 7.787   1.00 46.56 ? 6   HIS A CD2 1 
ATOM   19   C  CE1 . HIS A 1 2   ? 19.377  -17.860 8.752   1.00 47.19 ? 6   HIS A CE1 1 
ATOM   20   N  NE2 . HIS A 1 2   ? 18.269  -17.815 8.033   1.00 48.23 ? 6   HIS A NE2 1 
ATOM   21   N  N   . HIS A 1 3   ? 20.184  -13.586 5.345   1.00 39.90 ? 7   HIS A N   1 
ATOM   22   C  CA  . HIS A 1 3   ? 19.486  -13.503 4.104   1.00 38.00 ? 7   HIS A CA  1 
ATOM   23   C  C   . HIS A 1 3   ? 17.955  -13.361 4.291   1.00 37.05 ? 7   HIS A C   1 
ATOM   24   O  O   . HIS A 1 3   ? 17.332  -13.865 5.257   1.00 36.16 ? 7   HIS A O   1 
ATOM   25   C  CB  . HIS A 1 3   ? 19.818  -14.758 3.312   1.00 37.83 ? 7   HIS A CB  1 
ATOM   26   C  CG  . HIS A 1 3   ? 19.650  -16.020 4.096   1.00 36.23 ? 7   HIS A CG  1 
ATOM   27   N  ND1 . HIS A 1 3   ? 20.653  -16.550 4.878   1.00 36.97 ? 7   HIS A ND1 1 
ATOM   28   C  CD2 . HIS A 1 3   ? 18.598  -16.862 4.210   1.00 34.37 ? 7   HIS A CD2 1 
ATOM   29   C  CE1 . HIS A 1 3   ? 20.228  -17.671 5.433   1.00 34.76 ? 7   HIS A CE1 1 
ATOM   30   N  NE2 . HIS A 1 3   ? 18.983  -17.880 5.049   1.00 35.33 ? 7   HIS A NE2 1 
ATOM   31   N  N   . HIS A 1 4   ? 17.359  -12.628 3.368   1.00 35.42 ? 8   HIS A N   1 
ATOM   32   C  CA  . HIS A 1 4   ? 15.968  -12.319 3.491   1.00 33.97 ? 8   HIS A CA  1 
ATOM   33   C  C   . HIS A 1 4   ? 15.287  -12.482 2.170   1.00 33.04 ? 8   HIS A C   1 
ATOM   34   O  O   . HIS A 1 4   ? 15.841  -12.171 1.105   1.00 32.33 ? 8   HIS A O   1 
ATOM   35   C  CB  . HIS A 1 4   ? 15.732  -10.901 4.019   1.00 34.35 ? 8   HIS A CB  1 
ATOM   36   C  CG  . HIS A 1 4   ? 14.283  -10.584 4.237   1.00 34.28 ? 8   HIS A CG  1 
ATOM   37   N  ND1 . HIS A 1 4   ? 13.585  -11.040 5.334   1.00 36.56 ? 8   HIS A ND1 1 
ATOM   38   C  CD2 . HIS A 1 4   ? 13.392  -9.896  3.483   1.00 35.13 ? 8   HIS A CD2 1 
ATOM   39   C  CE1 . HIS A 1 4   ? 12.334  -10.622 5.265   1.00 35.38 ? 8   HIS A CE1 1 
ATOM   40   N  NE2 . HIS A 1 4   ? 12.186  -9.934  4.145   1.00 33.83 ? 8   HIS A NE2 1 
ATOM   41   N  N   . HIS A 1 5   ? 14.016  -12.829 2.330   1.00 31.26 ? 9   HIS A N   1 
ATOM   42   C  CA  . HIS A 1 5   ? 13.173  -13.441 1.381   1.00 28.18 ? 9   HIS A CA  1 
ATOM   43   C  C   . HIS A 1 5   ? 11.779  -12.867 1.443   1.00 24.30 ? 9   HIS A C   1 
ATOM   44   O  O   . HIS A 1 5   ? 11.077  -13.130 2.382   1.00 23.10 ? 9   HIS A O   1 
ATOM   45   C  CB  . HIS A 1 5   ? 12.983  -14.809 1.940   1.00 30.19 ? 9   HIS A CB  1 
ATOM   46   C  CG  . HIS A 1 5   ? 13.121  -15.864 0.936   1.00 29.06 ? 9   HIS A CG  1 
ATOM   47   N  ND1 . HIS A 1 5   ? 12.668  -17.158 1.124   1.00 33.06 ? 9   HIS A ND1 1 
ATOM   48   C  CD2 . HIS A 1 5   ? 13.669  -15.820 -0.288  1.00 27.85 ? 9   HIS A CD2 1 
ATOM   49   C  CE1 . HIS A 1 5   ? 12.962  -17.864 0.050   1.00 24.31 ? 9   HIS A CE1 1 
ATOM   50   N  NE2 . HIS A 1 5   ? 13.557  -17.065 -0.812  1.00 8.25  ? 9   HIS A NE2 1 
ATOM   51   N  N   . ASN A 1 6   ? 11.353  -12.159 0.420   1.00 21.34 ? 10  ASN A N   1 
ATOM   52   C  CA  . ASN A 1 6   ? 10.001  -11.631 0.413   1.00 20.04 ? 10  ASN A CA  1 
ATOM   53   C  C   . ASN A 1 6   ? 8.933   -12.702 0.532   1.00 18.15 ? 10  ASN A C   1 
ATOM   54   O  O   . ASN A 1 6   ? 7.902   -12.516 1.208   1.00 16.20 ? 10  ASN A O   1 
ATOM   55   C  CB  . ASN A 1 6   ? 9.787   -10.939 -0.890  1.00 22.21 ? 10  ASN A CB  1 
ATOM   56   C  CG  . ASN A 1 6   ? 9.050   -9.717  -0.733  1.00 26.59 ? 10  ASN A CG  1 
ATOM   57   O  OD1 . ASN A 1 6   ? 7.963   -9.579  -1.302  1.00 34.64 ? 10  ASN A OD1 1 
ATOM   58   N  ND2 . ASN A 1 6   ? 9.598   -8.789  0.062   1.00 27.13 ? 10  ASN A ND2 1 
ATOM   59   N  N   . SER A 1 7   ? 9.166   -13.812 -0.161  1.00 15.88 ? 11  SER A N   1 
ATOM   60   C  CA  . SER A 1 7   ? 8.189   -14.907 -0.196  1.00 15.63 ? 11  SER A CA  1 
ATOM   61   C  C   . SER A 1 7   ? 8.002   -15.526 1.186   1.00 16.61 ? 11  SER A C   1 
ATOM   62   O  O   . SER A 1 7   ? 6.925   -15.989 1.499   1.00 17.72 ? 11  SER A O   1 
ATOM   63   C  CB  . SER A 1 7   ? 8.553   -15.946 -1.270  1.00 14.07 ? 11  SER A CB  1 
ATOM   64   O  OG  . SER A 1 7   ? 9.788   -16.561 -0.980  1.00 13.88 ? 11  SER A OG  1 
ATOM   65   N  N   . THR A 1 8   ? 9.043   -15.480 2.018   1.00 17.33 ? 12  THR A N   1 
ATOM   66   C  CA  . THR A 1 8   ? 8.972   -15.963 3.406   1.00 18.48 ? 12  THR A CA  1 
ATOM   67   C  C   . THR A 1 8   ? 7.952   -15.141 4.198   1.00 16.72 ? 12  THR A C   1 
ATOM   68   O  O   . THR A 1 8   ? 7.092   -15.685 4.912   1.00 16.07 ? 12  THR A O   1 
ATOM   69   C  CB  . THR A 1 8   ? 10.356  -15.814 4.023   1.00 18.88 ? 12  THR A CB  1 
ATOM   70   O  OG1 . THR A 1 8   ? 11.234  -16.712 3.328   1.00 24.27 ? 12  THR A OG1 1 
ATOM   71   C  CG2 . THR A 1 8   ? 10.375  -16.147 5.540   1.00 23.95 ? 12  THR A CG2 1 
ATOM   72   N  N   . VAL A 1 9   ? 8.065   -13.828 4.060   1.00 15.53 ? 13  VAL A N   1 
ATOM   73   C  CA  . VAL A 1 9   ? 7.156   -12.889 4.737   1.00 15.41 ? 13  VAL A CA  1 
ATOM   74   C  C   . VAL A 1 9   ? 5.739   -13.034 4.206   1.00 14.91 ? 13  VAL A C   1 
ATOM   75   O  O   . VAL A 1 9   ? 4.789   -13.121 4.972   1.00 14.29 ? 13  VAL A O   1 
ATOM   76   C  CB  . VAL A 1 9   ? 7.655   -11.416 4.587   1.00 16.34 ? 13  VAL A CB  1 
ATOM   77   C  CG1 . VAL A 1 9   ? 6.721   -10.444 5.308   1.00 17.89 ? 13  VAL A CG1 1 
ATOM   78   C  CG2 . VAL A 1 9   ? 9.095   -11.271 5.150   1.00 16.71 ? 13  VAL A CG2 1 
ATOM   79   N  N   . LEU A 1 10  ? 5.579   -13.060 2.880   1.00 13.63 ? 14  LEU A N   1 
ATOM   80   C  CA  . LEU A 1 10  ? 4.265   -13.210 2.297   1.00 13.83 ? 14  LEU A CA  1 
ATOM   81   C  C   . LEU A 1 10  ? 3.620   -14.543 2.654   1.00 13.82 ? 14  LEU A C   1 
ATOM   82   O  O   . LEU A 1 10  ? 2.418   -14.583 2.892   1.00 15.03 ? 14  LEU A O   1 
ATOM   83   C  CB  . LEU A 1 10  ? 4.316   -13.037 0.772   1.00 12.83 ? 14  LEU A CB  1 
ATOM   84   C  CG  . LEU A 1 10  ? 4.629   -11.582 0.371   1.00 13.84 ? 14  LEU A CG  1 
ATOM   85   C  CD1 . LEU A 1 10  ? 4.976   -11.576 -1.107  1.00 12.84 ? 14  LEU A CD1 1 
ATOM   86   C  CD2 . LEU A 1 10  ? 3.499   -10.578 0.653   1.00 16.39 ? 14  LEU A CD2 1 
ATOM   87   N  N   . SER A 1 11  ? 4.410   -15.608 2.689   1.00 14.16 ? 15  SER A N   1 
ATOM   88   C  CA  . SER A 1 11  ? 3.905   -16.932 3.100   1.00 15.25 ? 15  SER A CA  1 
ATOM   89   C  C   . SER A 1 11  ? 3.399   -16.859 4.545   1.00 14.85 ? 15  SER A C   1 
ATOM   90   O  O   . SER A 1 11  ? 2.281   -17.268 4.839   1.00 15.24 ? 15  SER A O   1 
ATOM   91   C  CB  . SER A 1 11  ? 4.995   -17.993 2.996   1.00 16.05 ? 15  SER A CB  1 
ATOM   92   O  OG  . SER A 1 11  ? 4.509   -19.244 3.484   1.00 16.52 ? 15  SER A OG  1 
ATOM   93   N  N   . PHE A 1 12  ? 4.227   -16.324 5.433   1.00 14.27 ? 16  PHE A N   1 
ATOM   94   C  CA  . PHE A 1 12  ? 3.847   -16.164 6.829   1.00 14.46 ? 16  PHE A CA  1 
ATOM   95   C  C   . PHE A 1 12  ? 2.518   -15.451 6.978   1.00 15.03 ? 16  PHE A C   1 
ATOM   96   O  O   . PHE A 1 12  ? 1.636   -15.911 7.751   1.00 14.81 ? 16  PHE A O   1 
ATOM   97   C  CB  . PHE A 1 12  ? 4.966   -15.464 7.588   1.00 13.53 ? 16  PHE A CB  1 
ATOM   98   C  CG  . PHE A 1 12  ? 4.720   -15.326 9.072   1.00 12.95 ? 16  PHE A CG  1 
ATOM   99   C  CD1 . PHE A 1 12  ? 4.957   -16.380 9.945   1.00 15.58 ? 16  PHE A CD1 1 
ATOM   100  C  CD2 . PHE A 1 12  ? 4.261   -14.109 9.583   1.00 16.57 ? 16  PHE A CD2 1 
ATOM   101  C  CE1 . PHE A 1 12  ? 4.742   -16.210 11.329  1.00 17.11 ? 16  PHE A CE1 1 
ATOM   102  C  CE2 . PHE A 1 12  ? 4.049   -13.935 10.953  1.00 17.04 ? 16  PHE A CE2 1 
ATOM   103  C  CZ  . PHE A 1 12  ? 4.287   -14.986 11.813  1.00 16.70 ? 16  PHE A CZ  1 
ATOM   104  N  N   . CYS A 1 13  ? 2.364   -14.336 6.256   1.00 14.88 ? 17  CYS A N   1 
ATOM   105  C  CA  . CYS A 1 13  ? 1.127   -13.558 6.354   1.00 15.83 ? 17  CYS A CA  1 
ATOM   106  C  C   . CYS A 1 13  ? -0.054  -14.264 5.674   1.00 16.13 ? 17  CYS A C   1 
ATOM   107  O  O   . CYS A 1 13  ? -1.151  -14.262 6.226   1.00 17.19 ? 17  CYS A O   1 
ATOM   108  C  CB  . CYS A 1 13  ? 1.312   -12.142 5.793   1.00 15.29 ? 17  CYS A CB  1 
ATOM   109  S  SG  . CYS A 1 13  ? 2.526   -11.237 6.748   1.00 18.28 ? 17  CYS A SG  1 
ATOM   110  N  N   . ALA A 1 14  ? 0.165   -14.829 4.486   1.00 16.21 ? 18  ALA A N   1 
ATOM   111  C  CA  . ALA A 1 14  ? -0.878  -15.491 3.705   1.00 17.00 ? 18  ALA A CA  1 
ATOM   112  C  C   . ALA A 1 14  ? -1.567  -16.589 4.526   1.00 18.20 ? 18  ALA A C   1 
ATOM   113  O  O   . ALA A 1 14  ? -2.793  -16.730 4.456   1.00 19.22 ? 18  ALA A O   1 
ATOM   114  C  CB  . ALA A 1 14  ? -0.291  -16.103 2.436   1.00 17.57 ? 18  ALA A CB  1 
ATOM   115  N  N   . PHE A 1 15  ? -0.769  -17.371 5.257   1.00 17.50 ? 19  PHE A N   1 
ATOM   116  C  CA  . PHE A 1 15  ? -1.296  -18.515 6.011   1.00 17.95 ? 19  PHE A CA  1 
ATOM   117  C  C   . PHE A 1 15  ? -1.683  -18.178 7.447   1.00 19.04 ? 19  PHE A C   1 
ATOM   118  O  O   . PHE A 1 15  ? -2.165  -19.066 8.173   1.00 19.80 ? 19  PHE A O   1 
ATOM   119  C  CB  . PHE A 1 15  ? -0.338  -19.703 5.934   1.00 17.42 ? 19  PHE A CB  1 
ATOM   120  C  CG  . PHE A 1 15  ? -0.164  -20.239 4.543   1.00 18.71 ? 19  PHE A CG  1 
ATOM   121  C  CD1 . PHE A 1 15  ? -1.237  -20.817 3.874   1.00 17.53 ? 19  PHE A CD1 1 
ATOM   122  C  CD2 . PHE A 1 15  ? 1.065   -20.168 3.913   1.00 16.62 ? 19  PHE A CD2 1 
ATOM   123  C  CE1 . PHE A 1 15  ? -1.083  -21.312 2.594   1.00 18.59 ? 19  PHE A CE1 1 
ATOM   124  C  CE2 . PHE A 1 15  ? 1.239   -20.664 2.628   1.00 18.49 ? 19  PHE A CE2 1 
ATOM   125  C  CZ  . PHE A 1 15  ? 0.164   -21.236 1.965   1.00 20.21 ? 19  PHE A CZ  1 
ATOM   126  N  N   . ALA A 1 16  ? -1.504  -16.912 7.850   1.00 18.87 ? 20  ALA A N   1 
ATOM   127  C  CA  . ALA A 1 16  ? -1.932  -16.436 9.180   1.00 20.01 ? 20  ALA A CA  1 
ATOM   128  C  C   . ALA A 1 16  ? -3.448  -16.331 9.225   1.00 21.34 ? 20  ALA A C   1 
ATOM   129  O  O   . ALA A 1 16  ? -4.090  -16.024 8.228   1.00 21.54 ? 20  ALA A O   1 
ATOM   130  C  CB  . ALA A 1 16  ? -1.299  -15.053 9.517   1.00 19.44 ? 20  ALA A CB  1 
ATOM   131  N  N   . VAL A 1 17  ? -4.043  -16.602 10.375  1.00 23.79 ? 21  VAL A N   1 
ATOM   132  C  CA  . VAL A 1 17  ? -5.503  -16.408 10.452  1.00 24.70 ? 21  VAL A CA  1 
ATOM   133  C  C   . VAL A 1 17  ? -5.879  -14.913 10.331  1.00 24.36 ? 21  VAL A C   1 
ATOM   134  O  O   . VAL A 1 17  ? -6.938  -14.581 9.793   1.00 24.14 ? 21  VAL A O   1 
ATOM   135  C  CB  . VAL A 1 17  ? -6.135  -17.122 11.660  1.00 26.05 ? 21  VAL A CB  1 
ATOM   136  C  CG1 . VAL A 1 17  ? -6.040  -18.658 11.446  1.00 25.75 ? 21  VAL A CG1 1 
ATOM   137  C  CG2 . VAL A 1 17  ? -5.467  -16.693 12.948  1.00 27.44 ? 21  VAL A CG2 1 
ATOM   138  N  N   . ASP A 1 18  ? -4.988  -14.019 10.764  1.00 23.24 ? 22  ASP A N   1 
ATOM   139  C  CA  . ASP A 1 18  ? -5.190  -12.579 10.538  1.00 22.47 ? 22  ASP A CA  1 
ATOM   140  C  C   . ASP A 1 18  ? -3.963  -12.004 9.816   1.00 21.73 ? 22  ASP A C   1 
ATOM   141  O  O   . ASP A 1 18  ? -3.002  -11.618 10.474  1.00 21.16 ? 22  ASP A O   1 
ATOM   142  C  CB  . ASP A 1 18  ? -5.338  -11.876 11.879  1.00 22.99 ? 22  ASP A CB  1 
ATOM   143  C  CG  . ASP A 1 18  ? -5.754  -10.420 11.749  1.00 24.57 ? 22  ASP A CG  1 
ATOM   144  O  OD1 . ASP A 1 18  ? -5.531  -9.774  10.687  1.00 25.14 ? 22  ASP A OD1 1 
ATOM   145  O  OD2 . ASP A 1 18  ? -6.333  -9.909  12.741  1.00 26.44 ? 22  ASP A OD2 1 
ATOM   146  N  N   . PRO A 1 19  ? -3.979  -11.986 8.472   1.00 20.32 ? 23  PRO A N   1 
ATOM   147  C  CA  . PRO A 1 19  ? -2.761  -11.553 7.745   1.00 19.69 ? 23  PRO A CA  1 
ATOM   148  C  C   . PRO A 1 19  ? -2.350  -10.110 7.994   1.00 18.98 ? 23  PRO A C   1 
ATOM   149  O  O   . PRO A 1 19  ? -1.155  -9.807  8.060   1.00 17.75 ? 23  PRO A O   1 
ATOM   150  C  CB  . PRO A 1 19  ? -3.111  -11.758 6.275   1.00 19.47 ? 23  PRO A CB  1 
ATOM   151  C  CG  . PRO A 1 19  ? -4.564  -12.001 6.213   1.00 22.15 ? 23  PRO A CG  1 
ATOM   152  C  CD  . PRO A 1 19  ? -5.069  -12.400 7.580   1.00 21.04 ? 23  PRO A CD  1 
ATOM   153  N  N   . ALA A 1 20  ? -3.329  -9.215  8.144   1.00 18.04 ? 24  ALA A N   1 
ATOM   154  C  CA  . ALA A 1 20  ? -3.015  -7.831  8.425   1.00 18.70 ? 24  ALA A CA  1 
ATOM   155  C  C   . ALA A 1 20  ? -2.285  -7.651  9.746   1.00 18.45 ? 24  ALA A C   1 
ATOM   156  O  O   . ALA A 1 20  ? -1.312  -6.899  9.805   1.00 17.94 ? 24  ALA A O   1 
ATOM   157  C  CB  . ALA A 1 20  ? -4.271  -6.963  8.363   1.00 19.62 ? 24  ALA A CB  1 
ATOM   158  N  N   . LYS A 1 21  ? -2.754  -8.313  10.808  1.00 18.44 ? 25  LYS A N   1 
ATOM   159  C  CA  . LYS A 1 21  ? -2.068  -8.251  12.109  1.00 20.10 ? 25  LYS A CA  1 
ATOM   160  C  C   . LYS A 1 21  ? -0.686  -8.914  12.062  1.00 18.58 ? 25  LYS A C   1 
ATOM   161  O  O   . LYS A 1 21  ? 0.273   -8.416  12.653  1.00 19.71 ? 25  LYS A O   1 
ATOM   162  C  CB  . LYS A 1 21  ? -2.916  -8.908  13.227  1.00 20.02 ? 25  LYS A CB  1 
ATOM   163  C  CG  . LYS A 1 21  ? -2.300  -8.721  14.619  1.00 22.57 ? 25  LYS A CG  1 
ATOM   164  C  CD  . LYS A 1 21  ? -3.139  -9.451  15.688  1.00 23.25 ? 25  LYS A CD  1 
ATOM   165  C  CE  . LYS A 1 21  ? -2.627  -9.153  17.108  1.00 27.41 ? 25  LYS A CE  1 
ATOM   166  N  NZ  . LYS A 1 21  ? -1.396  -9.938  17.507  1.00 26.35 ? 25  LYS A NZ  1 
ATOM   167  N  N   . ALA A 1 22  ? -0.591  -10.036 11.352  1.00 17.67 ? 26  ALA A N   1 
ATOM   168  C  CA  . ALA A 1 22  ? 0.697   -10.722 11.188  1.00 17.33 ? 26  ALA A CA  1 
ATOM   169  C  C   . ALA A 1 22  ? 1.720   -9.748  10.604  1.00 16.60 ? 26  ALA A C   1 
ATOM   170  O  O   . ALA A 1 22  ? 2.857   -9.636  11.092  1.00 15.98 ? 26  ALA A O   1 
ATOM   171  C  CB  . ALA A 1 22  ? 0.507   -11.962 10.274  1.00 16.83 ? 26  ALA A CB  1 
ATOM   172  N  N   . TYR A 1 23  ? 1.321   -9.025  9.558   1.00 16.87 ? 27  TYR A N   1 
ATOM   173  C  CA  . TYR A 1 23  ? 2.265   -8.112  8.899   1.00 16.25 ? 27  TYR A CA  1 
ATOM   174  C  C   . TYR A 1 23  ? 2.612   -6.946  9.815   1.00 17.32 ? 27  TYR A C   1 
ATOM   175  O  O   . TYR A 1 23  ? 3.776   -6.553  9.937   1.00 16.20 ? 27  TYR A O   1 
ATOM   176  C  CB  . TYR A 1 23  ? 1.717   -7.619  7.552   1.00 16.60 ? 27  TYR A CB  1 
ATOM   177  C  CG  . TYR A 1 23  ? 2.729   -6.819  6.785   1.00 16.37 ? 27  TYR A CG  1 
ATOM   178  C  CD1 . TYR A 1 23  ? 4.013   -7.340  6.533   1.00 15.86 ? 27  TYR A CD1 1 
ATOM   179  C  CD2 . TYR A 1 23  ? 2.419   -5.532  6.287   1.00 14.93 ? 27  TYR A CD2 1 
ATOM   180  C  CE1 . TYR A 1 23  ? 4.971   -6.595  5.796   1.00 15.93 ? 27  TYR A CE1 1 
ATOM   181  C  CE2 . TYR A 1 23  ? 3.376   -4.795  5.560   1.00 17.31 ? 27  TYR A CE2 1 
ATOM   182  C  CZ  . TYR A 1 23  ? 4.637   -5.323  5.328   1.00 16.04 ? 27  TYR A CZ  1 
ATOM   183  O  OH  . TYR A 1 23  ? 5.575   -4.595  4.604   1.00 17.24 ? 27  TYR A OH  1 
ATOM   184  N  N   . LYS A 1 24  ? 1.584   -6.404  10.470  1.00 18.14 ? 28  LYS A N   1 
ATOM   185  C  CA  . LYS A 1 24  ? 1.763   -5.289  11.389  1.00 19.17 ? 28  LYS A CA  1 
ATOM   186  C  C   . LYS A 1 24  ? 2.731   -5.672  12.516  1.00 18.71 ? 28  LYS A C   1 
ATOM   187  O  O   . LYS A 1 24  ? 3.658   -4.922  12.796  1.00 17.76 ? 28  LYS A O   1 
ATOM   188  C  CB  . LYS A 1 24  ? 0.394   -4.878  11.951  1.00 19.87 ? 28  LYS A CB  1 
ATOM   189  C  CG  . LYS A 1 24  ? 0.465   -3.905  13.128  1.00 24.07 ? 28  LYS A CG  1 
ATOM   190  C  CD  . LYS A 1 24  ? -0.943  -3.514  13.539  1.00 30.26 ? 28  LYS A CD  1 
ATOM   191  C  CE  . LYS A 1 24  ? -0.941  -2.711  14.827  1.00 33.59 ? 28  LYS A CE  1 
ATOM   192  N  NZ  . LYS A 1 24  ? -0.149  -1.474  14.662  1.00 36.73 ? 28  LYS A NZ  1 
ATOM   193  N  N   . ASP A 1 25  ? 2.516   -6.835  13.143  1.00 18.82 ? 29  ASP A N   1 
ATOM   194  C  CA  . ASP A 1 25  ? 3.369   -7.282  14.248  1.00 19.78 ? 29  ASP A CA  1 
ATOM   195  C  C   . ASP A 1 25  ? 4.794   -7.585  13.731  1.00 19.20 ? 29  ASP A C   1 
ATOM   196  O  O   . ASP A 1 25  ? 5.784   -7.324  14.409  1.00 19.18 ? 29  ASP A O   1 
ATOM   197  C  CB  . ASP A 1 25  ? 2.778   -8.508  14.976  1.00 19.76 ? 29  ASP A CB  1 
ATOM   198  C  CG  . ASP A 1 25  ? 1.472   -8.210  15.736  1.00 23.02 ? 29  ASP A CG  1 
ATOM   199  O  OD1 . ASP A 1 25  ? 1.130   -7.029  15.972  1.00 23.86 ? 29  ASP A OD1 1 
ATOM   200  O  OD2 . ASP A 1 25  ? 0.768   -9.187  16.086  1.00 25.97 ? 29  ASP A OD2 1 
ATOM   201  N  N   . TYR A 1 26  ? 4.890   -8.129  12.516  1.00 18.89 ? 30  TYR A N   1 
ATOM   202  C  CA  . TYR A 1 26  ? 6.190   -8.399  11.912  1.00 18.91 ? 30  TYR A CA  1 
ATOM   203  C  C   . TYR A 1 26  ? 6.993   -7.095  11.710  1.00 18.65 ? 30  TYR A C   1 
ATOM   204  O  O   . TYR A 1 26  ? 8.165   -7.013  12.104  1.00 18.42 ? 30  TYR A O   1 
ATOM   205  C  CB  . TYR A 1 26  ? 6.009   -9.219  10.618  1.00 18.85 ? 30  TYR A CB  1 
ATOM   206  C  CG  . TYR A 1 26  ? 7.232   -9.262  9.727   1.00 19.30 ? 30  TYR A CG  1 
ATOM   207  C  CD1 . TYR A 1 26  ? 8.293   -10.131 9.995   1.00 20.88 ? 30  TYR A CD1 1 
ATOM   208  C  CD2 . TYR A 1 26  ? 7.326   -8.413  8.636   1.00 19.44 ? 30  TYR A CD2 1 
ATOM   209  C  CE1 . TYR A 1 26  ? 9.427   -10.163 9.159   1.00 22.41 ? 30  TYR A CE1 1 
ATOM   210  C  CE2 . TYR A 1 26  ? 8.457   -8.429  7.797   1.00 22.63 ? 30  TYR A CE2 1 
ATOM   211  C  CZ  . TYR A 1 26  ? 9.476   -9.313  8.055   1.00 22.35 ? 30  TYR A CZ  1 
ATOM   212  O  OH  . TYR A 1 26  ? 10.578  -9.305  7.200   1.00 26.06 ? 30  TYR A OH  1 
ATOM   213  N  N   . LEU A 1 27  ? 6.359   -6.058  11.162  1.00 18.33 ? 31  LEU A N   1 
ATOM   214  C  CA  . LEU A 1 27  ? 7.047   -4.760  11.027  1.00 19.65 ? 31  LEU A CA  1 
ATOM   215  C  C   . LEU A 1 27  ? 7.460   -4.177  12.379  1.00 20.18 ? 31  LEU A C   1 
ATOM   216  O  O   . LEU A 1 27  ? 8.589   -3.660  12.528  1.00 20.57 ? 31  LEU A O   1 
ATOM   217  C  CB  . LEU A 1 27  ? 6.171   -3.742  10.289  1.00 19.55 ? 31  LEU A CB  1 
ATOM   218  C  CG  . LEU A 1 27  ? 5.846   -4.031  8.823   1.00 20.04 ? 31  LEU A CG  1 
ATOM   219  C  CD1 . LEU A 1 27  ? 4.829   -2.997  8.364   1.00 18.25 ? 31  LEU A CD1 1 
ATOM   220  C  CD2 . LEU A 1 27  ? 7.127   -4.008  7.975   1.00 18.70 ? 31  LEU A CD2 1 
ATOM   221  N  N   . ALA A 1 28  ? 6.545   -4.263  13.354  1.00 21.01 ? 32  ALA A N   1 
ATOM   222  C  CA  . ALA A 1 28  ? 6.818   -3.751  14.706  1.00 21.44 ? 32  ALA A CA  1 
ATOM   223  C  C   . ALA A 1 28  ? 8.018   -4.461  15.312  1.00 22.03 ? 32  ALA A C   1 
ATOM   224  O  O   . ALA A 1 28  ? 8.776   -3.859  16.078  1.00 22.63 ? 32  ALA A O   1 
ATOM   225  C  CB  . ALA A 1 28  ? 5.591   -3.876  15.598  1.00 20.96 ? 32  ALA A CB  1 
ATOM   226  N  N   . SER A 1 29  ? 8.240   -5.730  14.930  1.00 21.09 ? 33  SER A N   1 
ATOM   227  C  CA  . SER A 1 29  ? 9.393   -6.486  15.433  1.00 21.17 ? 33  SER A CA  1 
ATOM   228  C  C   . SER A 1 29  ? 10.718  -6.146  14.768  1.00 20.94 ? 33  SER A C   1 
ATOM   229  O  O   . SER A 1 29  ? 11.741  -6.736  15.107  1.00 21.61 ? 33  SER A O   1 
ATOM   230  C  CB  . SER A 1 29  ? 9.152   -8.003  15.313  1.00 21.26 ? 33  SER A CB  1 
ATOM   231  O  OG  . SER A 1 29  ? 9.377   -8.426  13.986  1.00 19.41 ? 33  SER A OG  1 
ATOM   232  N  N   . GLY A 1 30  ? 10.698  -5.231  13.795  1.00 21.52 ? 34  GLY A N   1 
ATOM   233  C  CA  . GLY A 1 30  ? 11.882  -4.895  13.018  1.00 21.10 ? 34  GLY A CA  1 
ATOM   234  C  C   . GLY A 1 30  ? 12.024  -5.625  11.681  1.00 21.41 ? 34  GLY A C   1 
ATOM   235  O  O   . GLY A 1 30  ? 13.094  -5.566  11.053  1.00 21.25 ? 34  GLY A O   1 
ATOM   236  N  N   . GLY A 1 31  ? 10.968  -6.311  11.236  1.00 20.38 ? 35  GLY A N   1 
ATOM   237  C  CA  . GLY A 1 31  ? 11.023  -7.061  9.969   1.00 21.47 ? 35  GLY A CA  1 
ATOM   238  C  C   . GLY A 1 31  ? 11.149  -6.156  8.753   1.00 22.17 ? 35  GLY A C   1 
ATOM   239  O  O   . GLY A 1 31  ? 10.684  -5.020  8.765   1.00 21.28 ? 35  GLY A O   1 
ATOM   240  N  N   . GLN A 1 32  ? 11.771  -6.672  7.690   1.00 22.75 ? 36  GLN A N   1 
ATOM   241  C  CA  . GLN A 1 32  ? 11.912  -5.940  6.431   1.00 23.78 ? 36  GLN A CA  1 
ATOM   242  C  C   . GLN A 1 32  ? 10.586  -5.868  5.678   1.00 21.23 ? 36  GLN A C   1 
ATOM   243  O  O   . GLN A 1 32  ? 9.974   -6.901  5.387   1.00 21.00 ? 36  GLN A O   1 
ATOM   244  C  CB  . GLN A 1 32  ? 12.959  -6.631  5.558   1.00 24.01 ? 36  GLN A CB  1 
ATOM   245  C  CG  . GLN A 1 32  ? 14.372  -6.582  6.167   1.00 28.13 ? 36  GLN A CG  1 
ATOM   246  C  CD  . GLN A 1 32  ? 15.379  -7.398  5.382   1.00 29.58 ? 36  GLN A CD  1 
ATOM   247  O  OE1 . GLN A 1 32  ? 15.639  -7.118  4.212   1.00 33.91 ? 36  GLN A OE1 1 
ATOM   248  N  NE2 . GLN A 1 32  ? 15.962  -8.423  6.032   1.00 34.95 ? 36  GLN A NE2 1 
ATOM   249  N  N   . PRO A 1 33  ? 10.138  -4.646  5.331   1.00 20.30 ? 37  PRO A N   1 
ATOM   250  C  CA  . PRO A 1 33  ? 8.892   -4.526  4.580   1.00 18.84 ? 37  PRO A CA  1 
ATOM   251  C  C   . PRO A 1 33  ? 8.924   -5.328  3.278   1.00 18.15 ? 37  PRO A C   1 
ATOM   252  O  O   . PRO A 1 33  ? 10.003  -5.634  2.736   1.00 16.97 ? 37  PRO A O   1 
ATOM   253  C  CB  . PRO A 1 33  ? 8.799   -3.018  4.281   1.00 19.53 ? 37  PRO A CB  1 
ATOM   254  C  CG  . PRO A 1 33  ? 9.535   -2.393  5.402   1.00 19.91 ? 37  PRO A CG  1 
ATOM   255  C  CD  . PRO A 1 33  ? 10.715  -3.321  5.631   1.00 20.58 ? 37  PRO A CD  1 
ATOM   256  N  N   . ILE A 1 34  ? 7.737   -5.655  2.805   1.00 17.04 ? 38  ILE A N   1 
ATOM   257  C  CA  . ILE A 1 34  ? 7.551   -6.374  1.545   1.00 18.05 ? 38  ILE A CA  1 
ATOM   258  C  C   . ILE A 1 34  ? 8.096   -5.466  0.429   1.00 18.33 ? 38  ILE A C   1 
ATOM   259  O  O   . ILE A 1 34  ? 7.794   -4.266  0.387   1.00 17.67 ? 38  ILE A O   1 
ATOM   260  C  CB  . ILE A 1 34  ? 6.071   -6.609  1.316   1.00 17.97 ? 38  ILE A CB  1 
ATOM   261  C  CG1 . ILE A 1 34  ? 5.533   -7.595  2.371   1.00 18.18 ? 38  ILE A CG1 1 
ATOM   262  C  CG2 . ILE A 1 34  ? 5.806   -7.026  -0.163  1.00 16.94 ? 38  ILE A CG2 1 
ATOM   263  C  CD1 . ILE A 1 34  ? 3.978   -7.672  2.435   1.00 20.66 ? 38  ILE A CD1 1 
ATOM   264  N  N   . THR A 1 35  ? 8.926   -6.013  -0.445  1.00 18.81 ? 39  THR A N   1 
ATOM   265  C  CA  . THR A 1 35  ? 9.533   -5.169  -1.451  1.00 19.65 ? 39  THR A CA  1 
ATOM   266  C  C   . THR A 1 35  ? 8.966   -5.533  -2.804  1.00 18.72 ? 39  THR A C   1 
ATOM   267  O  O   . THR A 1 35  ? 7.980   -6.259  -2.911  1.00 18.30 ? 39  THR A O   1 
ATOM   268  C  CB  . THR A 1 35  ? 11.075  -5.305  -1.518  1.00 21.38 ? 39  THR A CB  1 
ATOM   269  O  OG1 . THR A 1 35  ? 11.395  -6.676  -1.773  1.00 23.95 ? 39  THR A OG1 1 
ATOM   270  C  CG2 . THR A 1 35  ? 11.748  -4.821  -0.239  1.00 24.88 ? 39  THR A CG2 1 
ATOM   271  N  N   . ASN A 1 36  ? 9.540   -4.947  -3.841  1.00 18.17 ? 40  ASN A N   1 
ATOM   272  C  CA  . ASN A 1 36  ? 9.127   -5.245  -5.213  1.00 18.76 ? 40  ASN A CA  1 
ATOM   273  C  C   . ASN A 1 36  ? 7.740   -4.758  -5.622  1.00 17.93 ? 40  ASN A C   1 
ATOM   274  O  O   . ASN A 1 36  ? 7.195   -5.232  -6.626  1.00 17.62 ? 40  ASN A O   1 
ATOM   275  C  CB  . ASN A 1 36  ? 9.333   -6.745  -5.536  1.00 19.44 ? 40  ASN A CB  1 
ATOM   276  C  CG  . ASN A 1 36  ? 10.826  -7.127  -5.612  1.00 25.36 ? 40  ASN A CG  1 
ATOM   277  O  OD1 . ASN A 1 36  ? 11.211  -8.250  -5.292  1.00 31.30 ? 40  ASN A OD1 1 
ATOM   278  N  ND2 . ASN A 1 36  ? 11.665  -6.180  -6.019  1.00 27.79 ? 40  ASN A ND2 1 
ATOM   279  N  N   . CYS A 1 37  ? 7.174   -3.799  -4.884  1.00 17.65 ? 41  CYS A N   1 
ATOM   280  C  CA  . CYS A 1 37  ? 5.968   -3.118  -5.365  1.00 17.28 ? 41  CYS A CA  1 
ATOM   281  C  C   . CYS A 1 37  ? 6.369   -2.457  -6.681  1.00 17.44 ? 41  CYS A C   1 
ATOM   282  O  O   . CYS A 1 37  ? 7.528   -2.089  -6.870  1.00 18.38 ? 41  CYS A O   1 
ATOM   283  C  CB  . CYS A 1 37  ? 5.483   -2.068  -4.371  1.00 18.42 ? 41  CYS A CB  1 
ATOM   284  S  SG  . CYS A 1 37  ? 5.146   -2.834  -2.741  1.00 19.16 ? 41  CYS A SG  1 
ATOM   285  N  N   . VAL A 1 38  ? 5.426   -2.340  -7.586  1.00 16.90 ? 42  VAL A N   1 
ATOM   286  C  CA  . VAL A 1 38  ? 5.757   -1.978  -8.970  1.00 17.16 ? 42  VAL A CA  1 
ATOM   287  C  C   . VAL A 1 38  ? 5.687   -0.468  -9.164  1.00 16.60 ? 42  VAL A C   1 
ATOM   288  O  O   . VAL A 1 38  ? 4.612   0.106   -9.167  1.00 16.32 ? 42  VAL A O   1 
ATOM   289  C  CB  . VAL A 1 38  ? 4.803   -2.726  -9.934  1.00 17.60 ? 42  VAL A CB  1 
ATOM   290  C  CG1 . VAL A 1 38  ? 5.127   -2.381  -11.373 1.00 20.16 ? 42  VAL A CG1 1 
ATOM   291  C  CG2 . VAL A 1 38  ? 4.980   -4.241  -9.719  1.00 18.46 ? 42  VAL A CG2 1 
ATOM   292  N  N   . LYS A 1 39  ? 6.846   0.166   -9.302  1.00 16.06 ? 43  LYS A N   1 
ATOM   293  C  CA  . LYS A 1 39  ? 6.906   1.620   -9.314  1.00 17.38 ? 43  LYS A CA  1 
ATOM   294  C  C   . LYS A 1 39  ? 6.722   2.114   -10.753 1.00 17.33 ? 43  LYS A C   1 
ATOM   295  O  O   . LYS A 1 39  ? 7.378   1.589   -11.690 1.00 15.48 ? 43  LYS A O   1 
ATOM   296  C  CB  . LYS A 1 39  ? 8.256   2.108   -8.769  1.00 18.29 ? 43  LYS A CB  1 
ATOM   297  C  CG  . LYS A 1 39  ? 8.277   3.605   -8.510  1.00 18.32 ? 43  LYS A CG  1 
ATOM   298  C  CD  . LYS A 1 39  ? 9.691   4.084   -8.095  1.00 21.00 ? 43  LYS A CD  1 
ATOM   299  C  CE  . LYS A 1 39  ? 9.993   3.759   -6.675  1.00 26.65 ? 43  LYS A CE  1 
ATOM   300  N  NZ  . LYS A 1 39  ? 11.302  4.377   -6.261  1.00 27.27 ? 43  LYS A NZ  1 
ATOM   301  N  N   . MET A 1 40  ? 5.855   3.109   -10.912 1.00 16.26 ? 44  MET A N   1 
ATOM   302  C  CA  . MET A 1 40  ? 5.510   3.652   -12.239 1.00 16.46 ? 44  MET A CA  1 
ATOM   303  C  C   . MET A 1 40  ? 6.379   4.826   -12.687 1.00 16.36 ? 44  MET A C   1 
ATOM   304  O  O   . MET A 1 40  ? 6.790   5.654   -11.875 1.00 15.52 ? 44  MET A O   1 
ATOM   305  C  CB  . MET A 1 40  ? 4.061   4.153   -12.242 1.00 17.90 ? 44  MET A CB  1 
ATOM   306  C  CG  . MET A 1 40  ? 2.982   3.083   -12.047 1.00 20.28 ? 44  MET A CG  1 
ATOM   307  S  SD  . MET A 1 40  ? 2.916   1.861   -13.392 1.00 30.76 ? 44  MET A SD  1 
ATOM   308  C  CE  . MET A 1 40  ? 3.880   0.757   -12.557 1.00 16.89 ? 44  MET A CE  1 
ATOM   309  N  N   . LEU A 1 41  ? 6.590   4.915   -13.998 1.00 16.65 ? 45  LEU A N   1 
ATOM   310  C  CA  . LEU A 1 41  ? 7.121   6.137   -14.596 1.00 16.61 ? 45  LEU A CA  1 
ATOM   311  C  C   . LEU A 1 41  ? 5.994   7.165   -14.584 1.00 17.13 ? 45  LEU A C   1 
ATOM   312  O  O   . LEU A 1 41  ? 4.897   6.892   -15.074 1.00 16.36 ? 45  LEU A O   1 
ATOM   313  C  CB  . LEU A 1 41  ? 7.529   5.886   -16.047 1.00 17.36 ? 45  LEU A CB  1 
ATOM   314  C  CG  . LEU A 1 41  ? 7.981   7.161   -16.791 1.00 16.30 ? 45  LEU A CG  1 
ATOM   315  C  CD1 . LEU A 1 41  ? 9.202   7.778   -16.155 1.00 16.88 ? 45  LEU A CD1 1 
ATOM   316  C  CD2 . LEU A 1 41  ? 8.222   6.861   -18.283 1.00 17.38 ? 45  LEU A CD2 1 
ATOM   317  N  N   . CYS A 1 42  ? 6.248   8.319   -13.976 1.00 18.22 ? 46  CYS A N   1 
ATOM   318  C  CA  . CYS A 1 42  ? 5.250   9.388   -13.971 1.00 20.42 ? 46  CYS A CA  1 
ATOM   319  C  C   . CYS A 1 42  ? 5.907   10.769  -13.858 1.00 20.98 ? 46  CYS A C   1 
ATOM   320  O  O   . CYS A 1 42  ? 7.094   10.905  -13.551 1.00 19.76 ? 46  CYS A O   1 
ATOM   321  C  CB  . CYS A 1 42  ? 4.192   9.157   -12.868 1.00 20.45 ? 46  CYS A CB  1 
ATOM   322  S  SG  . CYS A 1 42  ? 4.874   9.177   -11.203 1.00 23.64 ? 46  CYS A SG  1 
ATOM   323  N  N   . THR A 1 43  ? 5.119   11.803  -14.141 1.00 21.67 ? 47  THR A N   1 
ATOM   324  C  CA  . THR A 1 43  ? 5.630   13.178  -14.144 1.00 22.43 ? 47  THR A CA  1 
ATOM   325  C  C   . THR A 1 43  ? 5.889   13.765  -12.757 1.00 22.35 ? 47  THR A C   1 
ATOM   326  O  O   . THR A 1 43  ? 6.649   14.735  -12.605 1.00 22.03 ? 47  THR A O   1 
ATOM   327  C  CB  . THR A 1 43  ? 4.612   14.083  -14.848 1.00 23.43 ? 47  THR A CB  1 
ATOM   328  O  OG1 . THR A 1 43  ? 3.355   13.994  -14.165 1.00 25.10 ? 47  THR A OG1 1 
ATOM   329  C  CG2 . THR A 1 43  ? 4.421   13.631  -16.287 1.00 25.98 ? 47  THR A CG2 1 
ATOM   330  N  N   . HIS A 1 44  ? 5.233   13.206  -11.739 1.00 20.57 ? 48  HIS A N   1 
ATOM   331  C  CA  . HIS A 1 44  ? 5.209   13.792  -10.402 1.00 20.82 ? 48  HIS A CA  1 
ATOM   332  C  C   . HIS A 1 44  ? 4.586   15.192  -10.356 1.00 21.83 ? 48  HIS A C   1 
ATOM   333  O  O   . HIS A 1 44  ? 4.908   15.996  -9.478  1.00 21.56 ? 48  HIS A O   1 
ATOM   334  C  CB  . HIS A 1 44  ? 6.595   13.750  -9.700  1.00 21.33 ? 48  HIS A CB  1 
ATOM   335  C  CG  . HIS A 1 44  ? 7.125   12.363  -9.569  1.00 21.57 ? 48  HIS A CG  1 
ATOM   336  N  ND1 . HIS A 1 44  ? 6.878   11.572  -8.465  1.00 23.64 ? 48  HIS A ND1 1 
ATOM   337  C  CD2 . HIS A 1 44  ? 7.794   11.582  -10.451 1.00 23.73 ? 48  HIS A CD2 1 
ATOM   338  C  CE1 . HIS A 1 44  ? 7.427   10.383  -8.651  1.00 23.55 ? 48  HIS A CE1 1 
ATOM   339  N  NE2 . HIS A 1 44  ? 7.976   10.355  -9.853  1.00 24.42 ? 48  HIS A NE2 1 
ATOM   340  N  N   . THR A 1 45  ? 3.655   15.455  -11.274 1.00 21.46 ? 49  THR A N   1 
ATOM   341  C  CA  . THR A 1 45  ? 2.911   16.717  -11.232 1.00 22.68 ? 49  THR A CA  1 
ATOM   342  C  C   . THR A 1 45  ? 1.410   16.440  -11.183 1.00 22.68 ? 49  THR A C   1 
ATOM   343  O  O   . THR A 1 45  ? 0.597   17.243  -11.656 1.00 22.17 ? 49  THR A O   1 
ATOM   344  C  CB  . THR A 1 45  ? 3.252   17.634  -12.441 1.00 22.86 ? 49  THR A CB  1 
ATOM   345  O  OG1 . THR A 1 45  ? 2.979   16.947  -13.675 1.00 24.41 ? 49  THR A OG1 1 
ATOM   346  C  CG2 . THR A 1 45  ? 4.704   18.012  -12.375 1.00 24.52 ? 49  THR A CG2 1 
ATOM   347  N  N   . GLY A 1 46  ? 1.047   15.287  -10.627 1.00 21.20 ? 50  GLY A N   1 
ATOM   348  C  CA  . GLY A 1 46  ? -0.365  14.840  -10.613 1.00 21.32 ? 50  GLY A CA  1 
ATOM   349  C  C   . GLY A 1 46  ? -1.112  15.450  -9.431  1.00 21.20 ? 50  GLY A C   1 
ATOM   350  O  O   . GLY A 1 46  ? -0.565  16.273  -8.693  1.00 21.74 ? 50  GLY A O   1 
ATOM   351  N  N   . THR A 1 47  ? -2.350  15.004  -9.228  1.00 22.32 ? 51  THR A N   1 
ATOM   352  C  CA  . THR A 1 47  ? -3.230  15.554  -8.180  1.00 22.84 ? 51  THR A CA  1 
ATOM   353  C  C   . THR A 1 47  ? -2.781  15.196  -6.768  1.00 22.73 ? 51  THR A C   1 
ATOM   354  O  O   . THR A 1 47  ? -3.104  15.909  -5.805  1.00 23.33 ? 51  THR A O   1 
ATOM   355  C  CB  . THR A 1 47  ? -4.683  15.076  -8.361  1.00 22.73 ? 51  THR A CB  1 
ATOM   356  O  OG1 . THR A 1 47  ? -4.746  13.656  -8.144  1.00 23.28 ? 51  THR A OG1 1 
ATOM   357  C  CG2 . THR A 1 47  ? -5.245  15.407  -9.760  1.00 23.39 ? 51  THR A CG2 1 
ATOM   358  N  N   . GLY A 1 48  ? -2.044  14.089  -6.624  1.00 21.53 ? 52  GLY A N   1 
ATOM   359  C  CA  . GLY A 1 48  ? -1.659  13.613  -5.303  1.00 21.44 ? 52  GLY A CA  1 
ATOM   360  C  C   . GLY A 1 48  ? -2.752  12.846  -4.574  1.00 20.95 ? 52  GLY A C   1 
ATOM   361  O  O   . GLY A 1 48  ? -2.563  12.447  -3.409  1.00 21.44 ? 52  GLY A O   1 
ATOM   362  N  N   . GLN A 1 49  ? -3.879  12.606  -5.247  1.00 21.57 ? 53  GLN A N   1 
ATOM   363  C  CA  . GLN A 1 49  ? -4.946  11.764  -4.686  1.00 22.52 ? 53  GLN A CA  1 
ATOM   364  C  C   . GLN A 1 49  ? -4.424  10.345  -4.442  1.00 22.55 ? 53  GLN A C   1 
ATOM   365  O  O   . GLN A 1 49  ? -3.473  9.903   -5.108  1.00 21.54 ? 53  GLN A O   1 
ATOM   366  C  CB  . GLN A 1 49  ? -6.179  11.752  -5.581  1.00 23.13 ? 53  GLN A CB  1 
ATOM   367  C  CG  . GLN A 1 49  ? -6.950  13.067  -5.457  1.00 26.58 ? 53  GLN A CG  1 
ATOM   368  C  CD  . GLN A 1 49  ? -8.039  13.205  -6.490  1.00 32.54 ? 53  GLN A CD  1 
ATOM   369  O  OE1 . GLN A 1 49  ? -8.651  12.219  -6.922  1.00 36.05 ? 53  GLN A OE1 1 
ATOM   370  N  NE2 . GLN A 1 49  ? -8.296  14.435  -6.896  1.00 35.10 ? 53  GLN A NE2 1 
ATOM   371  N  N   . ALA A 1 50  ? -5.025  9.653   -3.479  1.00 21.78 ? 54  ALA A N   1 
ATOM   372  C  CA  . ALA A 1 50  ? -4.497  8.367   -2.997  1.00 21.51 ? 54  ALA A CA  1 
ATOM   373  C  C   . ALA A 1 50  ? -4.541  7.232   -4.009  1.00 21.49 ? 54  ALA A C   1 
ATOM   374  O  O   . ALA A 1 50  ? -3.528  6.538   -4.220  1.00 20.97 ? 54  ALA A O   1 
ATOM   375  C  CB  . ALA A 1 50  ? -5.239  7.957   -1.720  1.00 21.62 ? 54  ALA A CB  1 
ATOM   376  N  N   . ILE A 1 51  ? -5.713  6.986   -4.587  1.00 21.30 ? 55  ILE A N   1 
ATOM   377  C  CA  . ILE A 1 51  ? -5.932  5.831   -5.465  1.00 22.45 ? 55  ILE A CA  1 
ATOM   378  C  C   . ILE A 1 51  ? -6.644  6.316   -6.712  1.00 22.94 ? 55  ILE A C   1 
ATOM   379  O  O   . ILE A 1 51  ? -7.782  6.814   -6.639  1.00 22.14 ? 55  ILE A O   1 
ATOM   380  C  CB  . ILE A 1 51  ? -6.763  4.708   -4.766  1.00 22.41 ? 55  ILE A CB  1 
ATOM   381  C  CG1 . ILE A 1 51  ? -6.089  4.293   -3.437  1.00 22.85 ? 55  ILE A CG1 1 
ATOM   382  C  CG2 . ILE A 1 51  ? -6.885  3.482   -5.670  1.00 22.49 ? 55  ILE A CG2 1 
ATOM   383  C  CD1 . ILE A 1 51  ? -7.016  3.446   -2.464  1.00 23.56 ? 55  ILE A CD1 1 
ATOM   384  N  N   . THR A 1 52  ? -5.987  6.147   -7.856  1.00 22.73 ? 56  THR A N   1 
ATOM   385  C  CA  . THR A 1 52  ? -6.415  6.808   -9.092  1.00 23.29 ? 56  THR A CA  1 
ATOM   386  C  C   . THR A 1 52  ? -6.379  5.890   -10.316 1.00 23.42 ? 56  THR A C   1 
ATOM   387  O  O   . THR A 1 52  ? -5.768  4.820   -10.299 1.00 21.57 ? 56  THR A O   1 
ATOM   388  C  CB  . THR A 1 52  ? -5.531  8.048   -9.334  1.00 24.45 ? 56  THR A CB  1 
ATOM   389  O  OG1 . THR A 1 52  ? -4.151  7.670   -9.211  1.00 22.50 ? 56  THR A OG1 1 
ATOM   390  C  CG2 . THR A 1 52  ? -5.823  9.125   -8.293  1.00 22.02 ? 56  THR A CG2 1 
ATOM   391  N  N   . VAL A 1 53  ? -7.030  6.318   -11.397 1.00 23.34 ? 57  VAL A N   1 
ATOM   392  C  CA  . VAL A 1 53  ? -7.121  5.487   -12.590 1.00 24.20 ? 57  VAL A CA  1 
ATOM   393  C  C   . VAL A 1 53  ? -5.796  5.420   -13.356 1.00 23.58 ? 57  VAL A C   1 
ATOM   394  O  O   . VAL A 1 53  ? -5.507  4.421   -14.034 1.00 23.27 ? 57  VAL A O   1 
ATOM   395  C  CB  . VAL A 1 53  ? -8.257  5.988   -13.535 1.00 24.56 ? 57  VAL A CB  1 
ATOM   396  C  CG1 . VAL A 1 53  ? -8.151  5.317   -14.884 1.00 27.33 ? 57  VAL A CG1 1 
ATOM   397  C  CG2 . VAL A 1 53  ? -9.617  5.687   -12.888 1.00 26.83 ? 57  VAL A CG2 1 
ATOM   398  N  N   . THR A 1 54  ? -5.040  6.511   -13.276 1.00 23.74 ? 58  THR A N   1 
ATOM   399  C  CA  . THR A 1 54  ? -3.703  6.587   -13.837 1.00 23.86 ? 58  THR A CA  1 
ATOM   400  C  C   . THR A 1 54  ? -2.811  7.165   -12.747 1.00 22.97 ? 58  THR A C   1 
ATOM   401  O  O   . THR A 1 54  ? -3.308  7.724   -11.755 1.00 23.11 ? 58  THR A O   1 
ATOM   402  C  CB  . THR A 1 54  ? -3.643  7.520   -15.094 1.00 24.92 ? 58  THR A CB  1 
ATOM   403  O  OG1 . THR A 1 54  ? -3.901  8.872   -14.699 1.00 27.08 ? 58  THR A OG1 1 
ATOM   404  C  CG2 . THR A 1 54  ? -4.631  7.083   -16.154 1.00 27.03 ? 58  THR A CG2 1 
ATOM   405  N  N   . PRO A 1 55  ? -1.485  7.042   -12.904 1.00 21.86 ? 59  PRO A N   1 
ATOM   406  C  CA  . PRO A 1 55  ? -0.616  7.611   -11.890 1.00 21.10 ? 59  PRO A CA  1 
ATOM   407  C  C   . PRO A 1 55  ? -0.840  9.105   -11.652 1.00 21.03 ? 59  PRO A C   1 
ATOM   408  O  O   . PRO A 1 55  ? -0.949  9.877   -12.598 1.00 22.32 ? 59  PRO A O   1 
ATOM   409  C  CB  . PRO A 1 55  ? 0.782   7.338   -12.450 1.00 20.75 ? 59  PRO A CB  1 
ATOM   410  C  CG  . PRO A 1 55  ? 0.613   6.101   -13.256 1.00 20.97 ? 59  PRO A CG  1 
ATOM   411  C  CD  . PRO A 1 55  ? -0.709  6.327   -13.936 1.00 22.03 ? 59  PRO A CD  1 
ATOM   412  N  N   . GLU A 1 56  ? -0.894  9.492   -10.388 1.00 20.38 ? 60  GLU A N   1 
ATOM   413  C  CA  . GLU A 1 56  ? -1.120  10.876  -10.004 1.00 20.00 ? 60  GLU A CA  1 
ATOM   414  C  C   . GLU A 1 56  ? -0.157  11.374  -8.932  1.00 19.76 ? 60  GLU A C   1 
ATOM   415  O  O   . GLU A 1 56  ? -0.470  12.332  -8.228  1.00 19.31 ? 60  GLU A O   1 
ATOM   416  C  CB  . GLU A 1 56  ? -2.574  11.077  -9.560  1.00 19.69 ? 60  GLU A CB  1 
ATOM   417  C  CG  . GLU A 1 56  ? -3.595  10.892  -10.664 1.00 21.60 ? 60  GLU A CG  1 
ATOM   418  C  CD  . GLU A 1 56  ? -3.659  12.069  -11.637 1.00 25.13 ? 60  GLU A CD  1 
ATOM   419  O  OE1 . GLU A 1 56  ? -2.980  13.089  -11.395 1.00 24.47 ? 60  GLU A OE1 1 
ATOM   420  O  OE2 . GLU A 1 56  ? -4.408  11.954  -12.624 1.00 28.07 ? 60  GLU A OE2 1 
ATOM   421  N  N   . ALA A 1 57  ? 1.040   10.783  -8.821  1.00 18.99 ? 61  ALA A N   1 
ATOM   422  C  CA  . ALA A 1 57  ? 2.002   11.255  -7.812  1.00 18.15 ? 61  ALA A CA  1 
ATOM   423  C  C   . ALA A 1 57  ? 2.255   12.747  -7.978  1.00 18.96 ? 61  ALA A C   1 
ATOM   424  O  O   . ALA A 1 57  ? 2.408   13.232  -9.097  1.00 18.25 ? 61  ALA A O   1 
ATOM   425  C  CB  . ALA A 1 57  ? 3.358   10.507  -7.892  1.00 17.85 ? 61  ALA A CB  1 
ATOM   426  N  N   . ASN A 1 58  ? 2.279   13.473  -6.867  1.00 20.16 ? 62  ASN A N   1 
ATOM   427  C  CA  . ASN A 1 58  ? 2.806   14.838  -6.871  1.00 22.26 ? 62  ASN A CA  1 
ATOM   428  C  C   . ASN A 1 58  ? 4.313   14.808  -6.609  1.00 23.15 ? 62  ASN A C   1 
ATOM   429  O  O   . ASN A 1 58  ? 4.933   13.742  -6.684  1.00 22.38 ? 62  ASN A O   1 
ATOM   430  C  CB  . ASN A 1 58  ? 2.036   15.748  -5.890  1.00 22.78 ? 62  ASN A CB  1 
ATOM   431  C  CG  . ASN A 1 58  ? 2.154   15.312  -4.461  1.00 22.75 ? 62  ASN A CG  1 
ATOM   432  O  OD1 . ASN A 1 58  ? 3.167   14.753  -4.033  1.00 22.62 ? 62  ASN A OD1 1 
ATOM   433  N  ND2 . ASN A 1 58  ? 1.125   15.608  -3.686  1.00 24.01 ? 62  ASN A ND2 1 
ATOM   434  N  N   . MET A 1 59  ? 4.908   15.966  -6.320  1.00 24.44 ? 63  MET A N   1 
ATOM   435  C  CA  . MET A 1 59  ? 6.354   16.073  -6.069  1.00 27.29 ? 63  MET A CA  1 
ATOM   436  C  C   . MET A 1 59  ? 6.828   15.279  -4.850  1.00 24.80 ? 63  MET A C   1 
ATOM   437  O  O   . MET A 1 59  ? 8.007   14.941  -4.741  1.00 24.75 ? 63  MET A O   1 
ATOM   438  C  CB  . MET A 1 59  ? 6.762   17.556  -5.914  1.00 27.28 ? 63  MET A CB  1 
ATOM   439  C  CG  . MET A 1 59  ? 6.079   18.266  -4.720  1.00 31.59 ? 63  MET A CG  1 
ATOM   440  S  SD  . MET A 1 59  ? 6.421   20.064  -4.589  1.00 36.33 ? 63  MET A SD  1 
ATOM   441  C  CE  . MET A 1 59  ? 5.236   20.734  -5.758  1.00 38.28 ? 63  MET A CE  1 
ATOM   442  N  N   . ASP A 1 60  ? 5.913   14.997  -3.930  1.00 24.30 ? 64  ASP A N   1 
ATOM   443  C  CA  . ASP A 1 60  ? 6.296   14.384  -2.659  1.00 23.48 ? 64  ASP A CA  1 
ATOM   444  C  C   . ASP A 1 60  ? 5.841   12.936  -2.570  1.00 21.65 ? 64  ASP A C   1 
ATOM   445  O  O   . ASP A 1 60  ? 5.760   12.390  -1.469  1.00 19.69 ? 64  ASP A O   1 
ATOM   446  C  CB  . ASP A 1 60  ? 5.684   15.161  -1.495  1.00 24.84 ? 64  ASP A CB  1 
ATOM   447  C  CG  . ASP A 1 60  ? 6.218   16.577  -1.396  1.00 28.42 ? 64  ASP A CG  1 
ATOM   448  O  OD1 . ASP A 1 60  ? 7.439   16.790  -1.560  1.00 33.58 ? 64  ASP A OD1 1 
ATOM   449  O  OD2 . ASP A 1 60  ? 5.395   17.471  -1.151  1.00 34.01 ? 64  ASP A OD2 1 
ATOM   450  N  N   . GLN A 1 61  ? 5.553   12.330  -3.722  1.00 19.30 ? 65  GLN A N   1 
ATOM   451  C  CA  . GLN A 1 61  ? 5.052   10.956  -3.753  1.00 18.54 ? 65  GLN A CA  1 
ATOM   452  C  C   . GLN A 1 61  ? 5.699   10.108  -4.834  1.00 18.15 ? 65  GLN A C   1 
ATOM   453  O  O   . GLN A 1 61  ? 6.315   10.644  -5.757  1.00 18.25 ? 65  GLN A O   1 
ATOM   454  C  CB  . GLN A 1 61  ? 3.557   10.945  -4.021  1.00 18.25 ? 65  GLN A CB  1 
ATOM   455  C  CG  . GLN A 1 61  ? 2.683   11.687  -2.996  1.00 18.17 ? 65  GLN A CG  1 
ATOM   456  C  CD  . GLN A 1 61  ? 1.282   11.860  -3.512  1.00 20.83 ? 65  GLN A CD  1 
ATOM   457  O  OE1 . GLN A 1 61  ? 1.054   11.990  -4.718  1.00 20.76 ? 65  GLN A OE1 1 
ATOM   458  N  NE2 . GLN A 1 61  ? 0.312   11.863  -2.593  1.00 21.55 ? 65  GLN A NE2 1 
ATOM   459  N  N   . GLU A 1 62  ? 5.499   8.793   -4.727  1.00 17.46 ? 66  GLU A N   1 
ATOM   460  C  CA  . GLU A 1 62  ? 5.751   7.837   -5.820  1.00 16.42 ? 66  GLU A CA  1 
ATOM   461  C  C   . GLU A 1 62  ? 4.430   7.167   -6.193  1.00 16.25 ? 66  GLU A C   1 
ATOM   462  O  O   . GLU A 1 62  ? 3.560   7.020   -5.331  1.00 17.25 ? 66  GLU A O   1 
ATOM   463  C  CB  . GLU A 1 62  ? 6.688   6.712   -5.365  1.00 16.81 ? 66  GLU A CB  1 
ATOM   464  C  CG  . GLU A 1 62  ? 8.053   7.160   -4.895  1.00 19.50 ? 66  GLU A CG  1 
ATOM   465  C  CD  . GLU A 1 62  ? 9.006   7.473   -6.026  1.00 24.11 ? 66  GLU A CD  1 
ATOM   466  O  OE1 . GLU A 1 62  ? 8.585   7.621   -7.210  1.00 24.82 ? 66  GLU A OE1 1 
ATOM   467  O  OE2 . GLU A 1 62  ? 10.205  7.601   -5.699  1.00 29.18 ? 66  GLU A OE2 1 
ATOM   468  N  N   . SER A 1 63  ? 4.289   6.730   -7.446  1.00 15.00 ? 67  SER A N   1 
ATOM   469  C  CA  . SER A 1 63  ? 3.073   6.039   -7.874  1.00 15.82 ? 67  SER A CA  1 
ATOM   470  C  C   . SER A 1 63  ? 3.435   4.580   -8.103  1.00 16.23 ? 67  SER A C   1 
ATOM   471  O  O   . SER A 1 63  ? 4.474   4.281   -8.729  1.00 16.22 ? 67  SER A O   1 
ATOM   472  C  CB  . SER A 1 63  ? 2.499   6.610   -9.178  1.00 16.04 ? 67  SER A CB  1 
ATOM   473  O  OG  . SER A 1 63  ? 1.824   7.837   -8.989  1.00 19.47 ? 67  SER A OG  1 
ATOM   474  N  N   . PHE A 1 64  ? 2.590   3.683   -7.608  1.00 15.42 ? 68  PHE A N   1 
ATOM   475  C  CA  . PHE A 1 64  ? 2.813   2.257   -7.803  1.00 15.35 ? 68  PHE A CA  1 
ATOM   476  C  C   . PHE A 1 64  ? 1.580   1.566   -8.365  1.00 16.12 ? 68  PHE A C   1 
ATOM   477  O  O   . PHE A 1 64  ? 0.439   1.996   -8.124  1.00 17.23 ? 68  PHE A O   1 
ATOM   478  C  CB  . PHE A 1 64  ? 3.102   1.566   -6.469  1.00 15.97 ? 68  PHE A CB  1 
ATOM   479  C  CG  . PHE A 1 64  ? 4.366   1.991   -5.795  1.00 14.90 ? 68  PHE A CG  1 
ATOM   480  C  CD1 . PHE A 1 64  ? 5.543   1.254   -5.970  1.00 15.01 ? 68  PHE A CD1 1 
ATOM   481  C  CD2 . PHE A 1 64  ? 4.360   3.088   -4.910  1.00 14.65 ? 68  PHE A CD2 1 
ATOM   482  C  CE1 . PHE A 1 64  ? 6.712   1.607   -5.270  1.00 16.70 ? 68  PHE A CE1 1 
ATOM   483  C  CE2 . PHE A 1 64  ? 5.528   3.465   -4.228  1.00 16.29 ? 68  PHE A CE2 1 
ATOM   484  C  CZ  . PHE A 1 64  ? 6.698   2.735   -4.409  1.00 17.59 ? 68  PHE A CZ  1 
ATOM   485  N  N   . GLY A 1 65  ? 1.786   0.424   -9.016  1.00 15.65 ? 69  GLY A N   1 
ATOM   486  C  CA  . GLY A 1 65  ? 0.643   -0.397  -9.427  1.00 16.78 ? 69  GLY A CA  1 
ATOM   487  C  C   . GLY A 1 65  ? -0.108  -0.822  -8.165  1.00 17.41 ? 69  GLY A C   1 
ATOM   488  O  O   . GLY A 1 65  ? 0.505   -1.297  -7.217  1.00 16.88 ? 69  GLY A O   1 
ATOM   489  N  N   . GLY A 1 66  ? -1.430  -0.647  -8.176  1.00 17.40 ? 70  GLY A N   1 
ATOM   490  C  CA  . GLY A 1 66  ? -2.242  -0.859  -6.982  1.00 16.85 ? 70  GLY A CA  1 
ATOM   491  C  C   . GLY A 1 66  ? -2.167  -2.264  -6.405  1.00 17.67 ? 70  GLY A C   1 
ATOM   492  O  O   . GLY A 1 66  ? -1.939  -2.425  -5.196  1.00 17.69 ? 70  GLY A O   1 
ATOM   493  N  N   . ALA A 1 67  ? -2.369  -3.285  -7.230  1.00 17.53 ? 71  ALA A N   1 
ATOM   494  C  CA  . ALA A 1 67  ? -2.342  -4.659  -6.691  1.00 18.54 ? 71  ALA A CA  1 
ATOM   495  C  C   . ALA A 1 67  ? -1.009  -5.010  -6.012  1.00 18.40 ? 71  ALA A C   1 
ATOM   496  O  O   . ALA A 1 67  ? -0.983  -5.779  -5.043  1.00 17.96 ? 71  ALA A O   1 
ATOM   497  C  CB  . ALA A 1 67  ? -2.653  -5.673  -7.786  1.00 19.31 ? 71  ALA A CB  1 
ATOM   498  N  N   . SER A 1 68  ? 0.092   -4.439  -6.504  1.00 17.35 ? 72  SER A N   1 
ATOM   499  C  CA  . SER A 1 68  ? 1.408   -4.777  -5.978  1.00 17.06 ? 72  SER A CA  1 
ATOM   500  C  C   . SER A 1 68  ? 1.591   -4.191  -4.580  1.00 17.16 ? 72  SER A C   1 
ATOM   501  O  O   . SER A 1 68  ? 2.501   -4.613  -3.865  1.00 17.48 ? 72  SER A O   1 
ATOM   502  C  CB  . SER A 1 68  ? 2.524   -4.278  -6.908  1.00 17.18 ? 72  SER A CB  1 
ATOM   503  O  OG  . SER A 1 68  ? 2.690   -2.862  -6.830  1.00 17.95 ? 72  SER A OG  1 
ATOM   504  N  N   . CYS A 1 69  ? 0.713   -3.242  -4.207  1.00 16.75 ? 73  CYS A N   1 
ATOM   505  C  CA  . CYS A 1 69  ? 0.740   -2.597  -2.881  1.00 17.77 ? 73  CYS A CA  1 
ATOM   506  C  C   . CYS A 1 69  ? -0.364  -3.104  -1.948  1.00 17.59 ? 73  CYS A C   1 
ATOM   507  O  O   . CYS A 1 69  ? -0.588  -2.508  -0.886  1.00 18.08 ? 73  CYS A O   1 
ATOM   508  C  CB  . CYS A 1 69  ? 0.611   -1.068  -3.011  1.00 17.32 ? 73  CYS A CB  1 
ATOM   509  S  SG  . CYS A 1 69  ? 1.979   -0.345  -3.978  1.00 19.63 ? 73  CYS A SG  1 
ATOM   510  N  N   . CYS A 1 70  ? -1.035  -4.178  -2.343  1.00 18.57 ? 74  CYS A N   1 
ATOM   511  C  CA  . CYS A 1 70  ? -2.168  -4.714  -1.595  1.00 18.29 ? 74  CYS A CA  1 
ATOM   512  C  C   . CYS A 1 70  ? -1.771  -6.023  -0.915  1.00 18.45 ? 74  CYS A C   1 
ATOM   513  O  O   . CYS A 1 70  ? -1.364  -6.953  -1.612  1.00 17.71 ? 74  CYS A O   1 
ATOM   514  C  CB  . CYS A 1 70  ? -3.320  -5.002  -2.552  1.00 18.01 ? 74  CYS A CB  1 
ATOM   515  S  SG  . CYS A 1 70  ? -4.737  -5.837  -1.692  1.00 19.57 ? 74  CYS A SG  1 
ATOM   516  N  N   . LEU A 1 71  ? -1.867  -6.105  0.421   1.00 17.51 ? 75  LEU A N   1 
ATOM   517  C  CA  . LEU A 1 71  ? -1.398  -7.314  1.115   1.00 17.28 ? 75  LEU A CA  1 
ATOM   518  C  C   . LEU A 1 71  ? -2.151  -8.549  0.590   1.00 17.18 ? 75  LEU A C   1 
ATOM   519  O  O   . LEU A 1 71  ? -1.566  -9.612  0.382   1.00 16.73 ? 75  LEU A O   1 
ATOM   520  C  CB  . LEU A 1 71  ? -1.584  -7.181  2.641   1.00 18.20 ? 75  LEU A CB  1 
ATOM   521  C  CG  . LEU A 1 71  ? -1.126  -8.417  3.443   1.00 18.01 ? 75  LEU A CG  1 
ATOM   522  C  CD1 . LEU A 1 71  ? 0.397   -8.540  3.448   1.00 18.66 ? 75  LEU A CD1 1 
ATOM   523  C  CD2 . LEU A 1 71  ? -1.671  -8.308  4.851   1.00 18.30 ? 75  LEU A CD2 1 
ATOM   524  N  N   . TYR A 1 72  ? -3.452  -8.396  0.350   1.00 17.81 ? 76  TYR A N   1 
ATOM   525  C  CA  . TYR A 1 72  ? -4.291  -9.537  -0.055  1.00 18.13 ? 76  TYR A CA  1 
ATOM   526  C  C   . TYR A 1 72  ? -3.979  -9.998  -1.460  1.00 17.93 ? 76  TYR A C   1 
ATOM   527  O  O   . TYR A 1 72  ? -3.864  -11.188 -1.704  1.00 18.76 ? 76  TYR A O   1 
ATOM   528  C  CB  . TYR A 1 72  ? -5.782  -9.204  0.143   1.00 18.35 ? 76  TYR A CB  1 
ATOM   529  C  CG  . TYR A 1 72  ? -6.006  -8.690  1.524   1.00 19.88 ? 76  TYR A CG  1 
ATOM   530  C  CD1 . TYR A 1 72  ? -6.081  -9.583  2.617   1.00 21.67 ? 76  TYR A CD1 1 
ATOM   531  C  CD2 . TYR A 1 72  ? -6.095  -7.318  1.780   1.00 19.91 ? 76  TYR A CD2 1 
ATOM   532  C  CE1 . TYR A 1 72  ? -6.231  -9.109  3.928   1.00 21.84 ? 76  TYR A CE1 1 
ATOM   533  C  CE2 . TYR A 1 72  ? -6.245  -6.834  3.100   1.00 22.21 ? 76  TYR A CE2 1 
ATOM   534  C  CZ  . TYR A 1 72  ? -6.321  -7.747  4.166   1.00 21.78 ? 76  TYR A CZ  1 
ATOM   535  O  OH  . TYR A 1 72  ? -6.461  -7.288  5.476   1.00 21.10 ? 76  TYR A OH  1 
ATOM   536  N  N   . CYS A 1 73  ? -3.784  -9.056  -2.381  1.00 18.54 ? 77  CYS A N   1 
ATOM   537  C  CA  . CYS A 1 73  ? -3.355  -9.418  -3.741  1.00 18.02 ? 77  CYS A CA  1 
ATOM   538  C  C   . CYS A 1 73  ? -1.995  -10.102 -3.714  1.00 17.06 ? 77  CYS A C   1 
ATOM   539  O  O   . CYS A 1 73  ? -1.777  -11.099 -4.410  1.00 16.69 ? 77  CYS A O   1 
ATOM   540  C  CB  . CYS A 1 73  ? -3.268  -8.170  -4.609  1.00 18.70 ? 77  CYS A CB  1 
ATOM   541  S  SG  . CYS A 1 73  ? -4.903  -7.518  -5.106  1.00 22.14 ? 77  CYS A SG  1 
ATOM   542  N  N   . ARG A 1 74  ? -1.067  -9.527  -2.952  1.00 16.83 ? 78  ARG A N   1 
ATOM   543  C  CA  . ARG A 1 74  ? 0.310   -10.019 -2.906  1.00 16.46 ? 78  ARG A CA  1 
ATOM   544  C  C   . ARG A 1 74  ? 0.393   -11.408 -2.262  1.00 16.90 ? 78  ARG A C   1 
ATOM   545  O  O   . ARG A 1 74  ? 1.303   -12.200 -2.582  1.00 16.82 ? 78  ARG A O   1 
ATOM   546  C  CB  . ARG A 1 74  ? 1.231   -9.050  -2.158  1.00 16.38 ? 78  ARG A CB  1 
ATOM   547  C  CG  . ARG A 1 74  ? 1.557   -7.780  -3.010  1.00 16.26 ? 78  ARG A CG  1 
ATOM   548  C  CD  . ARG A 1 74  ? 2.510   -8.073  -4.227  1.00 16.44 ? 78  ARG A CD  1 
ATOM   549  N  NE  . ARG A 1 74  ? 3.872   -8.541  -3.888  1.00 16.89 ? 78  ARG A NE  1 
ATOM   550  C  CZ  . ARG A 1 74  ? 4.899   -7.751  -3.567  1.00 17.36 ? 78  ARG A CZ  1 
ATOM   551  N  NH1 . ARG A 1 74  ? 4.747   -6.423  -3.507  1.00 17.61 ? 78  ARG A NH1 1 
ATOM   552  N  NH2 . ARG A 1 74  ? 6.095   -8.286  -3.288  1.00 15.87 ? 78  ARG A NH2 1 
ATOM   553  N  N   . CYS A 1 75  ? -0.510  -11.658 -1.326  1.00 17.16 ? 79  CYS A N   1 
ATOM   554  C  CA  . CYS A 1 75  ? -0.607  -12.974 -0.643  1.00 17.74 ? 79  CYS A CA  1 
ATOM   555  C  C   . CYS A 1 75  ? -1.464  -14.002 -1.404  1.00 18.66 ? 79  CYS A C   1 
ATOM   556  O  O   . CYS A 1 75  ? -1.459  -15.214 -1.088  1.00 18.71 ? 79  CYS A O   1 
ATOM   557  C  CB  . CYS A 1 75  ? -1.117  -12.791 0.790   1.00 17.52 ? 79  CYS A CB  1 
ATOM   558  S  SG  . CYS A 1 75  ? 0.049   -12.032 1.922   1.00 18.98 ? 79  CYS A SG  1 
ATOM   559  N  N   . HIS A 1 76  ? -2.168  -13.528 -2.436  1.00 19.06 ? 80  HIS A N   1 
ATOM   560  C  CA  . HIS A 1 76  ? -3.056  -14.365 -3.267  1.00 20.30 ? 80  HIS A CA  1 
ATOM   561  C  C   . HIS A 1 76  ? -4.189  -14.959 -2.426  1.00 21.11 ? 80  HIS A C   1 
ATOM   562  O  O   . HIS A 1 76  ? -4.561  -16.154 -2.561  1.00 21.96 ? 80  HIS A O   1 
ATOM   563  C  CB  . HIS A 1 76  ? -2.269  -15.423 -4.077  1.00 20.20 ? 80  HIS A CB  1 
ATOM   564  C  CG  . HIS A 1 76  ? -1.254  -14.820 -4.993  1.00 21.57 ? 80  HIS A CG  1 
ATOM   565  N  ND1 . HIS A 1 76  ? -1.588  -14.326 -6.238  1.00 22.80 ? 80  HIS A ND1 1 
ATOM   566  C  CD2 . HIS A 1 76  ? 0.060   -14.546 -4.814  1.00 20.80 ? 80  HIS A CD2 1 
ATOM   567  C  CE1 . HIS A 1 76  ? -0.514  -13.786 -6.794  1.00 24.36 ? 80  HIS A CE1 1 
ATOM   568  N  NE2 . HIS A 1 76  ? 0.496   -13.904 -5.949  1.00 23.62 ? 80  HIS A NE2 1 
ATOM   569  N  N   . ILE A 1 77  ? -4.729  -14.121 -1.552  1.00 20.05 ? 81  ILE A N   1 
ATOM   570  C  CA  . ILE A 1 77  ? -5.831  -14.531 -0.678  1.00 20.71 ? 81  ILE A CA  1 
ATOM   571  C  C   . ILE A 1 77  ? -7.096  -13.673 -0.877  1.00 22.34 ? 81  ILE A C   1 
ATOM   572  O  O   . ILE A 1 77  ? -7.043  -12.590 -1.466  1.00 22.56 ? 81  ILE A O   1 
ATOM   573  C  CB  . ILE A 1 77  ? -5.402  -14.533 0.822   1.00 20.59 ? 81  ILE A CB  1 
ATOM   574  C  CG1 . ILE A 1 77  ? -4.987  -13.132 1.299   1.00 19.44 ? 81  ILE A CG1 1 
ATOM   575  C  CG2 . ILE A 1 77  ? -4.288  -15.568 1.071   1.00 20.88 ? 81  ILE A CG2 1 
ATOM   576  C  CD1 . ILE A 1 77  ? -4.537  -13.079 2.775   1.00 18.95 ? 81  ILE A CD1 1 
ATOM   577  N  N   . ASP A 1 78  ? -8.233  -14.141 -0.371  1.00 23.97 ? 82  ASP A N   1 
ATOM   578  C  CA  . ASP A 1 78  ? -9.471  -13.354 -0.496  1.00 24.59 ? 82  ASP A CA  1 
ATOM   579  C  C   . ASP A 1 78  ? -9.354  -12.054 0.311   1.00 24.55 ? 82  ASP A C   1 
ATOM   580  O  O   . ASP A 1 78  ? -8.647  -11.984 1.333   1.00 23.79 ? 82  ASP A O   1 
ATOM   581  C  CB  . ASP A 1 78  ? -10.723 -14.178 -0.075  1.00 25.68 ? 82  ASP A CB  1 
ATOM   582  C  CG  . ASP A 1 78  ? -11.026 -15.375 -1.008  1.00 28.52 ? 82  ASP A CG  1 
ATOM   583  O  OD1 . ASP A 1 78  ? -10.583 -15.414 -2.175  1.00 34.08 ? 82  ASP A OD1 1 
ATOM   584  O  OD2 . ASP A 1 78  ? -11.750 -16.299 -0.562  1.00 33.76 ? 82  ASP A OD2 1 
ATOM   585  N  N   . HIS A 1 79  ? -10.024 -11.004 -0.174  1.00 24.18 ? 83  HIS A N   1 
ATOM   586  C  CA  . HIS A 1 79  ? -10.058 -9.697  0.492   1.00 25.59 ? 83  HIS A CA  1 
ATOM   587  C  C   . HIS A 1 79  ? -11.135 -9.660  1.565   1.00 28.23 ? 83  HIS A C   1 
ATOM   588  O  O   . HIS A 1 79  ? -12.147 -10.340 1.406   1.00 28.22 ? 83  HIS A O   1 
ATOM   589  C  CB  . HIS A 1 79  ? -10.337 -8.607  -0.548  1.00 24.92 ? 83  HIS A CB  1 
ATOM   590  C  CG  . HIS A 1 79  ? -9.209  -8.411  -1.505  1.00 21.87 ? 83  HIS A CG  1 
ATOM   591  N  ND1 . HIS A 1 79  ? -8.885  -9.335  -2.472  1.00 22.02 ? 83  HIS A ND1 1 
ATOM   592  C  CD2 . HIS A 1 79  ? -8.297  -7.417  -1.610  1.00 21.34 ? 83  HIS A CD2 1 
ATOM   593  C  CE1 . HIS A 1 79  ? -7.829  -8.912  -3.141  1.00 21.52 ? 83  HIS A CE1 1 
ATOM   594  N  NE2 . HIS A 1 79  ? -7.458  -7.752  -2.635  1.00 17.99 ? 83  HIS A NE2 1 
ATOM   595  N  N   . PRO A 1 80  ? -10.911 -8.872  2.641   1.00 30.65 ? 84  PRO A N   1 
ATOM   596  C  CA  . PRO A 1 80  ? -11.725 -8.855  3.863   1.00 33.27 ? 84  PRO A CA  1 
ATOM   597  C  C   . PRO A 1 80  ? -13.000 -8.013  3.771   1.00 35.85 ? 84  PRO A C   1 
ATOM   598  O  O   . PRO A 1 80  ? -13.185 -7.048  4.521   1.00 36.51 ? 84  PRO A O   1 
ATOM   599  C  CB  . PRO A 1 80  ? -10.767 -8.286  4.909   1.00 33.33 ? 84  PRO A CB  1 
ATOM   600  C  CG  . PRO A 1 80  ? -9.909  -7.342  4.124   1.00 32.73 ? 84  PRO A CG  1 
ATOM   601  C  CD  . PRO A 1 80  ? -9.751  -7.961  2.753   1.00 30.68 ? 84  PRO A CD  1 
ATOM   602  N  N   . ASN A 1 81  ? -13.855 -8.390  2.831   1.00 38.65 ? 85  ASN A N   1 
ATOM   603  C  CA  . ASN A 1 81  ? -15.220 -7.863  2.726   1.00 40.50 ? 85  ASN A CA  1 
ATOM   604  C  C   . ASN A 1 81  ? -16.067 -8.908  2.001   1.00 41.29 ? 85  ASN A C   1 
ATOM   605  O  O   . ASN A 1 81  ? -15.528 -9.665  1.182   1.00 41.56 ? 85  ASN A O   1 
ATOM   606  C  CB  . ASN A 1 81  ? -15.241 -6.524  1.979   1.00 40.66 ? 85  ASN A CB  1 
ATOM   607  C  CG  . ASN A 1 81  ? -14.684 -6.628  0.577   1.00 42.14 ? 85  ASN A CG  1 
ATOM   608  O  OD1 . ASN A 1 81  ? -15.207 -7.365  -0.260  1.00 43.73 ? 85  ASN A OD1 1 
ATOM   609  N  ND2 . ASN A 1 81  ? -13.603 -5.900  0.316   1.00 43.28 ? 85  ASN A ND2 1 
ATOM   610  N  N   . PRO A 1 82  ? -17.391 -8.964  2.303   1.00 42.27 ? 86  PRO A N   1 
ATOM   611  C  CA  . PRO A 1 82  ? -18.312 -9.949  1.697   1.00 42.60 ? 86  PRO A CA  1 
ATOM   612  C  C   . PRO A 1 82  ? -18.198 -10.082 0.177   1.00 43.08 ? 86  PRO A C   1 
ATOM   613  O  O   . PRO A 1 82  ? -18.320 -11.189 -0.347  1.00 43.27 ? 86  PRO A O   1 
ATOM   614  C  CB  . PRO A 1 82  ? -19.702 -9.420  2.066   1.00 43.03 ? 86  PRO A CB  1 
ATOM   615  C  CG  . PRO A 1 82  ? -19.504 -8.584  3.288   1.00 42.76 ? 86  PRO A CG  1 
ATOM   616  C  CD  . PRO A 1 82  ? -18.069 -8.092  3.287   1.00 42.53 ? 86  PRO A CD  1 
ATOM   617  N  N   . LYS A 1 83  ? -17.962 -8.966  -0.517  1.00 43.30 ? 87  LYS A N   1 
ATOM   618  C  CA  . LYS A 1 83  ? -17.867 -8.963  -1.976  1.00 43.40 ? 87  LYS A CA  1 
ATOM   619  C  C   . LYS A 1 83  ? -16.521 -9.488  -2.510  1.00 42.53 ? 87  LYS A C   1 
ATOM   620  O  O   . LYS A 1 83  ? -16.421 -9.895  -3.676  1.00 42.83 ? 87  LYS A O   1 
ATOM   621  C  CB  . LYS A 1 83  ? -18.124 -7.547  -2.517  1.00 44.37 ? 87  LYS A CB  1 
ATOM   622  C  CG  . LYS A 1 83  ? -19.573 -7.063  -2.418  1.00 47.05 ? 87  LYS A CG  1 
ATOM   623  C  CD  . LYS A 1 83  ? -20.439 -7.657  -3.527  1.00 50.62 ? 87  LYS A CD  1 
ATOM   624  C  CE  . LYS A 1 83  ? -21.920 -7.370  -3.284  1.00 53.22 ? 87  LYS A CE  1 
ATOM   625  N  NZ  . LYS A 1 83  ? -22.498 -8.253  -2.211  1.00 54.86 ? 87  LYS A NZ  1 
ATOM   626  N  N   . GLY A 1 84  ? -15.496 -9.476  -1.663  1.00 41.01 ? 88  GLY A N   1 
ATOM   627  C  CA  . GLY A 1 84  ? -14.133 -9.819  -2.095  1.00 39.09 ? 88  GLY A CA  1 
ATOM   628  C  C   . GLY A 1 84  ? -13.520 -8.741  -2.990  1.00 37.59 ? 88  GLY A C   1 
ATOM   629  O  O   . GLY A 1 84  ? -12.660 -9.029  -3.826  1.00 38.01 ? 88  GLY A O   1 
ATOM   630  N  N   . PHE A 1 85  ? -13.955 -7.500  -2.794  1.00 36.00 ? 89  PHE A N   1 
ATOM   631  C  CA  . PHE A 1 85  ? -13.581 -6.379  -3.662  1.00 34.63 ? 89  PHE A CA  1 
ATOM   632  C  C   . PHE A 1 85  ? -12.299 -5.712  -3.187  1.00 32.27 ? 89  PHE A C   1 
ATOM   633  O  O   . PHE A 1 85  ? -12.124 -5.442  -1.983  1.00 32.67 ? 89  PHE A O   1 
ATOM   634  C  CB  . PHE A 1 85  ? -14.730 -5.355  -3.736  1.00 35.53 ? 89  PHE A CB  1 
ATOM   635  C  CG  . PHE A 1 85  ? -14.383 -4.089  -4.479  1.00 37.76 ? 89  PHE A CG  1 
ATOM   636  C  CD1 . PHE A 1 85  ? -14.333 -4.074  -5.882  1.00 39.67 ? 89  PHE A CD1 1 
ATOM   637  C  CD2 . PHE A 1 85  ? -14.101 -2.915  -3.778  1.00 38.75 ? 89  PHE A CD2 1 
ATOM   638  C  CE1 . PHE A 1 85  ? -14.010 -2.907  -6.569  1.00 39.85 ? 89  PHE A CE1 1 
ATOM   639  C  CE2 . PHE A 1 85  ? -13.777 -1.735  -4.460  1.00 39.97 ? 89  PHE A CE2 1 
ATOM   640  C  CZ  . PHE A 1 85  ? -13.732 -1.731  -5.852  1.00 38.86 ? 89  PHE A CZ  1 
ATOM   641  N  N   . CYS A 1 86  ? -11.407 -5.457  -4.141  1.00 28.79 ? 90  CYS A N   1 
ATOM   642  C  CA  . CYS A 1 86  ? -10.143 -4.789  -3.858  1.00 26.83 ? 90  CYS A CA  1 
ATOM   643  C  C   . CYS A 1 86  ? -10.203 -3.367  -4.414  1.00 26.24 ? 90  CYS A C   1 
ATOM   644  O  O   . CYS A 1 86  ? -10.453 -3.202  -5.609  1.00 25.46 ? 90  CYS A O   1 
ATOM   645  C  CB  . CYS A 1 86  ? -9.002  -5.523  -4.558  1.00 26.45 ? 90  CYS A CB  1 
ATOM   646  S  SG  . CYS A 1 86  ? -7.436  -4.755  -4.161  1.00 23.58 ? 90  CYS A SG  1 
ATOM   647  N  N   . ASP A 1 87  ? -9.983  -2.371  -3.557  1.00 26.05 ? 91  ASP A N   1 
ATOM   648  C  CA  . ASP A 1 87  ? -9.944  -0.945  -3.957  1.00 27.05 ? 91  ASP A CA  1 
ATOM   649  C  C   . ASP A 1 87  ? -8.680  -0.557  -4.742  1.00 26.14 ? 91  ASP A C   1 
ATOM   650  O  O   . ASP A 1 87  ? -8.629  0.527   -5.344  1.00 26.23 ? 91  ASP A O   1 
ATOM   651  C  CB  . ASP A 1 87  ? -9.889  -0.054  -2.716  1.00 29.30 ? 91  ASP A CB  1 
ATOM   652  C  CG  . ASP A 1 87  ? -11.143 -0.093  -1.883  1.00 35.22 ? 91  ASP A CG  1 
ATOM   653  O  OD1 . ASP A 1 87  ? -12.238 -0.420  -2.404  1.00 40.41 ? 91  ASP A OD1 1 
ATOM   654  O  OD2 . ASP A 1 87  ? -11.017 0.245   -0.683  1.00 42.93 ? 91  ASP A OD2 1 
ATOM   655  N  N   . LEU A 1 88  ? -7.656  -1.411  -4.701  1.00 23.89 ? 92  LEU A N   1 
ATOM   656  C  CA  . LEU A 1 88  ? -6.347  -1.088  -5.261  1.00 22.98 ? 92  LEU A CA  1 
ATOM   657  C  C   . LEU A 1 88  ? -6.134  -1.699  -6.634  1.00 23.27 ? 92  LEU A C   1 
ATOM   658  O  O   . LEU A 1 88  ? -5.503  -1.093  -7.496  1.00 23.26 ? 92  LEU A O   1 
ATOM   659  C  CB  . LEU A 1 88  ? -5.234  -1.564  -4.317  1.00 22.32 ? 92  LEU A CB  1 
ATOM   660  C  CG  . LEU A 1 88  ? -5.120  -0.769  -3.013  1.00 22.29 ? 92  LEU A CG  1 
ATOM   661  C  CD1 . LEU A 1 88  ? -4.223  -1.468  -1.965  1.00 20.44 ? 92  LEU A CD1 1 
ATOM   662  C  CD2 . LEU A 1 88  ? -4.594  0.644   -3.291  1.00 25.39 ? 92  LEU A CD2 1 
ATOM   663  N  N   . LYS A 1 89  ? -6.642  -2.916  -6.821  1.00 23.58 ? 93  LYS A N   1 
ATOM   664  C  CA  . LYS A 1 89  ? -6.370  -3.709  -8.011  1.00 25.81 ? 93  LYS A CA  1 
ATOM   665  C  C   . LYS A 1 89  ? -6.803  -2.978  -9.286  1.00 25.51 ? 93  LYS A C   1 
ATOM   666  O  O   . LYS A 1 89  ? -7.910  -2.462  -9.359  1.00 25.54 ? 93  LYS A O   1 
ATOM   667  C  CB  . LYS A 1 89  ? -7.070  -5.082  -7.894  1.00 26.00 ? 93  LYS A CB  1 
ATOM   668  C  CG  . LYS A 1 89  ? -6.687  -6.077  -8.976  1.00 27.90 ? 93  LYS A CG  1 
ATOM   669  C  CD  . LYS A 1 89  ? -7.598  -7.317  -8.911  1.00 29.78 ? 93  LYS A CD  1 
ATOM   670  C  CE  . LYS A 1 89  ? -6.998  -8.453  -9.727  1.00 35.68 ? 93  LYS A CE  1 
ATOM   671  N  NZ  . LYS A 1 89  ? -8.021  -9.503  -10.022 1.00 40.35 ? 93  LYS A NZ  1 
ATOM   672  N  N   . GLY A 1 90  ? -5.914  -2.905  -10.272 1.00 25.81 ? 94  GLY A N   1 
ATOM   673  C  CA  . GLY A 1 90  ? -6.242  -2.257  -11.559 1.00 25.50 ? 94  GLY A CA  1 
ATOM   674  C  C   . GLY A 1 90  ? -6.082  -0.745  -11.538 1.00 25.50 ? 94  GLY A C   1 
ATOM   675  O  O   . GLY A 1 90  ? -6.225  -0.089  -12.574 1.00 26.99 ? 94  GLY A O   1 
ATOM   676  N  N   . LYS A 1 91  ? -5.790  -0.193  -10.362 1.00 24.03 ? 95  LYS A N   1 
ATOM   677  C  CA  . LYS A 1 91  ? -5.631  1.242   -10.178 1.00 22.92 ? 95  LYS A CA  1 
ATOM   678  C  C   . LYS A 1 91  ? -4.165  1.515   -9.839  1.00 20.91 ? 95  LYS A C   1 
ATOM   679  O  O   . LYS A 1 91  ? -3.362  0.585   -9.859  1.00 20.35 ? 95  LYS A O   1 
ATOM   680  C  CB  . LYS A 1 91  ? -6.560  1.749   -9.072  1.00 23.68 ? 95  LYS A CB  1 
ATOM   681  C  CG  . LYS A 1 91  ? -8.069  1.702   -9.499  1.00 26.93 ? 95  LYS A CG  1 
ATOM   682  C  CD  . LYS A 1 91  ? -8.983  2.205   -8.432  1.00 33.23 ? 95  LYS A CD  1 
ATOM   683  C  CE  . LYS A 1 91  ? -10.310 2.724   -9.039  1.00 36.70 ? 95  LYS A CE  1 
ATOM   684  N  NZ  . LYS A 1 91  ? -10.257 4.208   -9.300  1.00 41.44 ? 95  LYS A NZ  1 
ATOM   685  N  N   . TYR A 1 92  ? -3.852  2.780   -9.558  1.00 20.41 ? 96  TYR A N   1 
ATOM   686  C  CA  . TYR A 1 92  ? -2.512  3.240   -9.156  1.00 19.63 ? 96  TYR A CA  1 
ATOM   687  C  C   . TYR A 1 92  ? -2.611  3.921   -7.811  1.00 19.77 ? 96  TYR A C   1 
ATOM   688  O  O   . TYR A 1 92  ? -3.555  4.690   -7.556  1.00 19.70 ? 96  TYR A O   1 
ATOM   689  C  CB  . TYR A 1 92  ? -1.867  4.138   -10.264 1.00 19.14 ? 96  TYR A CB  1 
ATOM   690  C  CG  . TYR A 1 92  ? -1.775  3.323   -11.507 1.00 18.65 ? 96  TYR A CG  1 
ATOM   691  C  CD1 . TYR A 1 92  ? -0.694  2.478   -11.725 1.00 17.06 ? 96  TYR A CD1 1 
ATOM   692  C  CD2 . TYR A 1 92  ? -2.849  3.281   -12.418 1.00 20.26 ? 96  TYR A CD2 1 
ATOM   693  C  CE1 . TYR A 1 92  ? -0.677  1.620   -12.846 1.00 17.04 ? 96  TYR A CE1 1 
ATOM   694  C  CE2 . TYR A 1 92  ? -2.832  2.472   -13.496 1.00 18.69 ? 96  TYR A CE2 1 
ATOM   695  C  CZ  . TYR A 1 92  ? -1.755  1.650   -13.724 1.00 18.46 ? 96  TYR A CZ  1 
ATOM   696  O  OH  . TYR A 1 92  ? -1.790  0.832   -14.828 1.00 20.80 ? 96  TYR A OH  1 
ATOM   697  N  N   . VAL A 1 93  ? -1.653  3.618   -6.930  1.00 19.03 ? 97  VAL A N   1 
ATOM   698  C  CA  . VAL A 1 93  ? -1.661  4.175   -5.581  1.00 18.65 ? 97  VAL A CA  1 
ATOM   699  C  C   . VAL A 1 93  ? -0.475  5.114   -5.396  1.00 18.06 ? 97  VAL A C   1 
ATOM   700  O  O   . VAL A 1 93  ? 0.652   4.769   -5.743  1.00 17.40 ? 97  VAL A O   1 
ATOM   701  C  CB  . VAL A 1 93  ? -1.695  3.051   -4.492  1.00 18.32 ? 97  VAL A CB  1 
ATOM   702  C  CG1 . VAL A 1 93  ? -0.434  2.182   -4.533  1.00 19.68 ? 97  VAL A CG1 1 
ATOM   703  C  CG2 . VAL A 1 93  ? -1.877  3.646   -3.093  1.00 19.51 ? 97  VAL A CG2 1 
ATOM   704  N  N   . GLN A 1 94  ? -0.751  6.279   -4.823  1.00 17.44 ? 98  GLN A N   1 
ATOM   705  C  CA  . GLN A 1 94  ? 0.271   7.268   -4.511  1.00 16.89 ? 98  GLN A CA  1 
ATOM   706  C  C   . GLN A 1 94  ? 0.740   7.102   -3.061  1.00 17.66 ? 98  GLN A C   1 
ATOM   707  O  O   . GLN A 1 94  ? -0.079  7.056   -2.113  1.00 17.74 ? 98  GLN A O   1 
ATOM   708  C  CB  . GLN A 1 94  ? -0.286  8.687   -4.758  1.00 17.09 ? 98  GLN A CB  1 
ATOM   709  C  CG  . GLN A 1 94  ? -0.375  9.115   -6.254  1.00 16.89 ? 98  GLN A CG  1 
ATOM   710  C  CD  . GLN A 1 94  ? -1.220  8.220   -7.125  1.00 18.31 ? 98  GLN A CD  1 
ATOM   711  O  OE1 . GLN A 1 94  ? -2.459  8.120   -6.956  1.00 20.58 ? 98  GLN A OE1 1 
ATOM   712  N  NE2 . GLN A 1 94  ? -0.581  7.576   -8.082  1.00 14.76 ? 98  GLN A NE2 1 
ATOM   713  N  N   . ILE A 1 95  ? 2.059   6.987   -2.882  1.00 17.27 ? 99  ILE A N   1 
ATOM   714  C  CA  . ILE A 1 95  ? 2.623   6.803   -1.572  1.00 18.00 ? 99  ILE A CA  1 
ATOM   715  C  C   . ILE A 1 95  ? 3.575   7.938   -1.270  1.00 18.51 ? 99  ILE A C   1 
ATOM   716  O  O   . ILE A 1 95  ? 4.446   8.265   -2.084  1.00 18.13 ? 99  ILE A O   1 
ATOM   717  C  CB  . ILE A 1 95  ? 3.367   5.420   -1.432  1.00 18.14 ? 99  ILE A CB  1 
ATOM   718  C  CG1 . ILE A 1 95  ? 2.493   4.248   -1.923  1.00 19.21 ? 99  ILE A CG1 1 
ATOM   719  C  CG2 . ILE A 1 95  ? 3.971   5.231   -0.019  1.00 18.18 ? 99  ILE A CG2 1 
ATOM   720  C  CD1 . ILE A 1 95  ? 1.322   3.835   -0.986  1.00 16.16 ? 99  ILE A CD1 1 
ATOM   721  N  N   . PRO A 1 96  ? 3.435   8.553   -0.091  1.00 18.76 ? 100 PRO A N   1 
ATOM   722  C  CA  . PRO A 1 96  ? 4.373   9.633   0.230   1.00 19.36 ? 100 PRO A CA  1 
ATOM   723  C  C   . PRO A 1 96  ? 5.810   9.106   0.165   1.00 20.31 ? 100 PRO A C   1 
ATOM   724  O  O   . PRO A 1 96  ? 6.087   7.982   0.578   1.00 19.51 ? 100 PRO A O   1 
ATOM   725  C  CB  . PRO A 1 96  ? 4.028   9.985   1.684   1.00 19.46 ? 100 PRO A CB  1 
ATOM   726  C  CG  . PRO A 1 96  ? 2.661   9.470   1.883   1.00 20.42 ? 100 PRO A CG  1 
ATOM   727  C  CD  . PRO A 1 96  ? 2.486   8.281   1.001   1.00 18.92 ? 100 PRO A CD  1 
ATOM   728  N  N   . THR A 1 97  ? 6.740   9.911   -0.341  1.00 21.26 ? 101 THR A N   1 
ATOM   729  C  CA  . THR A 1 97  ? 8.093   9.434   -0.521  1.00 23.06 ? 101 THR A CA  1 
ATOM   730  C  C   . THR A 1 97  ? 8.725   8.922   0.775   1.00 23.62 ? 101 THR A C   1 
ATOM   731  O  O   . THR A 1 97  ? 9.421   7.903   0.762   1.00 22.88 ? 101 THR A O   1 
ATOM   732  C  CB  . THR A 1 97  ? 8.951   10.485  -1.304  1.00 24.28 ? 101 THR A CB  1 
ATOM   733  O  OG1 . THR A 1 97  ? 8.407   10.603  -2.627  1.00 26.67 ? 101 THR A OG1 1 
ATOM   734  C  CG2 . THR A 1 97  ? 10.378  10.022  -1.432  1.00 27.09 ? 101 THR A CG2 1 
ATOM   735  N  N   . THR A 1 98  ? 8.420   9.578   1.902   1.00 24.07 ? 102 THR A N   1 
ATOM   736  C  CA  . THR A 1 98  ? 8.928   9.151   3.204   1.00 25.27 ? 102 THR A CA  1 
ATOM   737  C  C   . THR A 1 98  ? 8.484   7.750   3.602   1.00 24.56 ? 102 THR A C   1 
ATOM   738  O  O   . THR A 1 98  ? 9.110   7.146   4.476   1.00 25.23 ? 102 THR A O   1 
ATOM   739  C  CB  . THR A 1 98  ? 8.488   10.122  4.341   1.00 25.65 ? 102 THR A CB  1 
ATOM   740  O  OG1 . THR A 1 98  ? 7.061   10.246  4.315   1.00 27.12 ? 102 THR A OG1 1 
ATOM   741  C  CG2 . THR A 1 98  ? 9.114   11.498  4.112   1.00 28.14 ? 102 THR A CG2 1 
ATOM   742  N  N   . CYS A 1 99  ? 7.396   7.248   2.997   1.00 23.14 ? 103 CYS A N   1 
ATOM   743  C  CA  . CYS A 1 99  ? 6.852   5.937   3.358   1.00 22.26 ? 103 CYS A CA  1 
ATOM   744  C  C   . CYS A 1 99  ? 6.978   4.920   2.233   1.00 20.86 ? 103 CYS A C   1 
ATOM   745  O  O   . CYS A 1 99  ? 6.479   3.802   2.343   1.00 20.15 ? 103 CYS A O   1 
ATOM   746  C  CB  . CYS A 1 99  ? 5.373   6.075   3.713   1.00 22.53 ? 103 CYS A CB  1 
ATOM   747  S  SG  . CYS A 1 99  ? 5.107   7.181   5.128   1.00 27.61 ? 103 CYS A SG  1 
ATOM   748  N  N   . ALA A 1 100 ? 7.644   5.316   1.148   1.00 19.92 ? 104 ALA A N   1 
ATOM   749  C  CA  . ALA A 1 100 ? 7.682   4.484   -0.062  1.00 19.09 ? 104 ALA A CA  1 
ATOM   750  C  C   . ALA A 1 100 ? 8.541   3.216   0.106   1.00 18.97 ? 104 ALA A C   1 
ATOM   751  O  O   . ALA A 1 100 ? 8.509   2.337   -0.741  1.00 18.15 ? 104 ALA A O   1 
ATOM   752  C  CB  . ALA A 1 100 ? 8.163   5.309   -1.257  1.00 19.89 ? 104 ALA A CB  1 
ATOM   753  N  N   . ASN A 1 101 ? 9.303   3.137   1.186   1.00 19.15 ? 105 ASN A N   1 
ATOM   754  C  CA  . ASN A 1 101 ? 9.992   1.903   1.551   1.00 19.55 ? 105 ASN A CA  1 
ATOM   755  C  C   . ASN A 1 101 ? 9.003   0.753   1.895   1.00 18.40 ? 105 ASN A C   1 
ATOM   756  O  O   . ASN A 1 101 ? 9.370   -0.425  1.886   1.00 18.65 ? 105 ASN A O   1 
ATOM   757  C  CB  . ASN A 1 101 ? 10.944  2.178   2.714   1.00 21.56 ? 105 ASN A CB  1 
ATOM   758  C  CG  . ASN A 1 101 ? 10.202  2.597   4.001   1.00 25.28 ? 105 ASN A CG  1 
ATOM   759  O  OD1 . ASN A 1 101 ? 9.389   3.542   4.004   1.00 28.79 ? 105 ASN A OD1 1 
ATOM   760  N  ND2 . ASN A 1 101 ? 10.501  1.915   5.101   1.00 30.36 ? 105 ASN A ND2 1 
ATOM   761  N  N   . ASP A 1 102 ? 7.744   1.098   2.187   1.00 16.99 ? 106 ASP A N   1 
ATOM   762  C  CA  . ASP A 1 102 ? 6.738   0.100   2.623   1.00 16.89 ? 106 ASP A CA  1 
ATOM   763  C  C   . ASP A 1 102 ? 5.346   0.462   2.125   1.00 16.76 ? 106 ASP A C   1 
ATOM   764  O  O   . ASP A 1 102 ? 4.451   0.820   2.921   1.00 16.84 ? 106 ASP A O   1 
ATOM   765  C  CB  . ASP A 1 102 ? 6.790   -0.053  4.162   1.00 17.28 ? 106 ASP A CB  1 
ATOM   766  C  CG  . ASP A 1 102 ? 5.773   -1.052  4.712   1.00 18.23 ? 106 ASP A CG  1 
ATOM   767  O  OD1 . ASP A 1 102 ? 5.358   -2.000  3.983   1.00 17.83 ? 106 ASP A OD1 1 
ATOM   768  O  OD2 . ASP A 1 102 ? 5.377   -0.863  5.907   1.00 20.26 ? 106 ASP A OD2 1 
ATOM   769  N  N   . PRO A 1 103 ? 5.136   0.397   0.793   1.00 16.12 ? 107 PRO A N   1 
ATOM   770  C  CA  . PRO A 1 103 ? 3.780   0.703   0.293   1.00 15.17 ? 107 PRO A CA  1 
ATOM   771  C  C   . PRO A 1 103 ? 2.694   -0.200  0.824   1.00 15.57 ? 107 PRO A C   1 
ATOM   772  O  O   . PRO A 1 103 ? 1.583   0.263   1.017   1.00 14.56 ? 107 PRO A O   1 
ATOM   773  C  CB  . PRO A 1 103 ? 3.905   0.510   -1.229  1.00 15.76 ? 107 PRO A CB  1 
ATOM   774  C  CG  . PRO A 1 103 ? 5.368   0.763   -1.496  1.00 15.49 ? 107 PRO A CG  1 
ATOM   775  C  CD  . PRO A 1 103 ? 6.082   0.156   -0.315  1.00 16.90 ? 107 PRO A CD  1 
ATOM   776  N  N   . VAL A 1 104 ? 2.982   -1.493  1.017   1.00 15.75 ? 108 VAL A N   1 
ATOM   777  C  CA  . VAL A 1 104 ? 1.950   -2.411  1.472   1.00 15.73 ? 108 VAL A CA  1 
ATOM   778  C  C   . VAL A 1 104 ? 1.527   -2.019  2.882   1.00 16.57 ? 108 VAL A C   1 
ATOM   779  O  O   . VAL A 1 104 ? 0.327   -1.968  3.176   1.00 16.90 ? 108 VAL A O   1 
ATOM   780  C  CB  . VAL A 1 104 ? 2.437   -3.898  1.458   1.00 15.16 ? 108 VAL A CB  1 
ATOM   781  C  CG1 . VAL A 1 104 ? 1.386   -4.837  2.046   1.00 15.65 ? 108 VAL A CG1 1 
ATOM   782  C  CG2 . VAL A 1 104 ? 2.720   -4.326  0.013   1.00 15.23 ? 108 VAL A CG2 1 
ATOM   783  N  N   . GLY A 1 105 ? 2.505   -1.760  3.752   1.00 16.58 ? 109 GLY A N   1 
ATOM   784  C  CA  . GLY A 1 105 ? 2.192   -1.265  5.125   1.00 17.73 ? 109 GLY A CA  1 
ATOM   785  C  C   . GLY A 1 105 ? 1.441   0.046   5.114   1.00 18.36 ? 109 GLY A C   1 
ATOM   786  O  O   . GLY A 1 105 ? 0.487   0.271   5.915   1.00 18.38 ? 109 GLY A O   1 
ATOM   787  N  N   . PHE A 1 106 ? 1.837   0.914   4.191   1.00 17.85 ? 110 PHE A N   1 
ATOM   788  C  CA  . PHE A 1 106 ? 1.218   2.227   4.098   1.00 19.15 ? 110 PHE A CA  1 
ATOM   789  C  C   . PHE A 1 106 ? -0.260  2.120   3.795   1.00 19.93 ? 110 PHE A C   1 
ATOM   790  O  O   . PHE A 1 106 ? -1.074  2.742   4.476   1.00 21.30 ? 110 PHE A O   1 
ATOM   791  C  CB  . PHE A 1 106 ? 1.887   3.128   3.049   1.00 18.09 ? 110 PHE A CB  1 
ATOM   792  C  CG  . PHE A 1 106 ? 1.384   4.555   3.107   1.00 17.01 ? 110 PHE A CG  1 
ATOM   793  C  CD1 . PHE A 1 106 ? 1.965   5.462   3.993   1.00 18.66 ? 110 PHE A CD1 1 
ATOM   794  C  CD2 . PHE A 1 106 ? 0.295   4.962   2.337   1.00 19.49 ? 110 PHE A CD2 1 
ATOM   795  C  CE1 . PHE A 1 106 ? 1.489   6.783   4.075   1.00 18.83 ? 110 PHE A CE1 1 
ATOM   796  C  CE2 . PHE A 1 106 ? -0.186  6.293   2.422   1.00 19.29 ? 110 PHE A CE2 1 
ATOM   797  C  CZ  . PHE A 1 106 ? 0.422   7.180   3.296   1.00 15.75 ? 110 PHE A CZ  1 
ATOM   798  N  N   . THR A 1 107 ? -0.610  1.332   2.782   1.00 20.06 ? 111 THR A N   1 
ATOM   799  C  CA  . THR A 1 107 ? -2.013  1.176   2.412   1.00 20.75 ? 111 THR A CA  1 
ATOM   800  C  C   . THR A 1 107 ? -2.824  0.485   3.522   1.00 21.84 ? 111 THR A C   1 
ATOM   801  O  O   . THR A 1 107 ? -3.994  0.786   3.710   1.00 23.08 ? 111 THR A O   1 
ATOM   802  C  CB  . THR A 1 107 ? -2.207  0.446   1.059   1.00 20.81 ? 111 THR A CB  1 
ATOM   803  O  OG1 . THR A 1 107 ? -1.779  -0.932  1.167   1.00 21.48 ? 111 THR A OG1 1 
ATOM   804  C  CG2 . THR A 1 107 ? -1.452  1.206   -0.094  1.00 18.17 ? 111 THR A CG2 1 
ATOM   805  N  N   . LEU A 1 108 ? -2.194  -0.424  4.255   1.00 23.04 ? 112 LEU A N   1 
ATOM   806  C  CA  . LEU A 1 108 ? -2.867  -1.119  5.373   1.00 24.57 ? 112 LEU A CA  1 
ATOM   807  C  C   . LEU A 1 108 ? -3.192  -0.176  6.525   1.00 25.54 ? 112 LEU A C   1 
ATOM   808  O  O   . LEU A 1 108 ? -4.284  -0.250  7.117   1.00 26.27 ? 112 LEU A O   1 
ATOM   809  C  CB  . LEU A 1 108 ? -1.992  -2.252  5.901   1.00 24.58 ? 112 LEU A CB  1 
ATOM   810  C  CG  . LEU A 1 108 ? -2.144  -3.581  5.185   1.00 27.75 ? 112 LEU A CG  1 
ATOM   811  C  CD1 . LEU A 1 108 ? -1.047  -4.548  5.680   1.00 30.40 ? 112 LEU A CD1 1 
ATOM   812  C  CD2 . LEU A 1 108 ? -3.557  -4.154  5.400   1.00 26.38 ? 112 LEU A CD2 1 
ATOM   813  N  N   . ARG A 1 109 ? -2.250  0.698   6.853   1.00 25.14 ? 113 ARG A N   1 
ATOM   814  C  CA  . ARG A 1 109 ? -2.363  1.530   8.047   1.00 26.28 ? 113 ARG A CA  1 
ATOM   815  C  C   . ARG A 1 109 ? -3.222  2.772   7.828   1.00 26.43 ? 113 ARG A C   1 
ATOM   816  O  O   . ARG A 1 109 ? -3.691  3.373   8.795   1.00 27.53 ? 113 ARG A O   1 
ATOM   817  C  CB  . ARG A 1 109 ? -0.982  1.977   8.515   1.00 25.71 ? 113 ARG A CB  1 
ATOM   818  C  CG  . ARG A 1 109 ? -0.096  0.827   8.995   1.00 28.40 ? 113 ARG A CG  1 
ATOM   819  C  CD  . ARG A 1 109 ? 1.291   1.325   9.492   1.00 27.25 ? 113 ARG A CD  1 
ATOM   820  N  NE  . ARG A 1 109 ? 2.120   1.959   8.467   1.00 29.07 ? 113 ARG A NE  1 
ATOM   821  C  CZ  . ARG A 1 109 ? 3.097   1.351   7.791   1.00 30.21 ? 113 ARG A CZ  1 
ATOM   822  N  NH1 . ARG A 1 109 ? 3.398   0.078   8.008   1.00 26.25 ? 113 ARG A NH1 1 
ATOM   823  N  NH2 . ARG A 1 109 ? 3.786   2.030   6.893   1.00 31.39 ? 113 ARG A NH2 1 
ATOM   824  N  N   . ASN A 1 110 ? -3.407  3.177   6.574   1.00 25.23 ? 114 ASN A N   1 
ATOM   825  C  CA  . ASN A 1 110 ? -3.956  4.497   6.292   1.00 25.01 ? 114 ASN A CA  1 
ATOM   826  C  C   . ASN A 1 110 ? -5.304  4.479   5.606   1.00 24.65 ? 114 ASN A C   1 
ATOM   827  O  O   . ASN A 1 110 ? -5.730  3.455   5.098   1.00 23.46 ? 114 ASN A O   1 
ATOM   828  C  CB  . ASN A 1 110 ? -2.959  5.323   5.467   1.00 24.61 ? 114 ASN A CB  1 
ATOM   829  C  CG  . ASN A 1 110 ? -1.757  5.725   6.267   1.00 26.64 ? 114 ASN A CG  1 
ATOM   830  O  OD1 . ASN A 1 110 ? -1.823  6.641   7.095   1.00 27.42 ? 114 ASN A OD1 1 
ATOM   831  N  ND2 . ASN A 1 110 ? -0.643  5.016   6.062   1.00 23.46 ? 114 ASN A ND2 1 
ATOM   832  N  N   . THR A 1 111 ? -5.967  5.632   5.612   1.00 25.10 ? 115 THR A N   1 
ATOM   833  C  CA  . THR A 1 111 ? -7.292  5.758   5.035   1.00 26.81 ? 115 THR A CA  1 
ATOM   834  C  C   . THR A 1 111 ? -7.385  7.021   4.172   1.00 26.09 ? 115 THR A C   1 
ATOM   835  O  O   . THR A 1 111 ? -6.712  8.030   4.428   1.00 25.33 ? 115 THR A O   1 
ATOM   836  C  CB  . THR A 1 111 ? -8.390  5.794   6.139   1.00 26.95 ? 115 THR A CB  1 
ATOM   837  O  OG1 . THR A 1 111 ? -8.182  6.946   6.952   1.00 30.87 ? 115 THR A OG1 1 
ATOM   838  C  CG2 . THR A 1 111 ? -8.268  4.579   7.039   1.00 27.49 ? 115 THR A CG2 1 
ATOM   839  N  N   . VAL A 1 112 ? -8.230  6.919   3.156   1.00 28.07 ? 116 VAL A N   1 
ATOM   840  C  CA  . VAL A 1 112 ? -8.477  7.986   2.191   1.00 29.52 ? 116 VAL A CA  1 
ATOM   841  C  C   . VAL A 1 112 ? -9.702  8.819   2.586   1.00 31.52 ? 116 VAL A C   1 
ATOM   842  O  O   . VAL A 1 112 ? -10.782 8.260   2.864   1.00 32.14 ? 116 VAL A O   1 
ATOM   843  C  CB  . VAL A 1 112 ? -8.747  7.379   0.804   1.00 29.21 ? 116 VAL A CB  1 
ATOM   844  C  CG1 . VAL A 1 112 ? -8.956  8.475   -0.259  1.00 29.40 ? 116 VAL A CG1 1 
ATOM   845  C  CG2 . VAL A 1 112 ? -7.639  6.432   0.410   1.00 29.69 ? 116 VAL A CG2 1 
ATOM   846  N  N   . CYS A 1 113 ? -9.523  10.140  2.599   1.00 33.24 ? 117 CYS A N   1 
ATOM   847  C  CA  . CYS A 1 113 ? -10.626 11.094  2.693   1.00 34.65 ? 117 CYS A CA  1 
ATOM   848  C  C   . CYS A 1 113 ? -11.626 10.849  1.562   1.00 35.40 ? 117 CYS A C   1 
ATOM   849  O  O   . CYS A 1 113 ? -11.288 10.979  0.392   1.00 35.23 ? 117 CYS A O   1 
ATOM   850  C  CB  . CYS A 1 113 ? -10.068 12.516  2.611   1.00 34.68 ? 117 CYS A CB  1 
ATOM   851  S  SG  . CYS A 1 113 ? -11.269 13.916  2.890   1.00 36.06 ? 117 CYS A SG  1 
ATOM   852  N  N   . THR A 1 114 ? -12.864 10.485  1.908   1.00 36.55 ? 118 THR A N   1 
ATOM   853  C  CA  . THR A 1 114 ? -13.922 10.275  0.903   1.00 37.50 ? 118 THR A CA  1 
ATOM   854  C  C   . THR A 1 114 ? -14.337 11.588  0.198   1.00 37.63 ? 118 THR A C   1 
ATOM   855  O  O   . THR A 1 114 ? -14.915 11.561  -0.899  1.00 37.98 ? 118 THR A O   1 
ATOM   856  C  CB  . THR A 1 114 ? -15.185 9.623   1.532   1.00 38.26 ? 118 THR A CB  1 
ATOM   857  O  OG1 . THR A 1 114 ? -15.361 10.129  2.859   1.00 39.38 ? 118 THR A OG1 1 
ATOM   858  C  CG2 . THR A 1 114 ? -15.053 8.099   1.583   1.00 38.25 ? 118 THR A CG2 1 
ATOM   859  N  N   . VAL A 1 115 ? -14.010 12.718  0.825   1.00 37.08 ? 119 VAL A N   1 
ATOM   860  C  CA  . VAL A 1 115 ? -14.338 14.047  0.318   1.00 37.44 ? 119 VAL A CA  1 
ATOM   861  C  C   . VAL A 1 115 ? -13.324 14.561  -0.723  1.00 36.40 ? 119 VAL A C   1 
ATOM   862  O  O   . VAL A 1 115 ? -13.711 14.967  -1.818  1.00 36.27 ? 119 VAL A O   1 
ATOM   863  C  CB  . VAL A 1 115 ? -14.477 15.065  1.497   1.00 38.01 ? 119 VAL A CB  1 
ATOM   864  C  CG1 . VAL A 1 115 ? -14.828 16.479  0.998   1.00 38.70 ? 119 VAL A CG1 1 
ATOM   865  C  CG2 . VAL A 1 115 ? -15.522 14.570  2.517   1.00 38.99 ? 119 VAL A CG2 1 
ATOM   866  N  N   . CYS A 1 116 ? -12.039 14.554  -0.379  1.00 34.95 ? 120 CYS A N   1 
ATOM   867  C  CA  . CYS A 1 116 ? -11.012 15.065  -1.294  1.00 33.26 ? 120 CYS A CA  1 
ATOM   868  C  C   . CYS A 1 116 ? -10.214 13.983  -2.028  1.00 32.84 ? 120 CYS A C   1 
ATOM   869  O  O   . CYS A 1 116 ? -9.481  14.285  -2.985  1.00 32.94 ? 120 CYS A O   1 
ATOM   870  C  CB  . CYS A 1 116 ? -10.060 16.033  -0.592  1.00 32.86 ? 120 CYS A CB  1 
ATOM   871  S  SG  . CYS A 1 116 ? -8.892  15.329  0.602   1.00 30.17 ? 120 CYS A SG  1 
ATOM   872  N  N   . GLY A 1 117 ? -10.340 12.737  -1.582  1.00 31.56 ? 121 GLY A N   1 
ATOM   873  C  CA  . GLY A 1 117 ? -9.572  11.653  -2.175  1.00 30.34 ? 121 GLY A CA  1 
ATOM   874  C  C   . GLY A 1 117 ? -8.092  11.605  -1.811  1.00 28.84 ? 121 GLY A C   1 
ATOM   875  O  O   . GLY A 1 117 ? -7.360  10.778  -2.357  1.00 29.05 ? 121 GLY A O   1 
ATOM   876  N  N   . MET A 1 118 ? -7.637  12.461  -0.902  1.00 28.47 ? 122 MET A N   1 
ATOM   877  C  CA  . MET A 1 118 ? -6.250  12.392  -0.421  1.00 28.29 ? 122 MET A CA  1 
ATOM   878  C  C   . MET A 1 118 ? -6.135  11.486  0.798   1.00 27.90 ? 122 MET A C   1 
ATOM   879  O  O   . MET A 1 118 ? -7.126  11.253  1.496   1.00 28.03 ? 122 MET A O   1 
ATOM   880  C  CB  . MET A 1 118 ? -5.715  13.780  -0.053  1.00 28.92 ? 122 MET A CB  1 
ATOM   881  C  CG  . MET A 1 118 ? -5.984  14.883  -1.087  1.00 32.25 ? 122 MET A CG  1 
ATOM   882  S  SD  . MET A 1 118 ? -4.921  14.731  -2.531  1.00 33.71 ? 122 MET A SD  1 
ATOM   883  C  CE  . MET A 1 118 ? -5.624  15.939  -3.638  1.00 33.61 ? 122 MET A CE  1 
ATOM   884  N  N   . TRP A 1 119 ? -4.923  11.010  1.091   1.00 26.83 ? 123 TRP A N   1 
ATOM   885  C  CA  . TRP A 1 119 ? -4.690  10.198  2.285   1.00 26.12 ? 123 TRP A CA  1 
ATOM   886  C  C   . TRP A 1 119 ? -4.853  11.085  3.500   1.00 26.93 ? 123 TRP A C   1 
ATOM   887  O  O   . TRP A 1 119 ? -4.264  12.168  3.568   1.00 26.25 ? 123 TRP A O   1 
ATOM   888  C  CB  . TRP A 1 119 ? -3.262  9.632   2.317   1.00 25.11 ? 123 TRP A CB  1 
ATOM   889  C  CG  . TRP A 1 119 ? -2.995  8.533   1.335   1.00 24.06 ? 123 TRP A CG  1 
ATOM   890  C  CD1 . TRP A 1 119 ? -2.194  8.602   0.219   1.00 22.81 ? 123 TRP A CD1 1 
ATOM   891  C  CD2 . TRP A 1 119 ? -3.496  7.194   1.381   1.00 21.23 ? 123 TRP A CD2 1 
ATOM   892  N  NE1 . TRP A 1 119 ? -2.183  7.398   -0.423  1.00 19.17 ? 123 TRP A NE1 1 
ATOM   893  C  CE2 . TRP A 1 119 ? -2.957  6.509   0.267   1.00 21.15 ? 123 TRP A CE2 1 
ATOM   894  C  CE3 . TRP A 1 119 ? -4.328  6.494   2.270   1.00 22.12 ? 123 TRP A CE3 1 
ATOM   895  C  CZ2 . TRP A 1 119 ? -3.244  5.171   0.002   1.00 20.62 ? 123 TRP A CZ2 1 
ATOM   896  C  CZ3 . TRP A 1 119 ? -4.618  5.169   2.006   1.00 21.44 ? 123 TRP A CZ3 1 
ATOM   897  C  CH2 . TRP A 1 119 ? -4.079  4.514   0.882   1.00 23.00 ? 123 TRP A CH2 1 
ATOM   898  N  N   . LYS A 1 120 ? -5.626  10.623  4.479   1.00 28.60 ? 124 LYS A N   1 
ATOM   899  C  CA  . LYS A 1 120 ? -5.656  11.338  5.756   1.00 29.88 ? 124 LYS A CA  1 
ATOM   900  C  C   . LYS A 1 120 ? -4.272  11.397  6.366   1.00 30.18 ? 124 LYS A C   1 
ATOM   901  O  O   . LYS A 1 120 ? -3.577  10.373  6.469   1.00 30.82 ? 124 LYS A O   1 
ATOM   902  C  CB  . LYS A 1 120 ? -6.635  10.694  6.728   1.00 30.17 ? 124 LYS A CB  1 
ATOM   903  C  CG  . LYS A 1 120 ? -8.041  10.772  6.240   1.00 33.42 ? 124 LYS A CG  1 
ATOM   904  C  CD  . LYS A 1 120 ? -8.982  10.138  7.226   1.00 36.93 ? 124 LYS A CD  1 
ATOM   905  C  CE  . LYS A 1 120 ? -10.413 10.186  6.697   1.00 38.46 ? 124 LYS A CE  1 
ATOM   906  N  NZ  . LYS A 1 120 ? -11.364 9.652   7.714   1.00 39.99 ? 124 LYS A NZ  1 
ATOM   907  N  N   . GLY A 1 121 ? -3.859  12.600  6.745   1.00 30.04 ? 125 GLY A N   1 
ATOM   908  C  CA  . GLY A 1 121 ? -2.555  12.814  7.349   1.00 30.03 ? 125 GLY A CA  1 
ATOM   909  C  C   . GLY A 1 121 ? -1.416  12.962  6.342   1.00 30.71 ? 125 GLY A C   1 
ATOM   910  O  O   . GLY A 1 121 ? -0.304  13.368  6.710   1.00 30.50 ? 125 GLY A O   1 
ATOM   911  N  N   . TYR A 1 122 ? -1.689  12.634  5.082   1.00 30.62 ? 126 TYR A N   1 
ATOM   912  C  CA  . TYR A 1 122 ? -0.676  12.716  4.019   1.00 31.39 ? 126 TYR A CA  1 
ATOM   913  C  C   . TYR A 1 122 ? -1.247  13.361  2.774   1.00 32.93 ? 126 TYR A C   1 
ATOM   914  O  O   . TYR A 1 122 ? -1.111  12.821  1.668   1.00 32.54 ? 126 TYR A O   1 
ATOM   915  C  CB  . TYR A 1 122 ? -0.122  11.325  3.673   1.00 30.75 ? 126 TYR A CB  1 
ATOM   916  C  CG  . TYR A 1 122 ? 0.582   10.673  4.832   1.00 29.77 ? 126 TYR A CG  1 
ATOM   917  C  CD1 . TYR A 1 122 ? 1.936   10.902  5.061   1.00 27.93 ? 126 TYR A CD1 1 
ATOM   918  C  CD2 . TYR A 1 122 ? -0.110  9.846   5.708   1.00 30.53 ? 126 TYR A CD2 1 
ATOM   919  C  CE1 . TYR A 1 122 ? 2.586   10.306  6.119   1.00 30.64 ? 126 TYR A CE1 1 
ATOM   920  C  CE2 . TYR A 1 122 ? 0.532   9.253   6.787   1.00 31.30 ? 126 TYR A CE2 1 
ATOM   921  C  CZ  . TYR A 1 122 ? 1.870   9.498   6.986   1.00 30.61 ? 126 TYR A CZ  1 
ATOM   922  O  OH  . TYR A 1 122 ? 2.508   8.901   8.034   1.00 33.18 ? 126 TYR A OH  1 
ATOM   923  N  N   . GLY A 1 123 ? -1.898  14.511  2.938   1.00 33.99 ? 127 GLY A N   1 
ATOM   924  C  CA  . GLY A 1 123 ? -2.430  15.216  1.770   1.00 35.78 ? 127 GLY A CA  1 
ATOM   925  C  C   . GLY A 1 123 ? -3.751  15.914  1.976   1.00 37.15 ? 127 GLY A C   1 
ATOM   926  O  O   . GLY A 1 123 ? -3.970  16.998  1.427   1.00 37.14 ? 127 GLY A O   1 
ATOM   927  N  N   . CYS A 1 124 ? -4.643  15.307  2.758   1.00 38.07 ? 128 CYS A N   1 
ATOM   928  C  CA  . CYS A 1 124 ? -5.940  15.935  3.016   1.00 39.38 ? 128 CYS A CA  1 
ATOM   929  C  C   . CYS A 1 124 ? -5.736  17.254  3.766   1.00 40.63 ? 128 CYS A C   1 
ATOM   930  O  O   . CYS A 1 124 ? -5.072  17.290  4.805   1.00 40.64 ? 128 CYS A O   1 
ATOM   931  C  CB  . CYS A 1 124 ? -6.864  15.006  3.800   1.00 39.27 ? 128 CYS A CB  1 
ATOM   932  S  SG  . CYS A 1 124 ? -8.504  15.774  4.162   1.00 37.89 ? 128 CYS A SG  1 
ATOM   933  N  N   . SER A 1 125 ? -6.276  18.338  3.214   1.00 42.38 ? 129 SER A N   1 
ATOM   934  C  CA  . SER A 1 125 ? -6.191  19.656  3.860   1.00 44.11 ? 129 SER A CA  1 
ATOM   935  C  C   . SER A 1 125 ? -7.587  20.197  4.123   1.00 45.35 ? 129 SER A C   1 
ATOM   936  O  O   . SER A 1 125 ? -7.783  21.414  4.229   1.00 45.94 ? 129 SER A O   1 
ATOM   937  C  CB  . SER A 1 125 ? -5.364  20.645  3.023   1.00 44.11 ? 129 SER A CB  1 
ATOM   938  O  OG  . SER A 1 125 ? -5.929  20.838  1.729   1.00 44.71 ? 129 SER A OG  1 
ATOM   939  N  N   . CYS A 1 126 ? -8.558  19.287  4.209   1.00 46.38 ? 130 CYS A N   1 
ATOM   940  C  CA  . CYS A 1 126 ? -9.912  19.638  4.602   1.00 47.04 ? 130 CYS A CA  1 
ATOM   941  C  C   . CYS A 1 126 ? -9.875  20.191  6.024   1.00 48.88 ? 130 CYS A C   1 
ATOM   942  O  O   . CYS A 1 126 ? -9.005  19.808  6.817   1.00 49.04 ? 130 CYS A O   1 
ATOM   943  C  CB  . CYS A 1 126 ? -10.821 18.411  4.544   1.00 46.53 ? 130 CYS A CB  1 
ATOM   944  S  SG  . CYS A 1 126 ? -11.143 17.705  2.886   1.00 41.15 ? 130 CYS A SG  1 
ATOM   945  N  N   . ASP A 1 127 ? -10.802 21.099  6.346   1.00 51.08 ? 131 ASP A N   1 
ATOM   946  C  CA  . ASP A 1 127 ? -10.900 21.652  7.710   1.00 52.80 ? 131 ASP A CA  1 
ATOM   947  C  C   . ASP A 1 127 ? -11.300 20.549  8.688   1.00 53.13 ? 131 ASP A C   1 
ATOM   948  O  O   . ASP A 1 127 ? -12.102 19.684  8.342   1.00 53.55 ? 131 ASP A O   1 
ATOM   949  C  CB  . ASP A 1 127 ? -11.929 22.793  7.787   1.00 53.31 ? 131 ASP A CB  1 
ATOM   950  C  CG  . ASP A 1 127 ? -11.750 23.833  6.695   1.00 55.31 ? 131 ASP A CG  1 
ATOM   951  O  OD1 . ASP A 1 127 ? -10.653 24.427  6.600   1.00 57.33 ? 131 ASP A OD1 1 
ATOM   952  O  OD2 . ASP A 1 127 ? -12.727 24.074  5.942   1.00 58.28 ? 131 ASP A OD2 1 
ATOM   953  N  N   . GLN A 1 128 ? -10.746 20.572  9.895   1.00 53.75 ? 132 GLN A N   1 
ATOM   954  C  CA  . GLN A 1 128 ? -11.135 19.601  10.927  1.00 54.55 ? 132 GLN A CA  1 
ATOM   955  C  C   . GLN A 1 128 ? -12.069 20.225  11.976  1.00 54.48 ? 132 GLN A C   1 
ATOM   956  O  O   . GLN A 1 128 ? -13.212 19.782  12.163  1.00 54.39 ? 132 GLN A O   1 
ATOM   957  C  CB  . GLN A 1 128 ? -9.900  18.974  11.603  1.00 54.84 ? 132 GLN A CB  1 
ATOM   958  C  CG  . GLN A 1 128 ? -8.866  18.361  10.639  1.00 56.71 ? 132 GLN A CG  1 
ATOM   959  C  CD  . GLN A 1 128 ? -9.399  17.145  9.890   1.00 58.68 ? 132 GLN A CD  1 
ATOM   960  O  OE1 . GLN A 1 128 ? -10.127 17.270  8.895   1.00 59.86 ? 132 GLN A OE1 1 
ATOM   961  N  NE2 . GLN A 1 128 ? -9.029  15.960  10.361  1.00 59.53 ? 132 GLN A NE2 1 
HETATM 962  ZN ZN  . ZN  B 2 .   ? -6.028  -6.480  -3.422  1.00 21.24 ? 302 ZN  A ZN  1 
HETATM 963  ZN ZN  . ZN  C 2 .   ? -9.994  15.529  2.684   1.00 36.42 ? 303 ZN  A ZN  1 
HETATM 964  C  C1  . GOL D 3 .   ? 9.676   0.559   -3.557  1.00 42.32 ? 301 GOL A C1  1 
HETATM 965  O  O1  . GOL D 3 .   ? 10.225  1.280   -4.645  1.00 42.10 ? 301 GOL A O1  1 
HETATM 966  C  C2  . GOL D 3 .   ? 9.097   -0.755  -4.085  1.00 42.18 ? 301 GOL A C2  1 
HETATM 967  O  O2  . GOL D 3 .   ? 9.693   -1.167  -5.305  1.00 44.56 ? 301 GOL A O2  1 
HETATM 968  C  C3  . GOL D 3 .   ? 9.337   -1.825  -3.048  1.00 39.05 ? 301 GOL A C3  1 
HETATM 969  O  O3  . GOL D 3 .   ? 8.135   -2.221  -2.448  1.00 33.04 ? 301 GOL A O3  1 
HETATM 970  O  O   . HOH E 4 .   ? 11.106  -14.537 -2.367  1.00 16.89 ? 304 HOH A O   1 
HETATM 971  O  O   . HOH E 4 .   ? 5.584   -2.867  1.353   1.00 18.18 ? 305 HOH A O   1 
HETATM 972  O  O   . HOH E 4 .   ? 2.654   11.811  -11.590 1.00 21.43 ? 306 HOH A O   1 
HETATM 973  O  O   . HOH E 4 .   ? 6.553   6.940   -9.142  1.00 17.20 ? 307 HOH A O   1 
HETATM 974  O  O   . HOH E 4 .   ? 5.478   2.969   -15.746 1.00 21.03 ? 308 HOH A O   1 
HETATM 975  O  O   . HOH E 4 .   ? 3.340   -11.334 -4.230  1.00 16.56 ? 309 HOH A O   1 
HETATM 976  O  O   . HOH E 4 .   ? 0.384   -0.738  -15.222 1.00 25.01 ? 310 HOH A O   1 
HETATM 977  O  O   . HOH E 4 .   ? 3.650   -11.290 13.135  1.00 19.71 ? 311 HOH A O   1 
HETATM 978  O  O   . HOH E 4 .   ? -4.259  -14.920 -7.215  1.00 31.00 ? 312 HOH A O   1 
HETATM 979  O  O   . HOH E 4 .   ? 0.253   -3.839  -9.451  1.00 18.88 ? 313 HOH A O   1 
HETATM 980  O  O   . HOH E 4 .   ? 10.177  -8.717  2.901   1.00 23.05 ? 314 HOH A O   1 
HETATM 981  O  O   . HOH E 4 .   ? 1.425   -17.520 9.888   1.00 20.44 ? 315 HOH A O   1 
HETATM 982  O  O   . HOH E 4 .   ? 9.072   -19.042 -0.119  1.00 21.45 ? 316 HOH A O   1 
HETATM 983  O  O   . HOH E 4 .   ? 12.404  -4.141  2.878   1.00 25.94 ? 317 HOH A O   1 
HETATM 984  O  O   . HOH E 4 .   ? 10.165  -2.949  10.345  1.00 22.79 ? 318 HOH A O   1 
HETATM 985  O  O   . HOH E 4 .   ? 13.126  -11.444 -1.552  1.00 29.78 ? 319 HOH A O   1 
HETATM 986  O  O   . HOH E 4 .   ? 9.296   -1.232  -9.858  1.00 30.07 ? 320 HOH A O   1 
HETATM 987  O  O   . HOH E 4 .   ? 9.441   5.843   -11.106 1.00 19.71 ? 321 HOH A O   1 
HETATM 988  O  O   . HOH E 4 .   ? -4.294  -18.858 -3.300  0.33 26.56 ? 322 HOH A O   1 
HETATM 989  O  O   . HOH E 4 .   ? 1.923   5.130   7.675   1.00 27.38 ? 323 HOH A O   1 
HETATM 990  O  O   . HOH E 4 .   ? -10.612 -11.567 -3.379  1.00 33.26 ? 324 HOH A O   1 
HETATM 991  O  O   . HOH E 4 .   ? 2.354   10.967  -15.082 1.00 27.32 ? 325 HOH A O   1 
HETATM 992  O  O   . HOH E 4 .   ? 9.987   7.939   -9.390  1.00 22.53 ? 326 HOH A O   1 
HETATM 993  O  O   . HOH E 4 .   ? -9.166  9.360   -6.574  1.00 33.10 ? 327 HOH A O   1 
HETATM 994  O  O   . HOH E 4 .   ? -2.162  -18.007 -1.050  1.00 23.48 ? 328 HOH A O   1 
HETATM 995  O  O   . HOH E 4 .   ? -3.004  -3.351  -10.143 1.00 24.20 ? 329 HOH A O   1 
HETATM 996  O  O   . HOH E 4 .   ? 4.855   -20.825 1.406   0.33 23.96 ? 330 HOH A O   1 
HETATM 997  O  O   . HOH E 4 .   ? -0.132  -8.397  -6.295  1.00 30.07 ? 331 HOH A O   1 
HETATM 998  O  O   . HOH E 4 .   ? 1.257   18.196  -8.401  1.00 28.81 ? 332 HOH A O   1 
HETATM 999  O  O   . HOH E 4 .   ? 3.748   -2.268  12.933  1.00 29.83 ? 333 HOH A O   1 
HETATM 1000 O  O   . HOH E 4 .   ? -0.864  -8.802  20.017  1.00 31.25 ? 334 HOH A O   1 
HETATM 1001 O  O   . HOH E 4 .   ? 7.085   0.183   7.646   1.00 24.26 ? 335 HOH A O   1 
HETATM 1002 O  O   . HOH E 4 .   ? -2.790  11.898  -0.636  1.00 27.86 ? 336 HOH A O   1 
HETATM 1003 O  O   . HOH E 4 .   ? -6.549  -9.369  7.428   1.00 26.52 ? 337 HOH A O   1 
HETATM 1004 O  O   . HOH E 4 .   ? -1.086  17.431  -4.372  1.00 28.48 ? 338 HOH A O   1 
HETATM 1005 O  O   . HOH E 4 .   ? 8.002   11.408  -16.821 1.00 37.11 ? 339 HOH A O   1 
HETATM 1006 O  O   . HOH E 4 .   ? -3.360  -11.609 -6.649  1.00 30.18 ? 340 HOH A O   1 
HETATM 1007 O  O   . HOH E 4 .   ? 0.569   12.177  -13.309 1.00 27.61 ? 341 HOH A O   1 
HETATM 1008 O  O   . HOH E 4 .   ? 3.475   18.519  -7.272  1.00 32.95 ? 342 HOH A O   1 
HETATM 1009 O  O   . HOH E 4 .   ? -2.517  -3.644  1.779   1.00 27.31 ? 343 HOH A O   1 
HETATM 1010 O  O   . HOH E 4 .   ? 8.817   8.626   -12.511 1.00 21.66 ? 344 HOH A O   1 
HETATM 1011 O  O   . HOH E 4 .   ? -6.522  -12.068 -4.050  1.00 30.38 ? 345 HOH A O   1 
HETATM 1012 O  O   . HOH E 4 .   ? -4.621  -15.269 5.534   1.00 30.50 ? 346 HOH A O   1 
HETATM 1013 O  O   . HOH E 4 .   ? 7.119   12.421  1.408   1.00 35.09 ? 347 HOH A O   1 
HETATM 1014 O  O   . HOH E 4 .   ? 14.029  -15.591 4.072   1.00 38.58 ? 348 HOH A O   1 
HETATM 1015 O  O   . HOH E 4 .   ? -8.112  8.576   -3.941  1.00 24.53 ? 349 HOH A O   1 
HETATM 1016 O  O   . HOH E 4 .   ? -4.291  7.785   7.046   1.00 28.49 ? 350 HOH A O   1 
HETATM 1017 O  O   . HOH E 4 .   ? 2.371   -12.084 -6.660  1.00 30.06 ? 351 HOH A O   1 
HETATM 1018 O  O   . HOH E 4 .   ? -2.294  -17.819 12.487  1.00 34.57 ? 352 HOH A O   1 
HETATM 1019 O  O   . HOH E 4 .   ? -6.851  2.055   -13.860 1.00 30.07 ? 353 HOH A O   1 
HETATM 1020 O  O   . HOH E 4 .   ? 1.271   15.259  -0.736  1.00 32.36 ? 354 HOH A O   1 
HETATM 1021 O  O   . HOH E 4 .   ? -3.258  15.195  -13.007 1.00 34.56 ? 355 HOH A O   1 
HETATM 1022 O  O   . HOH E 4 .   ? -10.575 2.232   -5.689  1.00 39.09 ? 356 HOH A O   1 
HETATM 1023 O  O   . HOH E 4 .   ? 10.301  1.227   -11.690 1.00 31.04 ? 357 HOH A O   1 
HETATM 1024 O  O   . HOH E 4 .   ? 13.306  2.642   -7.132  1.00 36.43 ? 358 HOH A O   1 
HETATM 1025 O  O   . HOH E 4 .   ? -9.167  16.670  -4.274  1.00 37.04 ? 359 HOH A O   1 
HETATM 1026 O  O   . HOH E 4 .   ? 7.697   -18.012 6.396   1.00 27.16 ? 360 HOH A O   1 
HETATM 1027 O  O   . HOH E 4 .   ? 1.559   -1.837  9.698   1.00 37.90 ? 361 HOH A O   1 
HETATM 1028 O  O   . HOH E 4 .   ? -10.254 -1.889  -7.835  1.00 34.16 ? 362 HOH A O   1 
HETATM 1029 O  O   . HOH E 4 .   ? -6.507  -7.045  12.427  1.00 43.65 ? 363 HOH A O   1 
HETATM 1030 O  O   . HOH E 4 .   ? -2.122  17.684  -11.616 1.00 44.32 ? 364 HOH A O   1 
HETATM 1031 O  O   . HOH E 4 .   ? 14.180  -8.010  13.378  1.00 35.37 ? 365 HOH A O   1 
HETATM 1032 O  O   . HOH E 4 .   ? 0.409   16.078  -14.851 1.00 39.32 ? 366 HOH A O   1 
HETATM 1033 O  O   . HOH E 4 .   ? 12.080  -1.565  2.402   1.00 38.14 ? 367 HOH A O   1 
HETATM 1034 O  O   . HOH E 4 .   ? -9.516  4.374   2.980   1.00 36.60 ? 368 HOH A O   1 
HETATM 1035 O  O   . HOH E 4 .   ? -2.615  -1.257  -11.796 1.00 29.88 ? 369 HOH A O   1 
HETATM 1036 O  O   . HOH E 4 .   ? -8.336  -14.649 2.774   1.00 30.21 ? 370 HOH A O   1 
HETATM 1037 O  O   . HOH E 4 .   ? -0.991  -5.960  17.050  1.00 35.95 ? 371 HOH A O   1 
HETATM 1038 O  O   . HOH E 4 .   ? 0.925   11.897  0.196   1.00 29.81 ? 372 HOH A O   1 
HETATM 1039 O  O   . HOH E 4 .   ? 8.007   17.518  -12.875 1.00 82.05 ? 373 HOH A O   1 
HETATM 1040 O  O   . HOH E 4 .   ? -8.680  9.082   -10.483 1.00 39.35 ? 374 HOH A O   1 
HETATM 1041 O  O   . HOH E 4 .   ? -6.305  7.306   8.661   1.00 37.45 ? 375 HOH A O   1 
HETATM 1042 O  O   . HOH E 4 .   ? -2.168  -20.239 10.475  1.00 30.46 ? 376 HOH A O   1 
HETATM 1043 O  O   . HOH E 4 .   ? -5.694  4.729   9.751   1.00 37.27 ? 377 HOH A O   1 
HETATM 1044 O  O   . HOH E 4 .   ? -10.349 -8.756  -5.867  1.00 39.88 ? 378 HOH A O   1 
HETATM 1045 O  O   . HOH E 4 .   ? -2.591  15.973  5.560   1.00 47.23 ? 379 HOH A O   1 
HETATM 1046 O  O   . HOH E 4 .   ? 12.746  -0.120  4.780   1.00 36.98 ? 380 HOH A O   1 
HETATM 1047 O  O   . HOH E 4 .   ? 0.913   -11.683 14.765  1.00 33.02 ? 381 HOH A O   1 
HETATM 1048 O  O   . HOH E 4 .   ? 16.771  -8.321  2.182   1.00 40.89 ? 382 HOH A O   1 
HETATM 1049 O  O   . HOH E 4 .   ? 13.902  -13.720 -2.800  1.00 27.04 ? 383 HOH A O   1 
HETATM 1050 O  O   . HOH E 4 .   ? 2.631   13.681  -19.709 1.00 47.21 ? 384 HOH A O   1 
HETATM 1051 O  O   . HOH E 4 .   ? -7.164  -14.440 5.331   1.00 23.08 ? 385 HOH A O   1 
HETATM 1052 O  O   . HOH E 4 .   ? 1.010   -15.907 12.532  1.00 25.05 ? 386 HOH A O   1 
HETATM 1053 O  O   . HOH E 4 .   ? 1.143   -6.354  -9.821  1.00 32.64 ? 387 HOH A O   1 
HETATM 1054 O  O   . HOH E 4 .   ? 9.592   -0.781  8.815   1.00 33.12 ? 388 HOH A O   1 
HETATM 1055 O  O   . HOH E 4 .   ? -13.488 10.783  4.781   1.00 52.37 ? 389 HOH A O   1 
HETATM 1056 O  O   . HOH E 4 .   ? 9.675   -19.579 2.519   1.00 34.95 ? 390 HOH A O   1 
HETATM 1057 O  O   . HOH E 4 .   ? -8.207  -11.501 6.156   1.00 31.01 ? 391 HOH A O   1 
HETATM 1058 O  O   . HOH E 4 .   ? -2.041  -12.771 13.428  1.00 39.40 ? 392 HOH A O   1 
HETATM 1059 O  O   . HOH E 4 .   ? 7.223   3.131   5.930   1.00 39.24 ? 393 HOH A O   1 
HETATM 1060 O  O   . HOH E 4 .   ? 2.767   13.496  0.598   1.00 44.45 ? 394 HOH A O   1 
HETATM 1061 O  O   . HOH E 4 .   ? 8.222   -21.549 3.136   0.33 37.89 ? 395 HOH A O   1 
HETATM 1062 O  O   . HOH E 4 .   ? 16.302  -16.232 2.790   1.00 31.77 ? 396 HOH A O   1 
HETATM 1063 O  O   . HOH E 4 .   ? 3.557   4.854   -15.779 1.00 32.59 ? 397 HOH A O   1 
HETATM 1064 O  O   . HOH E 4 .   ? 12.931  -8.139  0.902   1.00 36.08 ? 398 HOH A O   1 
HETATM 1065 O  O   . HOH E 4 .   ? 4.842   2.660   4.993   1.00 36.56 ? 399 HOH A O   1 
HETATM 1066 O  O   . HOH E 4 .   ? -7.346  16.812  -6.298  1.00 36.23 ? 400 HOH A O   1 
HETATM 1067 O  O   . HOH E 4 .   ? -6.807  -3.479  -0.219  1.00 39.67 ? 401 HOH A O   1 
HETATM 1068 O  O   . HOH E 4 .   ? 8.615   -5.483  -9.080  1.00 40.00 ? 402 HOH A O   1 
HETATM 1069 O  O   . HOH E 4 .   ? -6.396  0.822   5.672   1.00 42.14 ? 403 HOH A O   1 
HETATM 1070 O  O   . HOH E 4 .   ? 8.887   16.853  -8.537  1.00 30.03 ? 404 HOH A O   1 
HETATM 1071 O  O   . HOH E 4 .   ? 9.075   -1.988  -0.167  1.00 32.32 ? 405 HOH A O   1 
HETATM 1072 O  O   . HOH E 4 .   ? -1.817  18.008  -15.733 1.00 39.21 ? 406 HOH A O   1 
HETATM 1073 O  O   . HOH E 4 .   ? 11.510  6.729   -3.550  1.00 36.81 ? 407 HOH A O   1 
HETATM 1074 O  O   . HOH E 4 .   ? 13.485  -8.907  8.124   1.00 38.01 ? 408 HOH A O   1 
HETATM 1075 O  O   . HOH E 4 .   ? 6.119   10.615  -17.846 1.00 39.14 ? 409 HOH A O   1 
HETATM 1076 O  O   . HOH E 4 .   ? -6.325  -10.187 -6.217  1.00 34.40 ? 410 HOH A O   1 
HETATM 1077 O  O   . HOH E 4 .   ? -6.847  12.456  -9.472  1.00 34.44 ? 411 HOH A O   1 
HETATM 1078 O  O   . HOH E 4 .   ? 1.878   -7.799  -7.780  1.00 36.66 ? 412 HOH A O   1 
HETATM 1079 O  O   . HOH E 4 .   ? -2.989  -5.662  -11.353 1.00 36.33 ? 413 HOH A O   1 
HETATM 1080 O  O   . HOH E 4 .   ? 10.516  -1.263  18.928  1.00 44.62 ? 414 HOH A O   1 
HETATM 1081 O  O   . HOH E 4 .   ? -10.220 6.786   -3.456  1.00 35.10 ? 415 HOH A O   1 
HETATM 1082 O  O   . HOH E 4 .   ? -4.426  -0.351  -15.319 1.00 42.57 ? 416 HOH A O   1 
HETATM 1083 O  O   . HOH E 4 .   ? -11.701 -6.368  -6.490  1.00 51.14 ? 417 HOH A O   1 
HETATM 1084 O  O   . HOH E 4 .   ? 11.503  -3.197  -3.905  1.00 39.59 ? 418 HOH A O   1 
HETATM 1085 O  O   . HOH E 4 .   ? 6.220   -0.924  12.593  1.00 45.78 ? 419 HOH A O   1 
HETATM 1086 O  O   . HOH E 4 .   ? 10.303  10.958  -13.062 1.00 45.06 ? 420 HOH A O   1 
HETATM 1087 O  O   . HOH E 4 .   ? -1.964  -12.584 17.248  1.00 35.66 ? 421 HOH A O   1 
HETATM 1088 O  O   . HOH E 4 .   ? -7.336  -4.875  5.958   1.00 42.07 ? 422 HOH A O   1 
HETATM 1089 O  O   . HOH E 4 .   ? -5.170  -2.476  1.887   1.00 44.81 ? 423 HOH A O   1 
HETATM 1090 O  O   . HOH E 4 .   ? 15.721  -5.815  12.846  1.00 48.10 ? 424 HOH A O   1 
HETATM 1091 O  O   . HOH E 4 .   ? 18.639  -9.304  5.367   1.00 38.53 ? 425 HOH A O   1 
HETATM 1092 O  O   . HOH E 4 .   ? -1.463  10.052  -15.345 1.00 38.76 ? 426 HOH A O   1 
HETATM 1093 O  O   . HOH E 4 .   ? -6.452  -10.768 15.267  0.50 31.64 ? 427 HOH A O   1 
HETATM 1094 O  O   . HOH E 4 .   ? -5.891  9.717   -13.032 1.00 33.49 ? 428 HOH A O   1 
HETATM 1095 O  O   . HOH E 4 .   ? -5.222  15.214  6.874   1.00 52.31 ? 429 HOH A O   1 
HETATM 1096 O  O   . HOH E 4 .   ? -4.331  -5.287  12.484  1.00 46.68 ? 430 HOH A O   1 
HETATM 1097 O  O   . HOH E 4 .   ? -0.815  6.902   9.502   1.00 46.33 ? 431 HOH A O   1 
HETATM 1098 O  O   . HOH E 4 .   ? 12.635  -11.447 9.511   1.00 37.12 ? 432 HOH A O   1 
HETATM 1099 O  O   . HOH E 4 .   ? 4.897   13.086  2.995   1.00 49.08 ? 433 HOH A O   1 
HETATM 1100 O  O   . HOH E 4 .   ? 1.453   -2.040  -12.806 1.00 46.83 ? 434 HOH A O   1 
HETATM 1101 O  O   . HOH E 4 .   ? -0.597  -2.590  -11.755 1.00 39.42 ? 435 HOH A O   1 
HETATM 1102 O  O   . HOH E 4 .   ? 9.139   14.690  1.318   1.00 58.69 ? 436 HOH A O   1 
HETATM 1103 O  O   . HOH E 4 .   ? 2.510   -1.691  15.477  1.00 41.09 ? 437 HOH A O   1 
HETATM 1104 O  O   . HOH E 4 .   ? 5.498   12.811  -19.804 1.00 35.54 ? 438 HOH A O   1 
HETATM 1105 O  O   . HOH E 4 .   ? 2.327   -5.934  20.088  1.00 35.88 ? 439 HOH A O   1 
HETATM 1106 O  O   . HOH E 4 .   ? -4.864  17.972  -6.107  1.00 40.12 ? 440 HOH A O   1 
HETATM 1107 O  O   . HOH E 4 .   ? -6.479  -1.840  4.107   1.00 41.18 ? 441 HOH A O   1 
HETATM 1108 O  O   . HOH E 4 .   ? 10.390  -1.194  13.730  1.00 46.78 ? 442 HOH A O   1 
HETATM 1109 O  O   . HOH E 4 .   ? -7.529  18.080  0.758   1.00 38.99 ? 443 HOH A O   1 
HETATM 1110 O  O   . HOH E 4 .   ? -0.979  14.092  -14.019 1.00 46.71 ? 444 HOH A O   1 
HETATM 1111 O  O   . HOH E 4 .   ? 5.717   0.612   10.054  1.00 46.61 ? 445 HOH A O   1 
HETATM 1112 O  O   . HOH E 4 .   ? -7.509  -8.308  9.692   1.00 50.32 ? 446 HOH A O   1 
HETATM 1113 O  O   . HOH E 4 .   ? 1.837   8.558   -16.698 1.00 59.15 ? 447 HOH A O   1 
HETATM 1114 O  O   . HOH E 4 .   ? -6.138  1.513   1.580   1.00 50.44 ? 448 HOH A O   1 
HETATM 1115 O  O   . HOH E 4 .   ? 7.687   -0.322  -13.628 1.00 42.77 ? 449 HOH A O   1 
HETATM 1116 O  O   . HOH E 4 .   ? 10.346  -19.102 6.932   1.00 36.69 ? 450 HOH A O   1 
HETATM 1117 O  O   . HOH E 4 .   ? -9.030  -13.081 10.299  1.00 40.79 ? 451 HOH A O   1 
HETATM 1118 O  O   . HOH E 4 .   ? 12.260  -0.676  7.513   1.00 40.51 ? 452 HOH A O   1 
HETATM 1119 O  O   . HOH E 4 .   ? 3.864   -5.342  17.991  1.00 41.37 ? 453 HOH A O   1 
HETATM 1120 O  O   . HOH E 4 .   ? 11.335  -3.806  17.495  1.00 43.63 ? 454 HOH A O   1 
HETATM 1121 O  O   . HOH E 4 .   ? -11.458 -5.587  -8.659  1.00 51.47 ? 455 HOH A O   1 
HETATM 1122 O  O   . HOH E 4 .   ? -8.063  -16.501 8.467   1.00 44.15 ? 456 HOH A O   1 
HETATM 1123 O  O   . HOH E 4 .   ? 11.535  6.694   -0.589  1.00 55.23 ? 457 HOH A O   1 
HETATM 1124 O  O   . HOH E 4 .   ? 8.380   -1.498  17.401  1.00 44.06 ? 458 HOH A O   1 
HETATM 1125 O  O   . HOH E 4 .   ? -14.557 -13.335 -1.508  1.00 61.87 ? 459 HOH A O   1 
HETATM 1126 O  O   . HOH E 4 .   ? -1.800  -4.325  9.208   1.00 44.47 ? 460 HOH A O   1 
HETATM 1127 O  O   . HOH E 4 .   ? 9.396   13.652  -12.824 1.00 48.58 ? 461 HOH A O   1 
HETATM 1128 O  O   . HOH E 4 .   ? 5.205   -0.639  17.525  1.00 52.58 ? 462 HOH A O   1 
HETATM 1129 O  O   . HOH E 4 .   ? 14.129  -3.546  8.480   1.00 51.36 ? 463 HOH A O   1 
HETATM 1130 O  O   . HOH E 4 .   ? -1.014  -7.547  -10.902 1.00 40.93 ? 464 HOH A O   1 
HETATM 1131 O  O   . HOH E 4 .   ? 11.481  -19.062 4.122   1.00 46.78 ? 465 HOH A O   1 
HETATM 1132 O  O   . HOH E 4 .   ? 15.925  -18.419 6.830   1.00 54.35 ? 466 HOH A O   1 
HETATM 1133 O  O   . HOH E 4 .   ? 2.397   19.600  -4.517  1.00 46.44 ? 467 HOH A O   1 
HETATM 1134 O  O   . HOH E 4 .   ? -10.311 9.827   10.406  1.00 56.44 ? 468 HOH A O   1 
HETATM 1135 O  O   . HOH E 4 .   ? -7.763  14.136  8.248   1.00 54.24 ? 469 HOH A O   1 
HETATM 1136 O  O   . HOH E 4 .   ? -18.177 -6.323  0.434   1.00 63.59 ? 470 HOH A O   1 
HETATM 1137 O  O   . HOH E 4 .   ? -6.826  1.699   8.543   1.00 48.78 ? 471 HOH A O   1 
HETATM 1138 O  O   . HOH E 4 .   ? 22.786  -14.038 5.787   1.00 47.87 ? 472 HOH A O   1 
HETATM 1139 O  O   . HOH E 4 .   ? 10.902  4.026   -3.498  1.00 51.75 ? 473 HOH A O   1 
HETATM 1140 O  O   . HOH E 4 .   ? 5.099   20.019  -8.652  1.00 52.80 ? 474 HOH A O   1 
HETATM 1141 O  O   . HOH E 4 .   ? -10.753 -15.842 3.282   1.00 40.80 ? 475 HOH A O   1 
HETATM 1142 O  O   . HOH E 4 .   ? 0.475   12.135  9.329   1.00 47.87 ? 476 HOH A O   1 
HETATM 1143 O  O   . HOH E 4 .   ? -13.808 -10.572 5.702   1.00 53.02 ? 477 HOH A O   1 
HETATM 1144 O  O   . HOH E 4 .   ? 5.148   9.309   8.430   1.00 54.81 ? 478 HOH A O   1 
HETATM 1145 O  O   . HOH E 4 .   ? -7.067  -16.787 -4.120  1.00 52.33 ? 479 HOH A O   1 
HETATM 1146 O  O   . HOH E 4 .   ? 1.420   15.252  3.408   1.00 53.24 ? 480 HOH A O   1 
HETATM 1147 O  O   . HOH E 4 .   ? 13.219  -2.460  15.508  1.00 48.40 ? 481 HOH A O   1 
HETATM 1148 O  O   . HOH E 4 .   ? -3.871  -2.971  10.055  1.00 47.12 ? 482 HOH A O   1 
HETATM 1149 O  O   . HOH E 4 .   ? 19.636  -7.939  7.466   1.00 55.31 ? 483 HOH A O   1 
HETATM 1150 O  O   . HOH E 4 .   ? 12.223  -1.246  11.525  1.00 43.86 ? 484 HOH A O   1 
HETATM 1151 O  O   . HOH E 4 .   ? 22.223  -7.084  7.432   1.00 53.91 ? 485 HOH A O   1 
HETATM 1152 O  O   . HOH E 4 .   ? -3.335  -0.486  11.092  1.00 52.80 ? 486 HOH A O   1 
HETATM 1153 O  O   . HOH E 4 .   ? 23.913  -9.234  9.825   1.00 71.50 ? 487 HOH A O   1 
HETATM 1154 O  O   . HOH E 4 .   ? -8.544  22.359  9.066   1.00 62.70 ? 488 HOH A O   1 
HETATM 1155 O  O   . HOH E 4 .   ? -6.085  -5.546  -12.836 1.00 54.50 ? 489 HOH A O   1 
# 
